data_1RPN
#
_entry.id   1RPN
#
_cell.length_a   125.730
_cell.length_b   125.730
_cell.length_c   220.025
_cell.angle_alpha   90.00
_cell.angle_beta   90.00
_cell.angle_gamma   120.00
#
_symmetry.space_group_name_H-M   'P 32 2 1'
#
loop_
_entity.id
_entity.type
_entity.pdbx_description
1 polymer 'GDP-mannose 4,6-dehydratase'
2 non-polymer 'NADPH DIHYDRO-NICOTINAMIDE-ADENINE-DINUCLEOTIDE PHOSPHATE'
3 non-polymer "GUANOSINE-5'-DIPHOSPHATE"
4 water water
#
_entity_poly.entity_id   1
_entity_poly.type   'polypeptide(L)'
_entity_poly.pdbx_seq_one_letter_code
;MRGSHHHHHHGSMTRSALVTGITGQDGAYLAKLLLEKGYRVHGLVARRSSDTRWRLRELGIEGDIQYEDGDMADACSVQR
AVIKAQPQEVYNLAAQSFVGASWNQPVTTGVVDGLGVTHLLEAIRQFSPETRFYQASTSEMFGLIQAERQDENTPFYPRS
PYGVAKLYGHWITVNYRESFGLHASSGILFNHESPLRGIEFVTRKVTDAVARIKLGKQQELRLGNVDAKRDWGFAGDYVE
AMWLMLQQDKADDYVVATGVTTTVRDMCQIAFEHVGLDYRDFLKIDPAFFRPAEVDVLLGNPAKAQRVLGWKPRTSLDEL
IRMMVEADLRRVSRE
;
_entity_poly.pdbx_strand_id   A,B,C,D
#
loop_
_chem_comp.id
_chem_comp.type
_chem_comp.name
_chem_comp.formula
GDP RNA linking GUANOSINE-5'-DIPHOSPHATE 'C10 H15 N5 O11 P2'
NDP non-polymer 'NADPH DIHYDRO-NICOTINAMIDE-ADENINE-DINUCLEOTIDE PHOSPHATE' 'C21 H30 N7 O17 P3'
#
# COMPACT_ATOMS: atom_id res chain seq x y z
N ARG A 15 -8.16 29.23 -14.63
CA ARG A 15 -8.07 29.13 -13.15
C ARG A 15 -8.68 27.81 -12.69
N SER A 16 -7.83 26.83 -12.45
CA SER A 16 -8.27 25.51 -12.04
C SER A 16 -7.87 25.10 -10.64
N ALA A 17 -8.79 24.46 -9.94
CA ALA A 17 -8.53 23.99 -8.60
C ALA A 17 -8.89 22.51 -8.55
N LEU A 18 -8.05 21.74 -7.89
CA LEU A 18 -8.33 20.33 -7.72
C LEU A 18 -8.60 20.18 -6.23
N VAL A 19 -9.79 19.73 -5.90
CA VAL A 19 -10.15 19.55 -4.52
C VAL A 19 -10.40 18.08 -4.30
N THR A 20 -9.61 17.48 -3.40
CA THR A 20 -9.82 16.07 -3.10
C THR A 20 -10.80 16.15 -1.94
N GLY A 21 -11.57 15.09 -1.72
CA GLY A 21 -12.55 15.08 -0.65
C GLY A 21 -13.67 16.05 -0.99
N ILE A 22 -13.93 16.23 -2.28
CA ILE A 22 -14.96 17.17 -2.71
C ILE A 22 -16.37 16.82 -2.24
N THR A 23 -16.61 15.54 -1.96
CA THR A 23 -17.93 15.11 -1.49
C THR A 23 -18.04 15.24 0.02
N GLY A 24 -16.95 15.68 0.65
CA GLY A 24 -16.96 15.85 2.09
C GLY A 24 -17.53 17.20 2.48
N GLN A 25 -17.57 17.48 3.77
CA GLN A 25 -18.09 18.75 4.25
C GLN A 25 -17.35 19.95 3.69
N ASP A 26 -16.05 20.01 3.93
CA ASP A 26 -15.22 21.11 3.47
C ASP A 26 -15.14 21.20 1.96
N GLY A 27 -15.03 20.06 1.30
CA GLY A 27 -14.96 20.07 -0.15
C GLY A 27 -16.16 20.77 -0.74
N ALA A 28 -17.34 20.52 -0.19
CA ALA A 28 -18.55 21.14 -0.68
C ALA A 28 -18.49 22.66 -0.50
N TYR A 29 -18.19 23.11 0.71
CA TYR A 29 -18.11 24.54 0.97
C TYR A 29 -16.98 25.20 0.20
N LEU A 30 -15.84 24.52 0.09
CA LEU A 30 -14.71 25.09 -0.64
C LEU A 30 -15.03 25.15 -2.13
N ALA A 31 -15.65 24.10 -2.65
CA ALA A 31 -16.01 24.07 -4.06
C ALA A 31 -16.91 25.26 -4.35
N LYS A 32 -17.91 25.46 -3.49
CA LYS A 32 -18.84 26.57 -3.65
C LYS A 32 -18.06 27.88 -3.67
N LEU A 33 -17.17 28.03 -2.70
CA LEU A 33 -16.36 29.24 -2.61
C LEU A 33 -15.53 29.43 -3.88
N LEU A 34 -14.90 28.35 -4.35
CA LEU A 34 -14.06 28.43 -5.53
C LEU A 34 -14.85 28.77 -6.79
N LEU A 35 -16.05 28.23 -6.89
CA LEU A 35 -16.91 28.49 -8.04
C LEU A 35 -17.28 29.97 -8.12
N GLU A 36 -17.63 30.56 -6.99
CA GLU A 36 -18.01 31.96 -6.97
C GLU A 36 -16.84 32.85 -7.36
N LYS A 37 -15.63 32.29 -7.30
CA LYS A 37 -14.44 33.04 -7.67
C LYS A 37 -13.98 32.70 -9.08
N GLY A 38 -14.84 32.02 -9.82
CA GLY A 38 -14.52 31.69 -11.20
C GLY A 38 -13.58 30.53 -11.43
N TYR A 39 -13.39 29.68 -10.42
CA TYR A 39 -12.51 28.54 -10.59
C TYR A 39 -13.25 27.41 -11.26
N ARG A 40 -12.53 26.65 -12.08
CA ARG A 40 -13.09 25.47 -12.70
C ARG A 40 -12.73 24.52 -11.57
N VAL A 41 -13.72 23.96 -10.90
CA VAL A 41 -13.44 23.08 -9.78
C VAL A 41 -13.41 21.61 -10.15
N HIS A 42 -12.25 21.00 -9.94
CA HIS A 42 -12.08 19.57 -10.20
C HIS A 42 -12.14 18.92 -8.84
N GLY A 43 -13.02 17.94 -8.70
CA GLY A 43 -13.16 17.27 -7.43
C GLY A 43 -12.79 15.82 -7.54
N LEU A 44 -11.80 15.40 -6.77
CA LEU A 44 -11.38 14.01 -6.79
C LEU A 44 -12.45 13.23 -6.05
N VAL A 45 -13.00 12.22 -6.70
CA VAL A 45 -14.00 11.41 -6.04
C VAL A 45 -13.57 9.95 -6.05
N ALA A 46 -13.52 9.37 -4.86
CA ALA A 46 -13.15 7.96 -4.72
C ALA A 46 -14.34 7.19 -5.25
N ARG A 47 -14.12 5.94 -5.63
CA ARG A 47 -15.23 5.15 -6.13
C ARG A 47 -16.04 4.63 -4.95
N ARG A 48 -17.34 4.85 -5.01
CA ARG A 48 -18.25 4.41 -3.96
C ARG A 48 -19.38 3.66 -4.66
N SER A 49 -20.00 2.72 -3.96
CA SER A 49 -21.06 1.90 -4.53
C SER A 49 -22.32 2.70 -4.88
N SER A 50 -22.45 3.88 -4.28
CA SER A 50 -23.61 4.72 -4.54
C SER A 50 -23.19 6.19 -4.59
N ASP A 51 -24.08 7.03 -5.10
CA ASP A 51 -23.80 8.45 -5.19
C ASP A 51 -23.58 9.00 -3.79
N THR A 52 -22.53 9.78 -3.62
CA THR A 52 -22.19 10.35 -2.32
C THR A 52 -22.06 11.87 -2.44
N ARG A 53 -22.70 12.44 -3.44
CA ARG A 53 -22.61 13.88 -3.67
C ARG A 53 -23.71 14.72 -3.08
N TRP A 54 -24.41 14.20 -2.07
CA TRP A 54 -25.51 14.95 -1.47
C TRP A 54 -25.12 16.34 -0.97
N ARG A 55 -23.91 16.48 -0.43
CA ARG A 55 -23.46 17.78 0.06
C ARG A 55 -23.36 18.78 -1.10
N LEU A 56 -22.88 18.31 -2.23
CA LEU A 56 -22.73 19.15 -3.41
C LEU A 56 -24.10 19.56 -3.94
N ARG A 57 -25.07 18.66 -3.83
CA ARG A 57 -26.42 18.99 -4.30
C ARG A 57 -27.06 19.93 -3.31
N GLU A 58 -26.77 19.74 -2.03
CA GLU A 58 -27.32 20.59 -1.00
C GLU A 58 -26.87 22.04 -1.23
N LEU A 59 -25.64 22.20 -1.73
CA LEU A 59 -25.10 23.52 -2.01
C LEU A 59 -25.41 23.94 -3.44
N GLY A 60 -26.09 23.07 -4.17
CA GLY A 60 -26.45 23.35 -5.55
C GLY A 60 -25.29 23.50 -6.51
N ILE A 61 -24.19 22.79 -6.27
CA ILE A 61 -23.04 22.90 -7.15
C ILE A 61 -22.58 21.55 -7.69
N GLU A 62 -23.38 20.52 -7.47
CA GLU A 62 -23.02 19.18 -7.93
C GLU A 62 -22.76 19.13 -9.43
N GLY A 63 -23.50 19.92 -10.19
CA GLY A 63 -23.30 19.92 -11.63
C GLY A 63 -22.25 20.89 -12.12
N ASP A 64 -21.65 21.64 -11.21
CA ASP A 64 -20.62 22.62 -11.58
C ASP A 64 -19.21 22.14 -11.32
N ILE A 65 -19.08 20.87 -10.99
CA ILE A 65 -17.77 20.33 -10.69
C ILE A 65 -17.32 19.30 -11.70
N GLN A 66 -16.04 19.35 -12.05
CA GLN A 66 -15.50 18.37 -12.98
C GLN A 66 -14.92 17.28 -12.09
N TYR A 67 -15.62 16.15 -12.02
CA TYR A 67 -15.20 15.05 -11.18
C TYR A 67 -14.02 14.26 -11.71
N GLU A 68 -13.06 14.04 -10.83
CA GLU A 68 -11.86 13.29 -11.19
C GLU A 68 -11.94 11.96 -10.45
N ASP A 69 -11.98 10.88 -11.21
CA ASP A 69 -12.08 9.53 -10.68
C ASP A 69 -10.75 9.11 -10.11
N GLY A 70 -10.66 9.03 -8.78
CA GLY A 70 -9.40 8.63 -8.17
C GLY A 70 -9.48 8.37 -6.69
N ASP A 71 -8.37 7.86 -6.14
CA ASP A 71 -8.32 7.55 -4.73
C ASP A 71 -7.02 8.04 -4.12
N MET A 72 -7.09 8.61 -2.93
CA MET A 72 -5.89 9.11 -2.27
C MET A 72 -4.83 8.03 -2.07
N ALA A 73 -5.29 6.78 -1.97
CA ALA A 73 -4.37 5.65 -1.76
C ALA A 73 -3.76 5.18 -3.08
N ASP A 74 -4.30 5.68 -4.18
CA ASP A 74 -3.81 5.31 -5.51
C ASP A 74 -3.03 6.49 -6.08
N ALA A 75 -1.72 6.50 -5.83
CA ALA A 75 -0.83 7.57 -6.29
C ALA A 75 -0.97 7.88 -7.77
N CYS A 76 -1.17 6.85 -8.57
CA CYS A 76 -1.30 7.00 -10.01
C CYS A 76 -2.56 7.78 -10.37
N SER A 77 -3.67 7.46 -9.71
CA SER A 77 -4.92 8.12 -9.98
C SER A 77 -4.84 9.57 -9.50
N VAL A 78 -4.09 9.78 -8.43
CA VAL A 78 -3.92 11.12 -7.88
C VAL A 78 -3.10 11.91 -8.90
N GLN A 79 -2.04 11.29 -9.40
CA GLN A 79 -1.17 11.91 -10.39
C GLN A 79 -2.03 12.25 -11.61
N ARG A 80 -2.80 11.26 -12.08
CA ARG A 80 -3.67 11.45 -13.23
C ARG A 80 -4.63 12.63 -13.02
N ALA A 81 -5.27 12.69 -11.86
CA ALA A 81 -6.22 13.76 -11.57
C ALA A 81 -5.53 15.13 -11.61
N VAL A 82 -4.31 15.21 -11.10
CA VAL A 82 -3.57 16.46 -11.10
C VAL A 82 -3.23 16.85 -12.53
N ILE A 83 -2.77 15.88 -13.31
CA ILE A 83 -2.42 16.11 -14.71
C ILE A 83 -3.65 16.55 -15.51
N LYS A 84 -4.78 15.88 -15.29
CA LYS A 84 -5.99 16.20 -16.02
C LYS A 84 -6.54 17.58 -15.64
N ALA A 85 -6.48 17.89 -14.36
CA ALA A 85 -6.97 19.17 -13.87
C ALA A 85 -6.05 20.36 -14.11
N GLN A 86 -4.75 20.12 -14.26
CA GLN A 86 -3.78 21.20 -14.44
C GLN A 86 -4.21 22.29 -13.47
N PRO A 87 -4.40 21.92 -12.20
CA PRO A 87 -4.81 22.87 -11.17
C PRO A 87 -3.77 23.89 -10.78
N GLN A 88 -4.22 25.12 -10.54
CA GLN A 88 -3.33 26.17 -10.09
C GLN A 88 -3.29 25.93 -8.59
N GLU A 89 -4.39 25.39 -8.07
CA GLU A 89 -4.51 25.13 -6.65
C GLU A 89 -5.04 23.72 -6.37
N VAL A 90 -4.44 23.09 -5.37
CA VAL A 90 -4.85 21.76 -4.97
C VAL A 90 -5.16 21.79 -3.49
N TYR A 91 -6.38 21.41 -3.14
CA TYR A 91 -6.79 21.39 -1.76
C TYR A 91 -6.98 19.94 -1.37
N ASN A 92 -6.09 19.44 -0.51
CA ASN A 92 -6.19 18.07 -0.09
C ASN A 92 -7.11 17.95 1.12
N LEU A 93 -8.40 17.77 0.84
CA LEU A 93 -9.37 17.63 1.92
C LEU A 93 -9.78 16.17 2.05
N ALA A 94 -9.39 15.34 1.10
CA ALA A 94 -9.75 13.93 1.15
C ALA A 94 -9.07 13.26 2.33
N ALA A 95 -9.83 12.49 3.09
CA ALA A 95 -9.26 11.81 4.23
C ALA A 95 -10.24 10.93 4.97
N GLN A 96 -9.68 9.99 5.72
CA GLN A 96 -10.45 9.13 6.59
C GLN A 96 -10.35 10.17 7.71
N SER A 97 -11.33 11.06 7.80
CA SER A 97 -11.29 12.15 8.77
C SER A 97 -11.87 11.88 10.14
N PHE A 98 -12.33 10.67 10.40
CA PHE A 98 -12.94 10.39 11.69
C PHE A 98 -11.95 9.75 12.67
N VAL A 99 -11.70 10.45 13.77
CA VAL A 99 -10.80 9.96 14.80
C VAL A 99 -11.31 8.62 15.31
N GLY A 100 -12.62 8.54 15.52
CA GLY A 100 -13.25 7.34 16.03
C GLY A 100 -13.00 6.09 15.25
N ALA A 101 -12.57 6.21 14.00
CA ALA A 101 -12.31 5.04 13.18
C ALA A 101 -10.82 4.75 13.03
N SER A 102 -9.99 5.70 13.43
CA SER A 102 -8.55 5.57 13.27
C SER A 102 -7.86 4.45 14.04
N TRP A 103 -8.44 4.00 15.14
CA TRP A 103 -7.83 2.90 15.89
C TRP A 103 -8.24 1.58 15.25
N ASN A 104 -9.42 1.56 14.64
CA ASN A 104 -9.92 0.36 13.99
C ASN A 104 -9.17 0.13 12.69
N GLN A 105 -8.92 1.21 11.95
CA GLN A 105 -8.19 1.10 10.70
C GLN A 105 -7.09 2.17 10.68
N PRO A 106 -6.04 1.96 11.48
CA PRO A 106 -4.91 2.87 11.58
C PRO A 106 -4.07 2.94 10.32
N VAL A 107 -4.06 1.85 9.55
CA VAL A 107 -3.28 1.81 8.33
C VAL A 107 -3.93 2.60 7.20
N THR A 108 -5.22 2.37 6.98
CA THR A 108 -5.92 3.10 5.94
C THR A 108 -5.88 4.57 6.33
N THR A 109 -5.99 4.86 7.62
CA THR A 109 -5.95 6.23 8.08
C THR A 109 -4.60 6.82 7.74
N GLY A 110 -3.54 6.07 7.98
CA GLY A 110 -2.19 6.54 7.68
C GLY A 110 -1.94 6.64 6.18
N VAL A 111 -2.43 5.66 5.44
CA VAL A 111 -2.25 5.65 3.99
C VAL A 111 -2.97 6.83 3.36
N VAL A 112 -4.26 6.95 3.66
CA VAL A 112 -5.07 8.02 3.11
C VAL A 112 -4.74 9.41 3.62
N ASP A 113 -4.66 9.54 4.94
CA ASP A 113 -4.40 10.84 5.56
C ASP A 113 -2.95 11.24 5.58
N GLY A 114 -2.06 10.25 5.53
CA GLY A 114 -0.65 10.55 5.55
C GLY A 114 0.00 10.44 4.18
N LEU A 115 0.10 9.22 3.69
CA LEU A 115 0.71 8.96 2.39
C LEU A 115 -0.05 9.63 1.26
N GLY A 116 -1.36 9.76 1.45
CA GLY A 116 -2.19 10.40 0.45
C GLY A 116 -1.67 11.80 0.18
N VAL A 117 -1.18 12.45 1.22
CA VAL A 117 -0.63 13.80 1.08
C VAL A 117 0.63 13.72 0.22
N THR A 118 1.45 12.72 0.50
CA THR A 118 2.68 12.53 -0.26
C THR A 118 2.35 12.27 -1.72
N HIS A 119 1.30 11.50 -1.95
CA HIS A 119 0.86 11.18 -3.31
C HIS A 119 0.54 12.45 -4.08
N LEU A 120 -0.17 13.37 -3.43
CA LEU A 120 -0.52 14.63 -4.08
C LEU A 120 0.69 15.51 -4.25
N LEU A 121 1.52 15.59 -3.22
CA LEU A 121 2.72 16.42 -3.29
C LEU A 121 3.63 15.92 -4.40
N GLU A 122 3.67 14.60 -4.57
CA GLU A 122 4.49 14.00 -5.60
C GLU A 122 3.91 14.33 -6.96
N ALA A 123 2.60 14.21 -7.08
CA ALA A 123 1.93 14.51 -8.34
C ALA A 123 2.25 15.94 -8.71
N ILE A 124 2.21 16.83 -7.73
CA ILE A 124 2.49 18.24 -7.94
C ILE A 124 3.96 18.43 -8.28
N ARG A 125 4.83 17.84 -7.47
CA ARG A 125 6.27 17.98 -7.69
C ARG A 125 6.71 17.51 -9.06
N GLN A 126 6.17 16.37 -9.50
CA GLN A 126 6.58 15.80 -10.78
C GLN A 126 5.87 16.30 -12.02
N PHE A 127 4.65 16.82 -11.89
CA PHE A 127 3.93 17.30 -13.07
C PHE A 127 3.76 18.81 -13.16
N SER A 128 3.43 19.46 -12.06
CA SER A 128 3.25 20.90 -12.06
C SER A 128 3.65 21.48 -10.71
N PRO A 129 4.96 21.66 -10.51
CA PRO A 129 5.50 22.20 -9.26
C PRO A 129 5.02 23.61 -8.92
N GLU A 130 4.31 24.25 -9.83
CA GLU A 130 3.84 25.60 -9.56
C GLU A 130 2.46 25.63 -8.93
N THR A 131 1.72 24.53 -9.00
CA THR A 131 0.39 24.58 -8.40
C THR A 131 0.53 24.73 -6.91
N ARG A 132 -0.34 25.53 -6.32
CA ARG A 132 -0.32 25.75 -4.89
C ARG A 132 -1.09 24.64 -4.22
N PHE A 133 -0.55 24.18 -3.09
CA PHE A 133 -1.13 23.08 -2.37
C PHE A 133 -1.57 23.42 -0.97
N TYR A 134 -2.73 22.88 -0.61
CA TYR A 134 -3.27 23.07 0.72
C TYR A 134 -3.46 21.69 1.35
N GLN A 135 -2.90 21.50 2.53
CA GLN A 135 -3.08 20.23 3.22
C GLN A 135 -4.06 20.47 4.36
N ALA A 136 -5.07 19.61 4.45
CA ALA A 136 -6.06 19.73 5.50
C ALA A 136 -5.51 19.14 6.79
N SER A 137 -4.68 19.91 7.49
CA SER A 137 -4.13 19.45 8.75
C SER A 137 -5.21 19.69 9.80
N THR A 138 -4.96 19.23 11.03
CA THR A 138 -5.97 19.33 12.06
C THR A 138 -5.44 19.59 13.45
N SER A 139 -6.32 20.16 14.28
CA SER A 139 -5.98 20.45 15.66
C SER A 139 -5.77 19.14 16.42
N GLU A 140 -6.24 18.04 15.83
CA GLU A 140 -6.05 16.74 16.46
C GLU A 140 -4.56 16.48 16.62
N MET A 141 -3.75 17.16 15.81
CA MET A 141 -2.31 16.98 15.89
C MET A 141 -1.78 17.51 17.22
N PHE A 142 -2.51 18.45 17.82
CA PHE A 142 -2.12 18.99 19.11
C PHE A 142 -2.53 18.01 20.22
N GLY A 143 -3.50 17.16 19.90
CA GLY A 143 -4.00 16.15 20.83
C GLY A 143 -3.87 16.54 22.29
N LEU A 144 -2.91 15.94 22.98
CA LEU A 144 -2.68 16.26 24.39
C LEU A 144 -2.01 17.63 24.31
N ILE A 145 -2.84 18.68 24.27
CA ILE A 145 -2.34 20.04 24.13
C ILE A 145 -1.18 20.43 25.03
N GLN A 146 -0.15 20.99 24.40
CA GLN A 146 1.05 21.41 25.09
C GLN A 146 1.02 22.90 25.41
N ALA A 147 -0.16 23.48 25.24
CA ALA A 147 -0.39 24.90 25.52
C ALA A 147 -1.89 25.09 25.65
N GLU A 148 -2.31 25.89 26.61
CA GLU A 148 -3.73 26.14 26.83
C GLU A 148 -4.42 26.52 25.53
N ARG A 149 -3.80 27.41 24.77
CA ARG A 149 -4.33 27.84 23.49
C ARG A 149 -3.27 27.45 22.48
N GLN A 150 -3.66 26.67 21.48
CA GLN A 150 -2.70 26.20 20.50
C GLN A 150 -2.60 27.05 19.25
N ASP A 151 -1.37 27.39 18.89
CA ASP A 151 -1.11 28.15 17.68
C ASP A 151 -0.12 27.34 16.87
N GLU A 152 0.43 27.95 15.82
CA GLU A 152 1.38 27.27 14.95
C GLU A 152 2.62 26.74 15.65
N ASN A 153 2.98 27.35 16.77
CA ASN A 153 4.18 26.95 17.50
C ASN A 153 3.97 25.99 18.65
N THR A 154 2.73 25.60 18.90
CA THR A 154 2.45 24.66 19.97
C THR A 154 2.92 23.29 19.52
N PRO A 155 3.81 22.66 20.31
CA PRO A 155 4.31 21.32 19.93
C PRO A 155 3.15 20.38 19.73
N PHE A 156 3.24 19.54 18.70
CA PHE A 156 2.18 18.58 18.42
C PHE A 156 2.28 17.40 19.36
N TYR A 157 1.15 16.78 19.62
CA TYR A 157 1.10 15.61 20.48
C TYR A 157 -0.15 14.85 20.08
N PRO A 158 -0.10 14.15 18.93
CA PRO A 158 -1.23 13.37 18.41
C PRO A 158 -1.68 12.33 19.43
N ARG A 159 -2.97 12.04 19.42
CA ARG A 159 -3.55 11.09 20.37
C ARG A 159 -4.35 9.99 19.71
N SER A 160 -4.18 9.84 18.40
CA SER A 160 -4.88 8.80 17.65
C SER A 160 -4.16 8.56 16.34
N PRO A 161 -4.35 7.37 15.74
CA PRO A 161 -3.69 7.09 14.46
C PRO A 161 -4.06 8.15 13.44
N TYR A 162 -5.21 8.79 13.67
CA TYR A 162 -5.67 9.86 12.79
C TYR A 162 -4.76 11.05 12.99
N GLY A 163 -4.57 11.43 14.25
CA GLY A 163 -3.71 12.56 14.55
C GLY A 163 -2.29 12.33 14.07
N VAL A 164 -1.80 11.11 14.23
CA VAL A 164 -0.44 10.79 13.80
C VAL A 164 -0.35 10.82 12.28
N ALA A 165 -1.33 10.23 11.60
CA ALA A 165 -1.33 10.23 10.14
C ALA A 165 -1.35 11.68 9.64
N LYS A 166 -2.22 12.49 10.23
CA LYS A 166 -2.33 13.90 9.85
C LYS A 166 -1.03 14.62 10.15
N LEU A 167 -0.39 14.26 11.26
CA LEU A 167 0.87 14.88 11.63
C LEU A 167 1.86 14.62 10.51
N TYR A 168 1.81 13.41 9.96
CA TYR A 168 2.69 13.06 8.85
C TYR A 168 2.29 13.96 7.68
N GLY A 169 0.98 14.04 7.43
CA GLY A 169 0.48 14.86 6.33
C GLY A 169 0.96 16.31 6.46
N HIS A 170 0.89 16.83 7.68
CA HIS A 170 1.32 18.19 7.93
C HIS A 170 2.81 18.37 7.63
N TRP A 171 3.64 17.54 8.25
CA TRP A 171 5.07 17.64 8.06
C TRP A 171 5.58 17.32 6.68
N ILE A 172 4.94 16.40 5.98
CA ILE A 172 5.40 16.09 4.65
C ILE A 172 5.10 17.30 3.76
N THR A 173 4.03 18.00 4.09
CA THR A 173 3.66 19.19 3.33
C THR A 173 4.73 20.23 3.59
N VAL A 174 5.04 20.46 4.85
CA VAL A 174 6.07 21.42 5.21
C VAL A 174 7.37 21.01 4.53
N ASN A 175 7.70 19.72 4.57
CA ASN A 175 8.93 19.26 3.98
C ASN A 175 9.01 19.49 2.47
N TYR A 176 7.91 19.28 1.76
CA TYR A 176 7.94 19.51 0.33
C TYR A 176 8.08 21.00 0.06
N ARG A 177 7.48 21.82 0.92
CA ARG A 177 7.59 23.25 0.76
C ARG A 177 9.06 23.62 0.92
N GLU A 178 9.67 23.12 1.99
CA GLU A 178 11.06 23.41 2.29
C GLU A 178 12.07 22.70 1.40
N SER A 179 11.74 21.49 0.96
CA SER A 179 12.66 20.74 0.13
C SER A 179 12.66 21.14 -1.32
N PHE A 180 11.48 21.45 -1.87
CA PHE A 180 11.39 21.82 -3.27
C PHE A 180 10.86 23.21 -3.55
N GLY A 181 10.57 23.96 -2.49
CA GLY A 181 10.06 25.29 -2.68
C GLY A 181 8.64 25.23 -3.21
N LEU A 182 7.96 24.11 -3.00
CA LEU A 182 6.60 23.99 -3.47
C LEU A 182 5.75 24.94 -2.65
N HIS A 183 4.79 25.57 -3.29
CA HIS A 183 3.90 26.45 -2.57
C HIS A 183 2.91 25.49 -1.90
N ALA A 184 3.34 24.92 -0.78
CA ALA A 184 2.54 23.96 -0.05
C ALA A 184 2.31 24.47 1.37
N SER A 185 1.05 24.56 1.75
CA SER A 185 0.67 25.08 3.05
C SER A 185 -0.19 24.10 3.82
N SER A 186 0.03 24.06 5.13
CA SER A 186 -0.73 23.18 5.99
C SER A 186 -1.67 24.03 6.82
N GLY A 187 -2.97 23.82 6.63
CA GLY A 187 -3.95 24.55 7.40
C GLY A 187 -4.25 23.69 8.61
N ILE A 188 -3.89 24.18 9.79
CA ILE A 188 -4.15 23.42 11.01
C ILE A 188 -5.50 23.92 11.49
N LEU A 189 -6.55 23.34 10.95
CA LEU A 189 -7.89 23.75 11.30
C LEU A 189 -8.44 22.99 12.49
N PHE A 190 -9.10 23.73 13.36
CA PHE A 190 -9.72 23.13 14.51
C PHE A 190 -11.09 22.70 14.07
N ASN A 191 -11.77 21.92 14.89
CA ASN A 191 -13.08 21.41 14.55
C ASN A 191 -13.98 22.45 13.93
N HIS A 192 -14.55 22.10 12.78
CA HIS A 192 -15.51 22.97 12.13
C HIS A 192 -16.63 22.08 11.64
N GLU A 193 -17.84 22.50 11.96
CA GLU A 193 -19.02 21.75 11.61
C GLU A 193 -19.89 22.55 10.67
N SER A 194 -21.08 22.02 10.40
CA SER A 194 -22.02 22.67 9.50
C SER A 194 -23.13 21.65 9.26
N PRO A 195 -24.17 22.04 8.50
CA PRO A 195 -25.24 21.11 8.24
C PRO A 195 -24.74 19.94 7.40
N LEU A 196 -23.53 20.08 6.85
CA LEU A 196 -22.95 19.04 6.01
C LEU A 196 -21.99 18.16 6.79
N ARG A 197 -21.80 18.49 8.05
CA ARG A 197 -20.89 17.75 8.92
C ARG A 197 -21.30 16.27 8.95
N GLY A 198 -20.30 15.39 8.83
CA GLY A 198 -20.56 13.97 8.85
C GLY A 198 -21.28 13.53 10.12
N ILE A 199 -22.22 12.61 9.98
CA ILE A 199 -22.99 12.11 11.10
C ILE A 199 -22.13 11.44 12.18
N GLU A 200 -20.92 11.07 11.82
CA GLU A 200 -19.98 10.43 12.76
C GLU A 200 -19.53 11.38 13.84
N PHE A 201 -19.38 12.64 13.49
CA PHE A 201 -18.92 13.64 14.42
C PHE A 201 -19.99 14.04 15.43
N VAL A 202 -19.54 14.26 16.65
CA VAL A 202 -20.41 14.58 17.77
C VAL A 202 -21.43 15.69 17.56
N THR A 203 -21.06 16.75 16.87
CA THR A 203 -22.01 17.85 16.66
C THR A 203 -23.16 17.43 15.76
N ARG A 204 -22.85 16.80 14.62
CA ARG A 204 -23.89 16.36 13.70
C ARG A 204 -24.69 15.22 14.34
N LYS A 205 -23.99 14.37 15.08
CA LYS A 205 -24.65 13.25 15.75
C LYS A 205 -25.67 13.82 16.73
N VAL A 206 -25.25 14.83 17.48
CA VAL A 206 -26.13 15.47 18.45
C VAL A 206 -27.31 16.14 17.78
N THR A 207 -27.03 17.03 16.82
CA THR A 207 -28.11 17.74 16.14
C THR A 207 -29.05 16.80 15.40
N ASP A 208 -28.51 15.72 14.83
CA ASP A 208 -29.33 14.75 14.13
C ASP A 208 -30.23 14.07 15.16
N ALA A 209 -29.65 13.73 16.30
CA ALA A 209 -30.38 13.09 17.38
C ALA A 209 -31.44 14.04 17.93
N VAL A 210 -31.05 15.29 18.14
CA VAL A 210 -31.97 16.30 18.66
C VAL A 210 -33.16 16.41 17.71
N ALA A 211 -32.88 16.42 16.41
CA ALA A 211 -33.93 16.52 15.42
C ALA A 211 -34.87 15.32 15.44
N ARG A 212 -34.30 14.12 15.51
CA ARG A 212 -35.11 12.90 15.51
C ARG A 212 -35.87 12.77 16.83
N ILE A 213 -35.21 13.16 17.93
CA ILE A 213 -35.84 13.11 19.24
C ILE A 213 -37.00 14.10 19.24
N LYS A 214 -36.73 15.32 18.82
CA LYS A 214 -37.73 16.36 18.76
C LYS A 214 -38.93 15.95 17.92
N LEU A 215 -38.67 15.24 16.83
CA LEU A 215 -39.73 14.80 15.94
C LEU A 215 -40.30 13.43 16.31
N GLY A 216 -40.01 12.99 17.54
CA GLY A 216 -40.51 11.71 18.02
C GLY A 216 -40.07 10.48 17.27
N LYS A 217 -38.98 10.57 16.52
CA LYS A 217 -38.47 9.43 15.77
C LYS A 217 -37.34 8.75 16.53
N GLN A 218 -36.96 9.35 17.67
CA GLN A 218 -35.89 8.82 18.49
C GLN A 218 -36.19 9.12 19.95
N GLN A 219 -35.68 8.28 20.85
CA GLN A 219 -35.95 8.47 22.27
C GLN A 219 -34.74 8.84 23.12
N GLU A 220 -33.54 8.60 22.59
CA GLU A 220 -32.34 8.91 23.35
C GLU A 220 -31.16 9.30 22.48
N LEU A 221 -30.14 9.85 23.13
CA LEU A 221 -28.92 10.25 22.46
C LEU A 221 -27.78 9.60 23.23
N ARG A 222 -27.04 8.73 22.55
CA ARG A 222 -25.92 8.05 23.19
C ARG A 222 -24.61 8.70 22.81
N LEU A 223 -23.93 9.26 23.81
CA LEU A 223 -22.65 9.91 23.58
C LEU A 223 -21.59 9.26 24.46
N GLY A 224 -20.34 9.58 24.18
CA GLY A 224 -19.25 9.03 24.96
C GLY A 224 -18.82 10.05 25.99
N ASN A 225 -17.65 10.63 25.78
CA ASN A 225 -17.11 11.63 26.69
C ASN A 225 -17.68 13.01 26.41
N VAL A 226 -18.66 13.42 27.21
CA VAL A 226 -19.29 14.73 27.01
C VAL A 226 -18.51 15.83 27.71
N ASP A 227 -17.39 15.48 28.33
CA ASP A 227 -16.56 16.46 29.02
C ASP A 227 -15.51 17.03 28.09
N ALA A 228 -15.28 16.36 26.96
CA ALA A 228 -14.30 16.81 25.98
C ALA A 228 -14.62 18.24 25.55
N LYS A 229 -13.60 19.08 25.49
CA LYS A 229 -13.78 20.47 25.09
C LYS A 229 -13.27 20.68 23.67
N ARG A 230 -14.12 21.26 22.84
CA ARG A 230 -13.75 21.51 21.47
C ARG A 230 -13.96 22.95 21.02
N ASP A 231 -13.04 23.40 20.20
CA ASP A 231 -13.10 24.72 19.60
C ASP A 231 -13.84 24.44 18.30
N TRP A 232 -15.12 24.78 18.26
CA TRP A 232 -15.96 24.53 17.08
C TRP A 232 -16.24 25.76 16.23
N GLY A 233 -15.97 25.63 14.93
CA GLY A 233 -16.21 26.70 13.99
C GLY A 233 -17.10 26.22 12.86
N PHE A 234 -17.46 27.13 11.96
CA PHE A 234 -18.31 26.80 10.83
C PHE A 234 -17.44 26.50 9.61
N ALA A 235 -17.68 25.34 8.99
CA ALA A 235 -16.90 24.93 7.83
C ALA A 235 -16.90 26.02 6.77
N GLY A 236 -18.04 26.67 6.60
CA GLY A 236 -18.14 27.74 5.61
C GLY A 236 -17.10 28.81 5.82
N ASP A 237 -16.86 29.18 7.07
CA ASP A 237 -15.87 30.19 7.40
C ASP A 237 -14.45 29.67 7.16
N TYR A 238 -14.23 28.43 7.61
CA TYR A 238 -12.92 27.82 7.51
C TYR A 238 -12.38 27.59 6.10
N VAL A 239 -13.25 27.24 5.16
CA VAL A 239 -12.76 27.02 3.80
C VAL A 239 -12.22 28.33 3.23
N GLU A 240 -12.66 29.45 3.77
CA GLU A 240 -12.19 30.75 3.30
C GLU A 240 -10.72 30.87 3.65
N ALA A 241 -10.37 30.42 4.85
CA ALA A 241 -8.98 30.47 5.30
C ALA A 241 -8.12 29.59 4.41
N MET A 242 -8.66 28.43 4.02
CA MET A 242 -7.91 27.52 3.15
C MET A 242 -7.54 28.24 1.86
N TRP A 243 -8.56 28.81 1.23
CA TRP A 243 -8.37 29.54 -0.02
C TRP A 243 -7.42 30.71 0.18
N LEU A 244 -7.66 31.50 1.21
CA LEU A 244 -6.79 32.65 1.47
C LEU A 244 -5.34 32.19 1.58
N MET A 245 -5.13 31.05 2.25
CA MET A 245 -3.79 30.51 2.41
C MET A 245 -3.09 30.32 1.07
N LEU A 246 -3.82 29.85 0.08
CA LEU A 246 -3.23 29.64 -1.24
C LEU A 246 -3.08 30.90 -2.07
N GLN A 247 -3.67 32.00 -1.61
CA GLN A 247 -3.57 33.26 -2.34
C GLN A 247 -2.31 34.00 -1.91
N GLN A 248 -1.74 33.57 -0.79
CA GLN A 248 -0.50 34.17 -0.29
C GLN A 248 0.61 33.86 -1.28
N ASP A 249 1.52 34.81 -1.45
CA ASP A 249 2.64 34.59 -2.36
C ASP A 249 3.54 33.49 -1.82
N LYS A 250 3.80 33.54 -0.52
CA LYS A 250 4.66 32.54 0.11
C LYS A 250 3.81 31.60 0.95
N ALA A 251 4.01 30.30 0.76
CA ALA A 251 3.26 29.30 1.49
C ALA A 251 3.65 29.30 2.95
N ASP A 252 2.71 28.93 3.81
CA ASP A 252 2.99 28.88 5.24
C ASP A 252 1.87 28.09 5.91
N ASP A 253 2.03 27.82 7.19
CA ASP A 253 1.03 27.06 7.93
C ASP A 253 0.28 27.96 8.87
N TYR A 254 -1.02 27.70 9.00
CA TYR A 254 -1.84 28.53 9.86
C TYR A 254 -2.86 27.75 10.65
N VAL A 255 -3.04 28.18 11.89
CA VAL A 255 -4.03 27.58 12.74
C VAL A 255 -5.29 28.34 12.43
N VAL A 256 -6.39 27.62 12.26
CA VAL A 256 -7.67 28.24 11.97
C VAL A 256 -8.63 27.70 13.01
N ALA A 257 -9.14 28.58 13.85
CA ALA A 257 -10.05 28.19 14.92
C ALA A 257 -10.89 29.38 15.37
N THR A 258 -11.74 29.17 16.37
CA THR A 258 -12.58 30.23 16.88
C THR A 258 -11.97 30.87 18.13
N GLY A 259 -11.11 30.11 18.81
CA GLY A 259 -10.50 30.64 20.01
C GLY A 259 -11.42 30.43 21.21
N VAL A 260 -12.50 29.70 20.99
CA VAL A 260 -13.47 29.41 22.04
C VAL A 260 -13.68 27.90 22.08
N THR A 261 -13.49 27.31 23.25
CA THR A 261 -13.68 25.87 23.38
C THR A 261 -14.89 25.60 24.25
N THR A 262 -15.65 24.55 23.90
CA THR A 262 -16.86 24.20 24.63
C THR A 262 -16.91 22.70 24.86
N THR A 263 -17.51 22.29 25.98
CA THR A 263 -17.64 20.87 26.29
C THR A 263 -18.72 20.30 25.39
N VAL A 264 -18.60 19.02 25.08
CA VAL A 264 -19.59 18.36 24.24
C VAL A 264 -20.95 18.49 24.93
N ARG A 265 -20.92 18.44 26.26
CA ARG A 265 -22.14 18.56 27.06
C ARG A 265 -22.89 19.86 26.76
N ASP A 266 -22.19 20.98 26.87
CA ASP A 266 -22.82 22.28 26.61
C ASP A 266 -23.30 22.40 25.18
N MET A 267 -22.50 21.90 24.24
CA MET A 267 -22.89 21.96 22.84
C MET A 267 -24.17 21.16 22.73
N CYS A 268 -24.18 20.01 23.38
CA CYS A 268 -25.34 19.12 23.39
C CYS A 268 -26.52 19.89 23.98
N GLN A 269 -26.26 20.62 25.06
CA GLN A 269 -27.31 21.41 25.71
C GLN A 269 -27.83 22.47 24.75
N ILE A 270 -26.91 23.14 24.06
CA ILE A 270 -27.28 24.17 23.12
C ILE A 270 -28.21 23.60 22.04
N ALA A 271 -27.86 22.42 21.54
CA ALA A 271 -28.65 21.77 20.50
C ALA A 271 -30.06 21.42 20.96
N PHE A 272 -30.19 20.75 22.10
CA PHE A 272 -31.51 20.38 22.60
C PHE A 272 -32.32 21.61 22.97
N GLU A 273 -31.69 22.56 23.65
CA GLU A 273 -32.36 23.78 24.05
C GLU A 273 -32.94 24.53 22.86
N HIS A 274 -32.30 24.39 21.70
CA HIS A 274 -32.79 25.06 20.51
C HIS A 274 -34.16 24.55 20.07
N VAL A 275 -34.52 23.36 20.53
CA VAL A 275 -35.83 22.81 20.19
C VAL A 275 -36.67 22.71 21.47
N GLY A 276 -36.28 23.49 22.47
CA GLY A 276 -37.00 23.51 23.73
C GLY A 276 -36.94 22.23 24.54
N LEU A 277 -35.85 21.48 24.40
CA LEU A 277 -35.70 20.24 25.13
C LEU A 277 -34.55 20.28 26.12
N ASP A 278 -34.61 19.41 27.11
CA ASP A 278 -33.57 19.31 28.13
C ASP A 278 -32.77 18.06 27.77
N TYR A 279 -31.54 18.26 27.30
CA TYR A 279 -30.68 17.16 26.88
C TYR A 279 -30.62 16.05 27.93
N ARG A 280 -30.63 16.44 29.20
CA ARG A 280 -30.58 15.47 30.30
C ARG A 280 -31.68 14.42 30.24
N ASP A 281 -32.77 14.73 29.53
CA ASP A 281 -33.88 13.80 29.40
C ASP A 281 -33.63 12.71 28.35
N PHE A 282 -32.64 12.92 27.50
CA PHE A 282 -32.36 11.95 26.45
C PHE A 282 -30.91 11.50 26.38
N LEU A 283 -30.01 12.29 26.92
CA LEU A 283 -28.59 11.96 26.88
C LEU A 283 -28.24 10.74 27.75
N LYS A 284 -27.57 9.78 27.13
CA LYS A 284 -27.14 8.57 27.83
C LYS A 284 -25.66 8.40 27.52
N ILE A 285 -24.83 8.27 28.56
CA ILE A 285 -23.41 8.09 28.36
C ILE A 285 -23.15 6.63 28.02
N ASP A 286 -22.57 6.41 26.84
CA ASP A 286 -22.27 5.07 26.37
C ASP A 286 -20.77 4.91 26.19
N PRO A 287 -20.14 4.05 27.00
CA PRO A 287 -18.70 3.81 26.93
C PRO A 287 -18.20 3.37 25.55
N ALA A 288 -19.12 2.82 24.76
CA ALA A 288 -18.77 2.37 23.41
C ALA A 288 -18.28 3.53 22.56
N PHE A 289 -18.54 4.75 23.01
CA PHE A 289 -18.13 5.92 22.25
C PHE A 289 -16.90 6.63 22.82
N PHE A 290 -16.36 6.10 23.92
CA PHE A 290 -15.18 6.70 24.49
C PHE A 290 -14.00 6.36 23.59
N ARG A 291 -12.97 7.19 23.62
CA ARG A 291 -11.79 7.00 22.78
C ARG A 291 -10.65 6.33 23.58
N PRO A 292 -9.86 5.47 22.91
CA PRO A 292 -8.74 4.78 23.57
C PRO A 292 -7.79 5.80 24.20
N ALA A 293 -7.55 6.90 23.48
CA ALA A 293 -6.69 7.98 23.94
C ALA A 293 -7.45 9.23 23.55
N GLU A 294 -8.02 9.89 24.55
CA GLU A 294 -8.83 11.07 24.32
C GLU A 294 -8.05 12.38 24.20
N VAL A 295 -8.65 13.32 23.47
CA VAL A 295 -8.11 14.66 23.30
C VAL A 295 -9.13 15.43 24.13
N ASP A 296 -8.79 15.65 25.40
CA ASP A 296 -9.68 16.32 26.34
C ASP A 296 -10.12 17.72 25.98
N VAL A 297 -9.20 18.50 25.44
CA VAL A 297 -9.53 19.88 25.09
C VAL A 297 -8.68 20.46 23.98
N LEU A 298 -9.35 21.16 23.08
CA LEU A 298 -8.67 21.84 21.98
C LEU A 298 -9.16 23.27 22.05
N LEU A 299 -8.24 24.20 21.90
CA LEU A 299 -8.55 25.62 21.94
C LEU A 299 -7.52 26.29 21.04
N GLY A 300 -7.94 26.68 19.85
CA GLY A 300 -7.02 27.28 18.92
C GLY A 300 -6.79 28.77 19.03
N ASN A 301 -5.61 29.19 18.58
CA ASN A 301 -5.24 30.60 18.58
C ASN A 301 -4.96 30.95 17.13
N PRO A 302 -5.98 31.45 16.42
CA PRO A 302 -5.86 31.84 15.02
C PRO A 302 -5.29 33.24 14.80
N ALA A 303 -4.51 33.73 15.77
CA ALA A 303 -3.92 35.06 15.67
C ALA A 303 -3.16 35.25 14.36
N LYS A 304 -2.33 34.26 14.01
CA LYS A 304 -1.54 34.35 12.78
C LYS A 304 -2.44 34.44 11.55
N ALA A 305 -3.47 33.60 11.49
CA ALA A 305 -4.38 33.61 10.35
C ALA A 305 -5.06 34.96 10.23
N GLN A 306 -5.48 35.53 11.35
CA GLN A 306 -6.13 36.84 11.31
C GLN A 306 -5.16 37.91 10.84
N ARG A 307 -3.96 37.89 11.39
CA ARG A 307 -2.94 38.87 11.05
C ARG A 307 -2.47 38.80 9.60
N VAL A 308 -2.14 37.60 9.13
CA VAL A 308 -1.66 37.44 7.77
C VAL A 308 -2.76 37.27 6.72
N LEU A 309 -3.67 36.34 6.96
CA LEU A 309 -4.73 36.08 5.99
C LEU A 309 -5.89 37.06 6.09
N GLY A 310 -6.01 37.73 7.24
CA GLY A 310 -7.11 38.66 7.42
C GLY A 310 -8.34 37.82 7.69
N TRP A 311 -8.10 36.56 8.07
CA TRP A 311 -9.19 35.64 8.35
C TRP A 311 -9.60 35.67 9.81
N LYS A 312 -10.90 35.57 10.03
CA LYS A 312 -11.44 35.56 11.38
C LYS A 312 -12.74 34.77 11.31
N PRO A 313 -13.02 33.99 12.36
CA PRO A 313 -14.27 33.21 12.34
C PRO A 313 -15.45 34.15 12.52
N ARG A 314 -16.57 33.85 11.85
CA ARG A 314 -17.76 34.69 11.95
C ARG A 314 -18.91 33.99 12.66
N THR A 315 -19.07 32.70 12.40
CA THR A 315 -20.14 31.93 13.00
C THR A 315 -19.76 31.35 14.36
N SER A 316 -20.55 31.67 15.37
CA SER A 316 -20.31 31.17 16.72
C SER A 316 -20.87 29.77 16.86
N LEU A 317 -20.46 29.07 17.92
CA LEU A 317 -20.94 27.72 18.15
C LEU A 317 -22.46 27.69 18.20
N ASP A 318 -23.04 28.65 18.91
CA ASP A 318 -24.50 28.72 19.05
C ASP A 318 -25.19 28.79 17.69
N GLU A 319 -24.74 29.73 16.86
CA GLU A 319 -25.30 29.91 15.53
C GLU A 319 -25.10 28.62 14.73
N LEU A 320 -23.92 28.04 14.87
CA LEU A 320 -23.57 26.81 14.17
C LEU A 320 -24.54 25.69 14.54
N ILE A 321 -24.69 25.45 15.84
CA ILE A 321 -25.58 24.40 16.31
C ILE A 321 -27.01 24.67 15.87
N ARG A 322 -27.41 25.94 15.89
CA ARG A 322 -28.75 26.30 15.49
C ARG A 322 -29.02 25.89 14.05
N MET A 323 -28.14 26.29 13.13
CA MET A 323 -28.35 25.94 11.73
C MET A 323 -28.29 24.43 11.49
N MET A 324 -27.44 23.75 12.26
CA MET A 324 -27.33 22.30 12.12
C MET A 324 -28.61 21.63 12.60
N VAL A 325 -29.11 22.04 13.76
CA VAL A 325 -30.34 21.47 14.29
C VAL A 325 -31.46 21.72 13.29
N GLU A 326 -31.55 22.95 12.79
CA GLU A 326 -32.58 23.32 11.83
C GLU A 326 -32.45 22.44 10.59
N ALA A 327 -31.22 22.30 10.08
CA ALA A 327 -30.99 21.47 8.91
C ALA A 327 -31.45 20.04 9.14
N ASP A 328 -31.08 19.47 10.29
CA ASP A 328 -31.46 18.10 10.59
C ASP A 328 -32.95 17.95 10.83
N LEU A 329 -33.59 18.99 11.37
CA LEU A 329 -35.03 18.93 11.59
C LEU A 329 -35.72 18.82 10.24
N ARG A 330 -35.23 19.57 9.26
CA ARG A 330 -35.79 19.54 7.91
C ARG A 330 -35.59 18.17 7.28
N ARG A 331 -34.39 17.62 7.44
CA ARG A 331 -34.07 16.32 6.87
C ARG A 331 -34.90 15.22 7.51
N VAL A 332 -34.93 15.21 8.83
CA VAL A 332 -35.68 14.20 9.56
C VAL A 332 -37.16 14.27 9.21
N SER A 333 -37.71 15.48 9.16
CA SER A 333 -39.12 15.66 8.86
C SER A 333 -39.44 15.26 7.42
N ARG A 334 -38.41 15.17 6.58
CA ARG A 334 -38.62 14.81 5.18
C ARG A 334 -38.55 13.30 4.98
N GLU A 335 -38.01 12.58 5.95
CA GLU A 335 -37.89 11.13 5.83
C GLU A 335 -39.26 10.45 5.93
N ARG B 15 13.38 -16.52 26.64
CA ARG B 15 13.15 -15.10 26.22
C ARG B 15 13.23 -15.02 24.71
N SER B 16 12.16 -14.52 24.09
CA SER B 16 12.13 -14.40 22.66
C SER B 16 12.09 -12.95 22.23
N ALA B 17 12.90 -12.61 21.23
CA ALA B 17 12.91 -11.27 20.73
C ALA B 17 12.78 -11.33 19.21
N LEU B 18 12.04 -10.39 18.68
CA LEU B 18 11.87 -10.30 17.24
C LEU B 18 12.45 -8.95 16.86
N VAL B 19 13.48 -8.97 16.02
CA VAL B 19 14.02 -7.71 15.60
C VAL B 19 13.91 -7.64 14.09
N THR B 20 13.27 -6.57 13.63
CA THR B 20 13.12 -6.36 12.21
C THR B 20 14.40 -5.61 11.84
N GLY B 21 14.81 -5.68 10.58
CA GLY B 21 16.03 -5.01 10.17
C GLY B 21 17.24 -5.70 10.79
N ILE B 22 17.13 -6.99 11.03
CA ILE B 22 18.23 -7.74 11.63
C ILE B 22 19.48 -7.81 10.76
N THR B 23 19.33 -7.63 9.45
CA THR B 23 20.49 -7.67 8.56
C THR B 23 21.14 -6.30 8.48
N GLY B 24 20.52 -5.31 9.10
CA GLY B 24 21.07 -3.97 9.07
C GLY B 24 22.10 -3.79 10.18
N GLN B 25 22.69 -2.61 10.25
CA GLN B 25 23.71 -2.34 11.26
C GLN B 25 23.24 -2.62 12.69
N ASP B 26 22.19 -1.92 13.12
CA ASP B 26 21.69 -2.07 14.47
C ASP B 26 21.16 -3.46 14.77
N GLY B 27 20.42 -4.04 13.82
CA GLY B 27 19.88 -5.36 14.01
C GLY B 27 20.97 -6.38 14.27
N ALA B 28 22.10 -6.20 13.60
CA ALA B 28 23.22 -7.12 13.78
C ALA B 28 23.76 -6.99 15.20
N TYR B 29 24.06 -5.77 15.61
CA TYR B 29 24.57 -5.53 16.96
C TYR B 29 23.56 -5.91 18.03
N LEU B 30 22.29 -5.57 17.80
CA LEU B 30 21.26 -5.88 18.77
C LEU B 30 21.07 -7.39 18.87
N ALA B 31 21.07 -8.05 17.72
CA ALA B 31 20.90 -9.50 17.70
C ALA B 31 22.00 -10.12 18.55
N LYS B 32 23.24 -9.68 18.33
CA LYS B 32 24.36 -10.19 19.08
C LYS B 32 24.16 -9.93 20.57
N LEU B 33 23.74 -8.72 20.90
CA LEU B 33 23.52 -8.34 22.28
C LEU B 33 22.45 -9.24 22.90
N LEU B 34 21.36 -9.44 22.17
CA LEU B 34 20.26 -10.28 22.66
C LEU B 34 20.71 -11.72 22.84
N LEU B 35 21.50 -12.22 21.88
CA LEU B 35 21.97 -13.60 21.94
C LEU B 35 22.84 -13.81 23.18
N GLU B 36 23.71 -12.86 23.49
CA GLU B 36 24.58 -12.97 24.64
C GLU B 36 23.77 -12.92 25.93
N LYS B 37 22.51 -12.52 25.81
CA LYS B 37 21.63 -12.46 26.97
C LYS B 37 20.67 -13.63 26.97
N GLY B 38 20.98 -14.64 26.16
CA GLY B 38 20.15 -15.83 26.10
C GLY B 38 18.80 -15.70 25.44
N TYR B 39 18.64 -14.68 24.60
CA TYR B 39 17.38 -14.51 23.90
C TYR B 39 17.32 -15.40 22.67
N ARG B 40 16.13 -15.91 22.37
CA ARG B 40 15.94 -16.68 21.17
C ARG B 40 15.70 -15.51 20.21
N VAL B 41 16.63 -15.26 19.30
CA VAL B 41 16.46 -14.13 18.39
C VAL B 41 15.84 -14.44 17.04
N HIS B 42 14.69 -13.82 16.79
CA HIS B 42 13.98 -13.98 15.53
C HIS B 42 14.30 -12.70 14.75
N GLY B 43 14.70 -12.86 13.50
CA GLY B 43 15.03 -11.70 12.70
C GLY B 43 14.16 -11.63 11.46
N LEU B 44 13.41 -10.55 11.33
CA LEU B 44 12.56 -10.41 10.16
C LEU B 44 13.49 -10.07 9.02
N VAL B 45 13.43 -10.86 7.95
CA VAL B 45 14.28 -10.61 6.80
C VAL B 45 13.39 -10.43 5.58
N ALA B 46 13.51 -9.27 4.95
CA ALA B 46 12.74 -8.99 3.76
C ALA B 46 13.37 -9.88 2.71
N ARG B 47 12.65 -10.15 1.62
CA ARG B 47 13.23 -11.00 0.60
C ARG B 47 14.15 -10.16 -0.28
N ARG B 48 15.33 -10.70 -0.54
CA ARG B 48 16.33 -10.04 -1.37
C ARG B 48 16.85 -11.06 -2.36
N SER B 49 17.27 -10.59 -3.53
CA SER B 49 17.76 -11.47 -4.58
C SER B 49 19.04 -12.22 -4.25
N SER B 50 19.72 -11.77 -3.19
CA SER B 50 20.96 -12.41 -2.76
C SER B 50 21.05 -12.37 -1.26
N ASP B 51 21.96 -13.16 -0.71
CA ASP B 51 22.17 -13.20 0.73
C ASP B 51 22.72 -11.84 1.13
N THR B 52 22.08 -11.20 2.09
CA THR B 52 22.49 -9.89 2.55
C THR B 52 22.81 -9.92 4.05
N ARG B 53 23.17 -11.09 4.55
CA ARG B 53 23.46 -11.24 5.97
C ARG B 53 24.92 -11.08 6.35
N TRP B 54 25.70 -10.39 5.54
CA TRP B 54 27.11 -10.20 5.82
C TRP B 54 27.38 -9.62 7.21
N ARG B 55 26.50 -8.76 7.70
CA ARG B 55 26.70 -8.16 9.02
C ARG B 55 26.57 -9.23 10.10
N LEU B 56 25.60 -10.12 9.93
CA LEU B 56 25.38 -11.18 10.89
C LEU B 56 26.57 -12.13 10.91
N ARG B 57 27.12 -12.43 9.73
CA ARG B 57 28.28 -13.30 9.64
C ARG B 57 29.52 -12.65 10.23
N GLU B 58 29.61 -11.33 10.05
CA GLU B 58 30.74 -10.58 10.57
C GLU B 58 30.72 -10.61 12.10
N LEU B 59 29.53 -10.68 12.66
CA LEU B 59 29.37 -10.74 14.11
C LEU B 59 29.33 -12.18 14.58
N GLY B 60 29.40 -13.11 13.63
CA GLY B 60 29.38 -14.53 13.95
C GLY B 60 28.08 -15.04 14.52
N ILE B 61 26.97 -14.43 14.14
CA ILE B 61 25.68 -14.84 14.66
C ILE B 61 24.65 -15.18 13.59
N GLU B 62 25.08 -15.21 12.33
CA GLU B 62 24.15 -15.51 11.25
C GLU B 62 23.42 -16.83 11.48
N GLY B 63 24.11 -17.80 12.07
CA GLY B 63 23.50 -19.09 12.31
C GLY B 63 22.75 -19.22 13.62
N ASP B 64 22.77 -18.18 14.45
CA ASP B 64 22.09 -18.22 15.75
C ASP B 64 20.78 -17.47 15.73
N ILE B 65 20.27 -17.19 14.53
CA ILE B 65 19.04 -16.44 14.40
C ILE B 65 17.93 -17.22 13.71
N GLN B 66 16.72 -17.06 14.22
CA GLN B 66 15.55 -17.71 13.65
C GLN B 66 15.02 -16.66 12.68
N TYR B 67 15.27 -16.87 11.39
CA TYR B 67 14.82 -15.91 10.39
C TYR B 67 13.35 -16.00 10.09
N GLU B 68 12.69 -14.85 10.11
CA GLU B 68 11.28 -14.78 9.80
C GLU B 68 11.17 -14.07 8.46
N ASP B 69 10.62 -14.77 7.48
CA ASP B 69 10.47 -14.25 6.14
C ASP B 69 9.30 -13.27 6.13
N GLY B 70 9.60 -11.98 5.97
CA GLY B 70 8.54 -11.00 5.96
C GLY B 70 9.02 -9.63 5.51
N ASP B 71 8.08 -8.71 5.37
CA ASP B 71 8.42 -7.36 4.94
C ASP B 71 7.62 -6.36 5.75
N MET B 72 8.27 -5.26 6.14
CA MET B 72 7.57 -4.24 6.91
C MET B 72 6.33 -3.71 6.21
N ALA B 73 6.35 -3.72 4.87
CA ALA B 73 5.22 -3.22 4.09
C ALA B 73 4.10 -4.25 3.98
N ASP B 74 4.37 -5.46 4.43
CA ASP B 74 3.39 -6.54 4.38
C ASP B 74 2.93 -6.82 5.81
N ALA B 75 1.83 -6.17 6.20
CA ALA B 75 1.27 -6.31 7.54
C ALA B 75 1.03 -7.76 7.92
N CYS B 76 0.60 -8.56 6.95
CA CYS B 76 0.31 -9.97 7.21
C CYS B 76 1.56 -10.75 7.57
N SER B 77 2.65 -10.48 6.86
CA SER B 77 3.92 -11.19 7.12
C SER B 77 4.48 -10.72 8.45
N VAL B 78 4.24 -9.45 8.78
CA VAL B 78 4.71 -8.89 10.03
C VAL B 78 3.95 -9.59 11.16
N GLN B 79 2.64 -9.66 10.99
CA GLN B 79 1.76 -10.32 11.96
C GLN B 79 2.22 -11.75 12.11
N ARG B 80 2.47 -12.40 10.97
CA ARG B 80 2.92 -13.78 10.96
C ARG B 80 4.20 -13.97 11.76
N ALA B 81 5.17 -13.08 11.54
CA ALA B 81 6.44 -13.13 12.24
C ALA B 81 6.25 -12.98 13.74
N VAL B 82 5.39 -12.05 14.13
CA VAL B 82 5.15 -11.82 15.54
C VAL B 82 4.53 -13.07 16.15
N ILE B 83 3.51 -13.61 15.49
CA ILE B 83 2.83 -14.81 15.96
C ILE B 83 3.80 -15.96 16.08
N LYS B 84 4.57 -16.19 15.03
CA LYS B 84 5.54 -17.28 15.00
C LYS B 84 6.67 -17.10 16.02
N ALA B 85 7.08 -15.87 16.25
CA ALA B 85 8.17 -15.62 17.19
C ALA B 85 7.70 -15.54 18.64
N GLN B 86 6.41 -15.23 18.85
CA GLN B 86 5.88 -15.10 20.21
C GLN B 86 6.92 -14.34 21.01
N PRO B 87 7.37 -13.19 20.50
CA PRO B 87 8.38 -12.39 21.17
C PRO B 87 7.95 -11.70 22.44
N GLN B 88 8.87 -11.59 23.39
CA GLN B 88 8.59 -10.87 24.62
C GLN B 88 8.97 -9.44 24.27
N GLU B 89 9.93 -9.33 23.34
CA GLU B 89 10.41 -8.04 22.91
C GLU B 89 10.49 -7.94 21.39
N VAL B 90 10.02 -6.83 20.87
CA VAL B 90 10.06 -6.57 19.45
C VAL B 90 10.83 -5.29 19.20
N TYR B 91 11.87 -5.39 18.40
CA TYR B 91 12.69 -4.24 18.08
C TYR B 91 12.47 -3.94 16.61
N ASN B 92 11.82 -2.81 16.34
CA ASN B 92 11.56 -2.43 14.96
C ASN B 92 12.71 -1.61 14.43
N LEU B 93 13.70 -2.28 13.85
CA LEU B 93 14.86 -1.58 13.30
C LEU B 93 14.78 -1.56 11.78
N ALA B 94 13.84 -2.31 11.22
CA ALA B 94 13.68 -2.34 9.78
C ALA B 94 13.21 -0.99 9.29
N ALA B 95 13.85 -0.50 8.24
CA ALA B 95 13.48 0.78 7.69
C ALA B 95 14.29 1.13 6.47
N GLN B 96 13.71 2.00 5.65
CA GLN B 96 14.40 2.55 4.51
C GLN B 96 15.04 3.64 5.37
N SER B 97 16.24 3.36 5.88
CA SER B 97 16.92 4.26 6.81
C SER B 97 17.77 5.38 6.23
N PHE B 98 17.88 5.44 4.92
CA PHE B 98 18.69 6.46 4.31
C PHE B 98 17.93 7.73 3.95
N VAL B 99 18.31 8.83 4.58
CA VAL B 99 17.68 10.13 4.33
C VAL B 99 17.85 10.48 2.86
N GLY B 100 19.04 10.23 2.33
CA GLY B 100 19.34 10.54 0.95
C GLY B 100 18.44 9.88 -0.08
N ALA B 101 17.71 8.84 0.33
CA ALA B 101 16.83 8.15 -0.60
C ALA B 101 15.37 8.51 -0.35
N SER B 102 15.11 9.22 0.74
CA SER B 102 13.73 9.56 1.09
C SER B 102 12.99 10.51 0.16
N TRP B 103 13.71 11.35 -0.58
CA TRP B 103 13.02 12.26 -1.50
C TRP B 103 12.73 11.53 -2.80
N ASN B 104 13.58 10.56 -3.13
CA ASN B 104 13.40 9.77 -4.34
C ASN B 104 12.23 8.81 -4.16
N GLN B 105 12.12 8.24 -2.97
CA GLN B 105 11.05 7.30 -2.69
C GLN B 105 10.42 7.62 -1.34
N PRO B 106 9.69 8.74 -1.27
CA PRO B 106 9.03 9.20 -0.07
C PRO B 106 7.90 8.29 0.37
N VAL B 107 7.28 7.60 -0.58
CA VAL B 107 6.18 6.71 -0.25
C VAL B 107 6.68 5.43 0.40
N THR B 108 7.66 4.77 -0.21
CA THR B 108 8.20 3.56 0.38
C THR B 108 8.79 3.91 1.73
N THR B 109 9.41 5.08 1.82
CA THR B 109 10.00 5.52 3.08
C THR B 109 8.88 5.64 4.10
N GLY B 110 7.76 6.23 3.68
CA GLY B 110 6.63 6.40 4.56
C GLY B 110 5.96 5.08 4.91
N VAL B 111 5.82 4.21 3.92
CA VAL B 111 5.20 2.90 4.15
C VAL B 111 6.03 2.06 5.11
N VAL B 112 7.30 1.88 4.76
CA VAL B 112 8.20 1.07 5.57
C VAL B 112 8.54 1.68 6.93
N ASP B 113 8.91 2.96 6.93
CA ASP B 113 9.31 3.64 8.17
C ASP B 113 8.15 4.16 8.99
N GLY B 114 7.03 4.42 8.35
CA GLY B 114 5.89 4.92 9.09
C GLY B 114 4.85 3.85 9.34
N LEU B 115 4.18 3.41 8.27
CA LEU B 115 3.15 2.39 8.40
C LEU B 115 3.71 1.07 8.90
N GLY B 116 4.98 0.80 8.58
CA GLY B 116 5.59 -0.44 9.04
C GLY B 116 5.49 -0.54 10.56
N VAL B 117 5.64 0.60 11.24
CA VAL B 117 5.58 0.63 12.69
C VAL B 117 4.17 0.23 13.11
N THR B 118 3.18 0.78 12.42
CA THR B 118 1.79 0.49 12.71
C THR B 118 1.52 -0.99 12.49
N HIS B 119 2.09 -1.56 11.42
CA HIS B 119 1.91 -2.97 11.13
C HIS B 119 2.40 -3.80 12.31
N LEU B 120 3.57 -3.47 12.82
CA LEU B 120 4.12 -4.20 13.96
C LEU B 120 3.29 -3.97 15.20
N LEU B 121 2.93 -2.71 15.44
CA LEU B 121 2.13 -2.39 16.62
C LEU B 121 0.81 -3.12 16.57
N GLU B 122 0.25 -3.26 15.37
CA GLU B 122 -1.02 -3.96 15.21
C GLU B 122 -0.85 -5.45 15.45
N ALA B 123 0.25 -6.00 14.96
CA ALA B 123 0.53 -7.41 15.15
C ALA B 123 0.62 -7.66 16.65
N ILE B 124 1.31 -6.77 17.36
CA ILE B 124 1.46 -6.90 18.80
C ILE B 124 0.12 -6.67 19.49
N ARG B 125 -0.56 -5.59 19.12
CA ARG B 125 -1.83 -5.28 19.74
C ARG B 125 -2.83 -6.41 19.60
N GLN B 126 -2.88 -7.00 18.43
CA GLN B 126 -3.83 -8.06 18.15
C GLN B 126 -3.46 -9.48 18.55
N PHE B 127 -2.17 -9.80 18.60
CA PHE B 127 -1.76 -11.16 18.96
C PHE B 127 -1.12 -11.32 20.33
N SER B 128 -0.25 -10.39 20.70
CA SER B 128 0.42 -10.47 22.00
C SER B 128 0.67 -9.07 22.51
N PRO B 129 -0.38 -8.44 23.07
CA PRO B 129 -0.29 -7.08 23.60
C PRO B 129 0.69 -6.93 24.76
N GLU B 130 1.24 -8.05 25.22
CA GLU B 130 2.19 -7.99 26.32
C GLU B 130 3.63 -7.88 25.86
N THR B 131 3.91 -8.20 24.60
CA THR B 131 5.30 -8.10 24.16
C THR B 131 5.69 -6.63 24.17
N ARG B 132 6.94 -6.39 24.55
CA ARG B 132 7.46 -5.05 24.62
C ARG B 132 7.97 -4.66 23.25
N PHE B 133 7.70 -3.41 22.90
CA PHE B 133 8.05 -2.91 21.58
C PHE B 133 9.01 -1.73 21.60
N TYR B 134 9.96 -1.78 20.68
CA TYR B 134 10.92 -0.70 20.54
C TYR B 134 10.82 -0.18 19.12
N GLN B 135 10.65 1.13 18.99
CA GLN B 135 10.58 1.75 17.69
C GLN B 135 11.90 2.49 17.46
N ALA B 136 12.56 2.23 16.35
CA ALA B 136 13.81 2.88 16.04
C ALA B 136 13.58 4.30 15.53
N SER B 137 13.30 5.21 16.44
CA SER B 137 13.09 6.59 16.05
C SER B 137 14.45 7.21 15.81
N THR B 138 14.45 8.45 15.35
CA THR B 138 15.71 9.09 15.01
C THR B 138 15.78 10.59 15.25
N SER B 139 17.00 11.06 15.45
CA SER B 139 17.26 12.47 15.67
C SER B 139 16.86 13.25 14.43
N GLU B 140 16.72 12.56 13.30
CA GLU B 140 16.32 13.24 12.08
C GLU B 140 15.00 13.95 12.33
N MET B 141 14.21 13.41 13.26
CA MET B 141 12.92 13.98 13.60
C MET B 141 13.07 15.40 14.16
N PHE B 142 14.25 15.72 14.69
CA PHE B 142 14.51 17.05 15.21
C PHE B 142 14.86 17.96 14.03
N GLY B 143 15.33 17.35 12.94
CA GLY B 143 15.70 18.07 11.73
C GLY B 143 16.20 19.49 11.97
N LEU B 144 15.34 20.47 11.70
CA LEU B 144 15.70 21.87 11.92
C LEU B 144 15.58 22.01 13.44
N ILE B 145 16.64 21.66 14.15
CA ILE B 145 16.62 21.68 15.60
C ILE B 145 15.99 22.90 16.24
N GLN B 146 15.09 22.63 17.17
CA GLN B 146 14.39 23.68 17.90
C GLN B 146 15.04 23.98 19.23
N ALA B 147 16.24 23.42 19.42
CA ALA B 147 17.02 23.63 20.63
C ALA B 147 18.44 23.19 20.31
N GLU B 148 19.41 23.92 20.86
CA GLU B 148 20.83 23.63 20.62
C GLU B 148 21.15 22.16 20.90
N ARG B 149 20.62 21.65 22.01
CA ARG B 149 20.81 20.26 22.39
C ARG B 149 19.42 19.67 22.46
N GLN B 150 19.15 18.65 21.64
CA GLN B 150 17.83 18.06 21.62
C GLN B 150 17.63 16.88 22.58
N ASP B 151 16.55 16.95 23.34
CA ASP B 151 16.20 15.89 24.26
C ASP B 151 14.76 15.49 23.95
N GLU B 152 14.21 14.58 24.74
CA GLU B 152 12.86 14.10 24.54
C GLU B 152 11.82 15.20 24.38
N ASN B 153 12.06 16.36 24.98
CA ASN B 153 11.09 17.44 24.90
C ASN B 153 11.32 18.48 23.81
N THR B 154 12.41 18.34 23.06
CA THR B 154 12.69 19.28 21.99
C THR B 154 11.65 19.03 20.90
N PRO B 155 10.92 20.09 20.49
CA PRO B 155 9.90 19.93 19.45
C PRO B 155 10.53 19.37 18.18
N PHE B 156 9.81 18.48 17.51
CA PHE B 156 10.32 17.88 16.28
C PHE B 156 10.14 18.81 15.10
N TYR B 157 11.01 18.65 14.11
CA TYR B 157 10.94 19.47 12.90
C TYR B 157 11.65 18.67 11.82
N PRO B 158 10.99 17.61 11.33
CA PRO B 158 11.56 16.75 10.28
C PRO B 158 11.92 17.58 9.06
N ARG B 159 12.96 17.14 8.36
CA ARG B 159 13.47 17.85 7.19
C ARG B 159 13.61 16.96 5.97
N SER B 160 13.00 15.78 6.01
CA SER B 160 13.06 14.85 4.89
C SER B 160 11.88 13.91 4.98
N PRO B 161 11.50 13.27 3.87
CA PRO B 161 10.36 12.35 3.94
C PRO B 161 10.69 11.22 4.92
N TYR B 162 11.98 11.02 5.16
CA TYR B 162 12.44 10.01 6.10
C TYR B 162 12.13 10.51 7.50
N GLY B 163 12.52 11.75 7.78
CA GLY B 163 12.26 12.33 9.09
C GLY B 163 10.78 12.33 9.37
N VAL B 164 9.98 12.69 8.37
CA VAL B 164 8.53 12.72 8.55
C VAL B 164 7.97 11.34 8.78
N ALA B 165 8.43 10.37 8.00
CA ALA B 165 7.96 9.00 8.14
C ALA B 165 8.31 8.51 9.55
N LYS B 166 9.53 8.79 9.97
CA LYS B 166 9.98 8.39 11.30
C LYS B 166 9.19 9.08 12.40
N LEU B 167 8.78 10.32 12.14
CA LEU B 167 8.00 11.06 13.12
C LEU B 167 6.68 10.33 13.30
N TYR B 168 6.12 9.86 12.19
CA TYR B 168 4.88 9.10 12.24
C TYR B 168 5.16 7.85 13.08
N GLY B 169 6.27 7.18 12.76
CA GLY B 169 6.64 5.98 13.47
C GLY B 169 6.75 6.24 14.95
N HIS B 170 7.36 7.37 15.30
CA HIS B 170 7.53 7.75 16.70
C HIS B 170 6.18 7.95 17.37
N TRP B 171 5.35 8.80 16.80
CA TRP B 171 4.04 9.08 17.37
C TRP B 171 3.04 7.95 17.38
N ILE B 172 3.09 7.08 16.39
CA ILE B 172 2.16 5.97 16.38
C ILE B 172 2.54 5.04 17.53
N THR B 173 3.82 4.95 17.81
CA THR B 173 4.31 4.11 18.90
C THR B 173 3.81 4.72 20.21
N VAL B 174 4.01 6.02 20.36
CA VAL B 174 3.55 6.72 21.54
C VAL B 174 2.05 6.52 21.66
N ASN B 175 1.36 6.63 20.54
CA ASN B 175 -0.08 6.49 20.56
C ASN B 175 -0.57 5.10 20.96
N TYR B 176 0.10 4.07 20.48
CA TYR B 176 -0.33 2.73 20.87
C TYR B 176 -0.05 2.54 22.35
N ARG B 177 1.06 3.08 22.82
CA ARG B 177 1.40 2.97 24.23
C ARG B 177 0.29 3.62 25.03
N GLU B 178 -0.06 4.84 24.66
CA GLU B 178 -1.09 5.60 25.36
C GLU B 178 -2.51 5.12 25.10
N SER B 179 -2.78 4.63 23.91
CA SER B 179 -4.11 4.17 23.56
C SER B 179 -4.44 2.78 24.10
N PHE B 180 -3.46 1.88 24.08
CA PHE B 180 -3.72 0.52 24.52
C PHE B 180 -2.88 0.05 25.69
N GLY B 181 -2.02 0.92 26.21
CA GLY B 181 -1.19 0.53 27.33
C GLY B 181 -0.09 -0.42 26.91
N LEU B 182 0.19 -0.46 25.62
CA LEU B 182 1.24 -1.34 25.14
C LEU B 182 2.58 -0.81 25.64
N HIS B 183 3.45 -1.73 26.02
CA HIS B 183 4.76 -1.35 26.48
C HIS B 183 5.52 -1.09 25.18
N ALA B 184 5.30 0.11 24.64
CA ALA B 184 5.93 0.52 23.39
C ALA B 184 6.75 1.76 23.64
N SER B 185 8.02 1.69 23.28
CA SER B 185 8.93 2.79 23.49
C SER B 185 9.56 3.24 22.21
N SER B 186 9.77 4.54 22.11
CA SER B 186 10.40 5.10 20.93
C SER B 186 11.80 5.55 21.32
N GLY B 187 12.79 4.94 20.70
CA GLY B 187 14.16 5.31 20.98
C GLY B 187 14.56 6.37 19.98
N ILE B 188 14.74 7.61 20.44
CA ILE B 188 15.14 8.69 19.54
C ILE B 188 16.65 8.68 19.51
N LEU B 189 17.20 7.84 18.64
CA LEU B 189 18.64 7.72 18.55
C LEU B 189 19.26 8.66 17.55
N PHE B 190 20.39 9.23 17.94
CA PHE B 190 21.12 10.11 17.06
C PHE B 190 22.02 9.21 16.25
N ASN B 191 22.65 9.77 15.24
CA ASN B 191 23.52 9.01 14.37
C ASN B 191 24.48 8.10 15.10
N HIS B 192 24.45 6.82 14.75
CA HIS B 192 25.38 5.87 15.32
C HIS B 192 25.90 5.05 14.16
N GLU B 193 27.22 4.94 14.12
CA GLU B 193 27.88 4.22 13.05
C GLU B 193 28.63 3.05 13.63
N SER B 194 29.41 2.39 12.78
CA SER B 194 30.18 1.23 13.18
C SER B 194 30.77 0.66 11.91
N PRO B 195 31.53 -0.44 12.03
CA PRO B 195 32.12 -1.04 10.83
C PRO B 195 31.01 -1.63 9.97
N LEU B 196 29.83 -1.77 10.54
CA LEU B 196 28.68 -2.34 9.82
C LEU B 196 27.78 -1.26 9.22
N ARG B 197 28.13 -0.01 9.46
CA ARG B 197 27.35 1.12 8.96
C ARG B 197 27.18 1.04 7.43
N GLY B 198 25.97 1.29 6.97
CA GLY B 198 25.70 1.23 5.54
C GLY B 198 26.60 2.18 4.76
N ILE B 199 27.06 1.71 3.61
CA ILE B 199 27.93 2.48 2.75
C ILE B 199 27.33 3.82 2.32
N GLU B 200 26.00 3.91 2.33
CA GLU B 200 25.29 5.13 1.94
C GLU B 200 25.58 6.29 2.87
N PHE B 201 25.75 5.99 4.15
CA PHE B 201 25.98 7.02 5.14
C PHE B 201 27.38 7.61 5.11
N VAL B 202 27.44 8.91 5.37
CA VAL B 202 28.68 9.69 5.32
C VAL B 202 29.91 9.09 6.02
N THR B 203 29.74 8.61 7.24
CA THR B 203 30.87 8.03 7.96
C THR B 203 31.43 6.81 7.24
N ARG B 204 30.57 5.83 6.96
CA ARG B 204 31.01 4.63 6.27
C ARG B 204 31.53 5.00 4.89
N LYS B 205 30.83 5.91 4.21
CA LYS B 205 31.24 6.35 2.89
C LYS B 205 32.65 6.90 2.94
N VAL B 206 32.92 7.73 3.94
CA VAL B 206 34.24 8.32 4.12
C VAL B 206 35.28 7.27 4.49
N THR B 207 35.04 6.53 5.57
CA THR B 207 36.00 5.52 6.00
C THR B 207 36.27 4.52 4.89
N ASP B 208 35.24 4.22 4.10
CA ASP B 208 35.41 3.29 2.98
C ASP B 208 36.33 3.95 1.96
N ALA B 209 36.06 5.22 1.68
CA ALA B 209 36.86 5.97 0.72
C ALA B 209 38.30 6.08 1.23
N VAL B 210 38.46 6.40 2.51
CA VAL B 210 39.77 6.53 3.11
C VAL B 210 40.58 5.25 2.89
N ALA B 211 39.98 4.11 3.23
CA ALA B 211 40.63 2.83 3.07
C ALA B 211 41.03 2.58 1.62
N ARG B 212 40.09 2.79 0.71
CA ARG B 212 40.35 2.57 -0.72
C ARG B 212 41.40 3.55 -1.23
N ILE B 213 41.34 4.79 -0.78
CA ILE B 213 42.29 5.80 -1.19
C ILE B 213 43.67 5.43 -0.67
N LYS B 214 43.74 5.17 0.64
CA LYS B 214 44.99 4.80 1.29
C LYS B 214 45.62 3.58 0.63
N LEU B 215 44.78 2.67 0.13
CA LEU B 215 45.27 1.47 -0.52
C LEU B 215 45.43 1.66 -2.02
N GLY B 216 45.38 2.94 -2.44
CA GLY B 216 45.54 3.26 -3.85
C GLY B 216 44.51 2.68 -4.81
N LYS B 217 43.34 2.33 -4.29
CA LYS B 217 42.30 1.76 -5.14
C LYS B 217 41.29 2.85 -5.52
N GLN B 218 41.46 4.03 -4.95
CA GLN B 218 40.58 5.16 -5.21
C GLN B 218 41.40 6.44 -5.18
N GLN B 219 41.02 7.42 -6.00
CA GLN B 219 41.77 8.67 -6.06
C GLN B 219 41.10 9.85 -5.36
N GLU B 220 39.79 9.76 -5.12
CA GLU B 220 39.09 10.86 -4.47
C GLU B 220 37.88 10.45 -3.66
N LEU B 221 37.38 11.40 -2.86
CA LEU B 221 36.21 11.21 -2.03
C LEU B 221 35.25 12.34 -2.36
N ARG B 222 34.06 12.00 -2.82
CA ARG B 222 33.06 13.01 -3.15
C ARG B 222 31.97 13.06 -2.09
N LEU B 223 31.85 14.21 -1.44
CA LEU B 223 30.83 14.39 -0.42
C LEU B 223 29.99 15.60 -0.79
N GLY B 224 28.90 15.79 -0.06
CA GLY B 224 28.03 16.92 -0.33
C GLY B 224 28.35 18.04 0.64
N ASN B 225 27.45 18.26 1.58
CA ASN B 225 27.62 19.30 2.58
C ASN B 225 28.47 18.77 3.74
N VAL B 226 29.74 19.14 3.74
CA VAL B 226 30.65 18.69 4.79
C VAL B 226 30.60 19.57 6.02
N ASP B 227 29.73 20.58 5.99
CA ASP B 227 29.57 21.49 7.13
C ASP B 227 28.51 21.00 8.11
N ALA B 228 27.76 20.00 7.68
CA ALA B 228 26.71 19.43 8.52
C ALA B 228 27.33 18.89 9.80
N LYS B 229 26.69 19.16 10.93
CA LYS B 229 27.18 18.68 12.20
C LYS B 229 26.35 17.51 12.69
N ARG B 230 27.02 16.44 13.08
CA ARG B 230 26.32 15.27 13.56
C ARG B 230 26.85 14.75 14.88
N ASP B 231 25.93 14.28 15.70
CA ASP B 231 26.25 13.68 16.98
C ASP B 231 26.39 12.21 16.61
N TRP B 232 27.63 11.73 16.56
CA TRP B 232 27.91 10.34 16.18
C TRP B 232 28.30 9.44 17.33
N GLY B 233 27.62 8.31 17.43
CA GLY B 233 27.91 7.34 18.47
C GLY B 233 28.17 5.99 17.83
N PHE B 234 28.53 5.01 18.64
CA PHE B 234 28.80 3.67 18.14
C PHE B 234 27.54 2.82 18.22
N ALA B 235 27.16 2.22 17.10
CA ALA B 235 25.96 1.38 17.05
C ALA B 235 25.95 0.33 18.16
N GLY B 236 27.12 -0.25 18.42
CA GLY B 236 27.21 -1.26 19.47
C GLY B 236 26.75 -0.75 20.82
N ASP B 237 27.01 0.53 21.08
CA ASP B 237 26.62 1.14 22.35
C ASP B 237 25.13 1.44 22.38
N TYR B 238 24.62 1.92 21.25
CA TYR B 238 23.23 2.29 21.14
C TYR B 238 22.22 1.16 21.24
N VAL B 239 22.55 0.00 20.68
CA VAL B 239 21.61 -1.12 20.76
C VAL B 239 21.39 -1.47 22.22
N GLU B 240 22.39 -1.21 23.05
CA GLU B 240 22.29 -1.50 24.48
C GLU B 240 21.16 -0.65 25.05
N ALA B 241 21.10 0.61 24.62
CA ALA B 241 20.07 1.53 25.09
C ALA B 241 18.69 1.02 24.65
N MET B 242 18.60 0.54 23.42
CA MET B 242 17.35 0.02 22.90
C MET B 242 16.87 -1.07 23.84
N TRP B 243 17.77 -2.01 24.10
CA TRP B 243 17.47 -3.12 24.98
C TRP B 243 17.10 -2.64 26.38
N LEU B 244 17.91 -1.74 26.93
CA LEU B 244 17.62 -1.23 28.27
C LEU B 244 16.21 -0.65 28.32
N MET B 245 15.81 0.05 27.25
CA MET B 245 14.47 0.64 27.21
C MET B 245 13.38 -0.40 27.39
N LEU B 246 13.55 -1.58 26.80
CA LEU B 246 12.54 -2.61 26.93
C LEU B 246 12.64 -3.38 28.25
N GLN B 247 13.66 -3.08 29.05
CA GLN B 247 13.82 -3.75 30.33
C GLN B 247 13.13 -2.95 31.42
N GLN B 248 12.80 -1.70 31.11
CA GLN B 248 12.13 -0.84 32.06
C GLN B 248 10.72 -1.37 32.27
N ASP B 249 10.18 -1.19 33.48
CA ASP B 249 8.84 -1.66 33.79
C ASP B 249 7.79 -0.91 32.99
N LYS B 250 7.99 0.41 32.85
CA LYS B 250 7.06 1.25 32.12
C LYS B 250 7.74 1.80 30.88
N ALA B 251 7.05 1.66 29.75
CA ALA B 251 7.58 2.14 28.48
C ALA B 251 7.68 3.65 28.49
N ASP B 252 8.65 4.16 27.74
CA ASP B 252 8.85 5.60 27.64
C ASP B 252 9.78 5.85 26.46
N ASP B 253 9.98 7.11 26.13
CA ASP B 253 10.83 7.46 25.01
C ASP B 253 12.12 8.09 25.49
N TYR B 254 13.21 7.79 24.81
CA TYR B 254 14.50 8.31 25.20
C TYR B 254 15.37 8.73 24.04
N VAL B 255 16.13 9.78 24.27
CA VAL B 255 17.08 10.25 23.29
C VAL B 255 18.34 9.50 23.63
N VAL B 256 19.04 9.02 22.62
CA VAL B 256 20.27 8.30 22.83
C VAL B 256 21.27 8.97 21.90
N ALA B 257 22.33 9.52 22.49
CA ALA B 257 23.34 10.22 21.72
C ALA B 257 24.61 10.36 22.56
N THR B 258 25.65 10.92 21.96
CA THR B 258 26.92 11.12 22.64
C THR B 258 26.94 12.48 23.32
N GLY B 259 26.16 13.42 22.79
CA GLY B 259 26.14 14.75 23.38
C GLY B 259 27.23 15.61 22.77
N VAL B 260 27.91 15.04 21.78
CA VAL B 260 28.98 15.74 21.08
C VAL B 260 28.63 15.74 19.58
N THR B 261 28.68 16.91 18.96
CA THR B 261 28.38 17.00 17.55
C THR B 261 29.63 17.44 16.80
N THR B 262 29.83 16.86 15.63
CA THR B 262 31.01 17.16 14.83
C THR B 262 30.63 17.36 13.38
N THR B 263 31.36 18.21 12.68
CA THR B 263 31.10 18.47 11.29
C THR B 263 31.59 17.28 10.47
N VAL B 264 30.95 17.05 9.34
CA VAL B 264 31.36 15.97 8.46
C VAL B 264 32.81 16.19 8.05
N ARG B 265 33.19 17.45 7.89
CA ARG B 265 34.55 17.79 7.50
C ARG B 265 35.57 17.26 8.52
N ASP B 266 35.33 17.53 9.80
CA ASP B 266 36.25 17.06 10.83
C ASP B 266 36.27 15.55 10.92
N MET B 267 35.09 14.94 10.84
CA MET B 267 34.96 13.49 10.88
C MET B 267 35.80 12.95 9.73
N CYS B 268 35.67 13.61 8.58
CA CYS B 268 36.39 13.23 7.38
C CYS B 268 37.89 13.40 7.66
N GLN B 269 38.24 14.48 8.36
CA GLN B 269 39.63 14.76 8.69
C GLN B 269 40.16 13.64 9.59
N ILE B 270 39.37 13.27 10.59
CA ILE B 270 39.75 12.22 11.53
C ILE B 270 40.02 10.92 10.79
N ALA B 271 39.15 10.57 9.85
CA ALA B 271 39.29 9.34 9.08
C ALA B 271 40.60 9.31 8.28
N PHE B 272 40.85 10.36 7.51
CA PHE B 272 42.07 10.40 6.70
C PHE B 272 43.31 10.49 7.59
N GLU B 273 43.24 11.32 8.62
CA GLU B 273 44.37 11.48 9.53
C GLU B 273 44.77 10.16 10.15
N HIS B 274 43.80 9.27 10.34
CA HIS B 274 44.08 7.96 10.94
C HIS B 274 44.98 7.11 10.04
N VAL B 275 44.99 7.41 8.74
CA VAL B 275 45.83 6.66 7.81
C VAL B 275 46.96 7.54 7.28
N GLY B 276 47.27 8.59 8.03
CA GLY B 276 48.34 9.49 7.64
C GLY B 276 48.12 10.20 6.31
N LEU B 277 46.90 10.63 6.06
CA LEU B 277 46.58 11.33 4.82
C LEU B 277 45.86 12.64 5.13
N ASP B 278 45.90 13.56 4.18
CA ASP B 278 45.24 14.85 4.34
C ASP B 278 44.01 14.84 3.46
N TYR B 279 42.83 14.75 4.09
CA TYR B 279 41.57 14.70 3.37
C TYR B 279 41.47 15.77 2.29
N ARG B 280 42.05 16.93 2.56
CA ARG B 280 42.02 18.04 1.61
C ARG B 280 42.63 17.67 0.26
N ASP B 281 43.40 16.59 0.23
CA ASP B 281 44.03 16.15 -1.01
C ASP B 281 43.13 15.19 -1.78
N PHE B 282 42.02 14.77 -1.17
CA PHE B 282 41.13 13.83 -1.83
C PHE B 282 39.65 14.22 -1.79
N LEU B 283 39.28 15.04 -0.81
CA LEU B 283 37.90 15.46 -0.67
C LEU B 283 37.44 16.44 -1.75
N LYS B 284 36.40 16.06 -2.48
CA LYS B 284 35.83 16.90 -3.52
C LYS B 284 34.36 17.11 -3.16
N ILE B 285 33.93 18.36 -3.18
CA ILE B 285 32.54 18.68 -2.87
C ILE B 285 31.70 18.51 -4.12
N ASP B 286 30.76 17.56 -4.06
CA ASP B 286 29.90 17.26 -5.19
C ASP B 286 28.44 17.61 -4.87
N PRO B 287 27.88 18.60 -5.59
CA PRO B 287 26.50 19.03 -5.37
C PRO B 287 25.49 17.89 -5.45
N ALA B 288 25.83 16.83 -6.18
CA ALA B 288 24.94 15.70 -6.33
C ALA B 288 24.62 15.04 -4.99
N PHE B 289 25.42 15.37 -3.97
CA PHE B 289 25.21 14.79 -2.65
C PHE B 289 24.57 15.71 -1.63
N PHE B 290 24.15 16.90 -2.07
CA PHE B 290 23.49 17.82 -1.16
C PHE B 290 22.03 17.39 -1.00
N ARG B 291 21.47 17.67 0.16
CA ARG B 291 20.08 17.31 0.47
C ARG B 291 19.11 18.44 0.16
N PRO B 292 17.93 18.11 -0.38
CA PRO B 292 16.93 19.13 -0.71
C PRO B 292 16.64 20.04 0.49
N ALA B 293 16.49 19.43 1.66
CA ALA B 293 16.24 20.15 2.92
C ALA B 293 17.21 19.55 3.93
N GLU B 294 18.33 20.22 4.10
CA GLU B 294 19.37 19.76 5.00
C GLU B 294 19.09 19.88 6.49
N VAL B 295 19.72 19.00 7.25
CA VAL B 295 19.64 18.99 8.70
C VAL B 295 21.07 19.41 9.04
N ASP B 296 21.24 20.72 9.26
CA ASP B 296 22.53 21.34 9.55
C ASP B 296 23.27 20.82 10.75
N VAL B 297 22.56 20.61 11.85
CA VAL B 297 23.20 20.15 13.07
C VAL B 297 22.29 19.34 13.97
N LEU B 298 22.88 18.34 14.60
CA LEU B 298 22.18 17.49 15.55
C LEU B 298 23.11 17.31 16.73
N LEU B 299 22.57 17.56 17.91
CA LEU B 299 23.33 17.44 19.14
C LEU B 299 22.33 16.92 20.16
N GLY B 300 22.44 15.63 20.47
CA GLY B 300 21.51 15.03 21.39
C GLY B 300 21.88 15.19 22.85
N ASN B 301 20.84 15.16 23.69
CA ASN B 301 21.01 15.27 25.13
C ASN B 301 20.42 13.99 25.72
N PRO B 302 21.26 12.97 25.92
CA PRO B 302 20.85 11.66 26.47
C PRO B 302 20.78 11.61 27.99
N ALA B 303 20.51 12.75 28.62
CA ALA B 303 20.43 12.83 30.07
C ALA B 303 19.39 11.89 30.66
N LYS B 304 18.22 11.84 30.04
CA LYS B 304 17.15 10.98 30.52
C LYS B 304 17.57 9.52 30.43
N ALA B 305 18.21 9.17 29.31
CA ALA B 305 18.68 7.81 29.08
C ALA B 305 19.65 7.39 30.17
N GLN B 306 20.53 8.31 30.56
CA GLN B 306 21.51 8.00 31.59
C GLN B 306 20.82 7.88 32.93
N ARG B 307 20.00 8.87 33.24
CA ARG B 307 19.25 8.92 34.49
C ARG B 307 18.37 7.71 34.72
N VAL B 308 17.57 7.35 33.73
CA VAL B 308 16.66 6.22 33.89
C VAL B 308 17.25 4.86 33.47
N LEU B 309 17.87 4.83 32.31
CA LEU B 309 18.44 3.58 31.80
C LEU B 309 19.86 3.32 32.30
N GLY B 310 20.49 4.35 32.85
CA GLY B 310 21.85 4.19 33.32
C GLY B 310 22.76 4.08 32.12
N TRP B 311 22.18 4.31 30.94
CA TRP B 311 22.95 4.23 29.71
C TRP B 311 23.77 5.48 29.48
N LYS B 312 24.94 5.32 28.91
CA LYS B 312 25.82 6.43 28.61
C LYS B 312 26.66 6.00 27.41
N PRO B 313 26.96 6.94 26.51
CA PRO B 313 27.77 6.58 25.34
C PRO B 313 29.19 6.30 25.83
N ARG B 314 29.78 5.22 25.33
CA ARG B 314 31.13 4.85 25.75
C ARG B 314 32.17 5.02 24.65
N THR B 315 31.75 5.00 23.40
CA THR B 315 32.69 5.15 22.29
C THR B 315 32.59 6.53 21.67
N SER B 316 33.74 7.20 21.59
CA SER B 316 33.81 8.54 21.03
C SER B 316 33.96 8.46 19.52
N LEU B 317 33.76 9.60 18.85
CA LEU B 317 33.87 9.67 17.41
C LEU B 317 35.21 9.18 16.89
N ASP B 318 36.30 9.65 17.49
CA ASP B 318 37.64 9.25 17.06
C ASP B 318 37.76 7.73 17.08
N GLU B 319 37.41 7.15 18.22
CA GLU B 319 37.46 5.70 18.38
C GLU B 319 36.58 5.04 17.32
N LEU B 320 35.40 5.60 17.14
CA LEU B 320 34.45 5.07 16.17
C LEU B 320 35.02 5.11 14.75
N ILE B 321 35.51 6.27 14.34
CA ILE B 321 36.07 6.43 13.01
C ILE B 321 37.28 5.52 12.81
N ARG B 322 38.08 5.37 13.85
CA ARG B 322 39.26 4.53 13.78
C ARG B 322 38.90 3.08 13.48
N MET B 323 37.98 2.51 14.26
CA MET B 323 37.59 1.13 14.03
C MET B 323 36.94 0.95 12.66
N MET B 324 36.25 1.98 12.19
CA MET B 324 35.60 1.93 10.88
C MET B 324 36.65 1.96 9.78
N VAL B 325 37.63 2.84 9.92
CA VAL B 325 38.69 2.93 8.91
C VAL B 325 39.47 1.61 8.89
N GLU B 326 39.77 1.10 10.07
CA GLU B 326 40.49 -0.16 10.20
C GLU B 326 39.70 -1.28 9.54
N ALA B 327 38.40 -1.35 9.84
CA ALA B 327 37.54 -2.37 9.27
C ALA B 327 37.54 -2.30 7.75
N ASP B 328 37.34 -1.09 7.22
CA ASP B 328 37.31 -0.92 5.77
C ASP B 328 38.68 -1.17 5.12
N LEU B 329 39.75 -0.88 5.84
CA LEU B 329 41.09 -1.14 5.31
C LEU B 329 41.23 -2.64 5.09
N ARG B 330 40.77 -3.41 6.07
CA ARG B 330 40.83 -4.87 5.97
C ARG B 330 39.99 -5.35 4.80
N ARG B 331 38.78 -4.79 4.67
CA ARG B 331 37.89 -5.17 3.59
C ARG B 331 38.45 -4.84 2.21
N VAL B 332 38.84 -3.58 2.03
CA VAL B 332 39.39 -3.15 0.75
C VAL B 332 40.60 -3.99 0.34
N SER B 333 41.47 -4.27 1.30
CA SER B 333 42.66 -5.06 1.00
C SER B 333 42.27 -6.49 0.65
N ARG B 334 41.21 -6.98 1.28
CA ARG B 334 40.74 -8.34 1.03
C ARG B 334 40.16 -8.45 -0.37
N GLU B 335 39.75 -7.32 -0.94
CA GLU B 335 39.17 -7.30 -2.27
C GLU B 335 40.21 -7.69 -3.32
N THR C 14 22.45 6.68 -27.16
CA THR C 14 21.25 7.45 -27.61
C THR C 14 19.97 6.75 -27.18
N ARG C 15 19.93 5.43 -27.32
CA ARG C 15 18.76 4.65 -26.93
C ARG C 15 18.82 4.47 -25.41
N SER C 16 17.75 4.84 -24.72
CA SER C 16 17.70 4.73 -23.28
C SER C 16 16.82 3.59 -22.79
N ALA C 17 17.32 2.83 -21.83
CA ALA C 17 16.56 1.72 -21.28
C ALA C 17 16.54 1.83 -19.76
N LEU C 18 15.39 1.54 -19.18
CA LEU C 18 15.26 1.54 -17.73
C LEU C 18 14.94 0.12 -17.33
N VAL C 19 15.80 -0.51 -16.55
CA VAL C 19 15.48 -1.84 -16.11
C VAL C 19 15.36 -1.83 -14.60
N THR C 20 14.22 -2.32 -14.12
CA THR C 20 14.01 -2.39 -12.69
C THR C 20 14.61 -3.74 -12.36
N GLY C 21 15.00 -3.94 -11.10
CA GLY C 21 15.59 -5.21 -10.71
C GLY C 21 16.96 -5.38 -11.36
N ILE C 22 17.62 -4.26 -11.62
CA ILE C 22 18.94 -4.23 -12.25
C ILE C 22 19.99 -5.00 -11.46
N THR C 23 19.84 -5.07 -10.15
CA THR C 23 20.80 -5.79 -9.32
C THR C 23 20.49 -7.27 -9.23
N GLY C 24 19.41 -7.68 -9.87
CA GLY C 24 19.03 -9.08 -9.86
C GLY C 24 19.74 -9.82 -10.98
N GLN C 25 19.51 -11.13 -11.05
CA GLN C 25 20.15 -11.95 -12.07
C GLN C 25 19.92 -11.44 -13.49
N ASP C 26 18.66 -11.39 -13.92
CA ASP C 26 18.32 -10.94 -15.26
C ASP C 26 18.70 -9.49 -15.51
N GLY C 27 18.49 -8.64 -14.52
CA GLY C 27 18.82 -7.24 -14.66
C GLY C 27 20.28 -7.07 -15.04
N ALA C 28 21.15 -7.85 -14.41
CA ALA C 28 22.58 -7.79 -14.68
C ALA C 28 22.84 -8.20 -16.12
N TYR C 29 22.37 -9.39 -16.49
CA TYR C 29 22.57 -9.88 -17.85
C TYR C 29 21.95 -8.99 -18.90
N LEU C 30 20.75 -8.48 -18.62
CA LEU C 30 20.08 -7.61 -19.58
C LEU C 30 20.84 -6.30 -19.71
N ALA C 31 21.26 -5.75 -18.58
CA ALA C 31 22.01 -4.50 -18.57
C ALA C 31 23.25 -4.68 -19.43
N LYS C 32 23.94 -5.80 -19.24
CA LYS C 32 25.14 -6.10 -20.02
C LYS C 32 24.79 -6.13 -21.49
N LEU C 33 23.71 -6.83 -21.83
CA LEU C 33 23.28 -6.92 -23.23
C LEU C 33 22.94 -5.54 -23.78
N LEU C 34 22.18 -4.77 -23.03
CA LEU C 34 21.78 -3.43 -23.47
C LEU C 34 23.00 -2.51 -23.63
N LEU C 35 23.93 -2.62 -22.69
CA LEU C 35 25.14 -1.81 -22.74
C LEU C 35 25.94 -2.14 -23.98
N GLU C 36 26.05 -3.42 -24.30
CA GLU C 36 26.81 -3.84 -25.47
C GLU C 36 26.15 -3.32 -26.74
N LYS C 37 24.84 -3.07 -26.67
CA LYS C 37 24.12 -2.54 -27.83
C LYS C 37 24.09 -1.02 -27.79
N GLY C 38 24.90 -0.44 -26.91
CA GLY C 38 24.99 1.01 -26.82
C GLY C 38 23.85 1.74 -26.13
N TYR C 39 23.05 1.04 -25.35
CA TYR C 39 21.96 1.71 -24.65
C TYR C 39 22.50 2.50 -23.47
N ARG C 40 21.81 3.57 -23.12
CA ARG C 40 22.15 4.31 -21.93
C ARG C 40 21.28 3.50 -20.99
N VAL C 41 21.88 2.75 -20.08
CA VAL C 41 21.10 1.91 -19.19
C VAL C 41 20.85 2.52 -17.82
N HIS C 42 19.57 2.64 -17.48
CA HIS C 42 19.16 3.16 -16.20
C HIS C 42 18.68 1.97 -15.40
N GLY C 43 19.10 1.90 -14.14
CA GLY C 43 18.69 0.79 -13.31
C GLY C 43 18.00 1.24 -12.05
N LEU C 44 16.76 0.79 -11.87
CA LEU C 44 16.03 1.16 -10.68
C LEU C 44 16.60 0.31 -9.56
N VAL C 45 17.02 0.95 -8.49
CA VAL C 45 17.58 0.21 -7.37
C VAL C 45 16.84 0.57 -6.10
N ALA C 46 16.25 -0.43 -5.47
CA ALA C 46 15.54 -0.20 -4.23
C ALA C 46 16.60 0.16 -3.21
N ARG C 47 16.21 0.82 -2.13
CA ARG C 47 17.18 1.18 -1.12
C ARG C 47 17.44 -0.06 -0.25
N ARG C 48 18.71 -0.41 -0.11
CA ARG C 48 19.13 -1.54 0.70
C ARG C 48 20.18 -1.02 1.68
N SER C 49 20.28 -1.65 2.84
CA SER C 49 21.22 -1.22 3.87
C SER C 49 22.67 -1.39 3.48
N SER C 50 22.92 -2.15 2.43
CA SER C 50 24.28 -2.38 1.96
C SER C 50 24.29 -2.46 0.45
N ASP C 51 25.47 -2.33 -0.13
CA ASP C 51 25.61 -2.41 -1.58
C ASP C 51 25.21 -3.81 -2.00
N THR C 52 24.36 -3.92 -3.02
CA THR C 52 23.90 -5.21 -3.49
C THR C 52 24.13 -5.36 -4.99
N ARG C 53 25.11 -4.63 -5.51
CA ARG C 53 25.39 -4.68 -6.94
C ARG C 53 26.48 -5.66 -7.36
N TRP C 54 26.71 -6.68 -6.53
CA TRP C 54 27.74 -7.65 -6.85
C TRP C 54 27.57 -8.28 -8.23
N ARG C 55 26.33 -8.50 -8.66
CA ARG C 55 26.10 -9.10 -9.97
C ARG C 55 26.60 -8.18 -11.06
N LEU C 56 26.36 -6.88 -10.88
CA LEU C 56 26.79 -5.89 -11.86
C LEU C 56 28.31 -5.82 -11.89
N ARG C 57 28.94 -5.87 -10.73
CA ARG C 57 30.40 -5.83 -10.67
C ARG C 57 30.96 -7.08 -11.31
N GLU C 58 30.32 -8.22 -11.02
CA GLU C 58 30.74 -9.49 -11.57
C GLU C 58 30.74 -9.44 -13.10
N LEU C 59 29.80 -8.69 -13.66
CA LEU C 59 29.69 -8.55 -15.10
C LEU C 59 30.48 -7.35 -15.61
N GLY C 60 31.15 -6.66 -14.69
CA GLY C 60 31.95 -5.50 -15.04
C GLY C 60 31.16 -4.35 -15.62
N ILE C 61 29.92 -4.16 -15.19
CA ILE C 61 29.10 -3.06 -15.71
C ILE C 61 28.49 -2.21 -14.61
N GLU C 62 28.95 -2.38 -13.37
CA GLU C 62 28.38 -1.62 -12.27
C GLU C 62 28.56 -0.11 -12.44
N GLY C 63 29.65 0.29 -13.09
CA GLY C 63 29.90 1.71 -13.29
C GLY C 63 29.34 2.27 -14.59
N ASP C 64 28.72 1.42 -15.40
CA ASP C 64 28.17 1.86 -16.67
C ASP C 64 26.67 2.07 -16.62
N ILE C 65 26.10 1.97 -15.42
CA ILE C 65 24.67 2.13 -15.25
C ILE C 65 24.31 3.41 -14.51
N GLN C 66 23.23 4.04 -14.97
CA GLN C 66 22.74 5.23 -14.31
C GLN C 66 21.66 4.72 -13.36
N TYR C 67 21.96 4.76 -12.07
CA TYR C 67 21.04 4.26 -11.06
C TYR C 67 19.94 5.22 -10.71
N GLU C 68 18.72 4.67 -10.67
CA GLU C 68 17.55 5.43 -10.32
C GLU C 68 17.11 4.88 -8.98
N ASP C 69 17.05 5.76 -7.99
CA ASP C 69 16.66 5.41 -6.63
C ASP C 69 15.15 5.33 -6.52
N GLY C 70 14.62 4.12 -6.38
CA GLY C 70 13.19 3.97 -6.26
C GLY C 70 12.79 2.57 -5.85
N ASP C 71 11.51 2.38 -5.61
CA ASP C 71 11.00 1.09 -5.21
C ASP C 71 9.75 0.76 -5.99
N MET C 72 9.60 -0.49 -6.41
CA MET C 72 8.43 -0.90 -7.18
C MET C 72 7.13 -0.61 -6.43
N ALA C 73 7.20 -0.60 -5.10
CA ALA C 73 6.01 -0.35 -4.27
C ALA C 73 5.71 1.13 -4.17
N ASP C 74 6.65 1.96 -4.63
CA ASP C 74 6.52 3.41 -4.58
C ASP C 74 6.27 3.93 -6.00
N ALA C 75 5.00 4.03 -6.36
CA ALA C 75 4.59 4.48 -7.68
C ALA C 75 5.22 5.82 -8.06
N CYS C 76 5.35 6.71 -7.08
CA CYS C 76 5.93 8.02 -7.32
C CYS C 76 7.41 7.91 -7.69
N SER C 77 8.12 7.03 -6.98
CA SER C 77 9.54 6.85 -7.24
C SER C 77 9.70 6.19 -8.62
N VAL C 78 8.76 5.33 -8.95
CA VAL C 78 8.77 4.64 -10.24
C VAL C 78 8.53 5.67 -11.34
N GLN C 79 7.53 6.52 -11.15
CA GLN C 79 7.21 7.56 -12.11
C GLN C 79 8.46 8.43 -12.29
N ARG C 80 9.03 8.82 -11.16
CA ARG C 80 10.24 9.64 -11.14
C ARG C 80 11.36 9.00 -11.95
N ALA C 81 11.59 7.71 -11.74
CA ALA C 81 12.63 6.97 -12.46
C ALA C 81 12.36 7.01 -13.95
N VAL C 82 11.11 6.79 -14.34
CA VAL C 82 10.73 6.79 -15.75
C VAL C 82 10.97 8.17 -16.35
N ILE C 83 10.57 9.20 -15.62
CA ILE C 83 10.74 10.56 -16.10
C ILE C 83 12.22 10.93 -16.22
N LYS C 84 12.99 10.60 -15.19
CA LYS C 84 14.42 10.90 -15.21
C LYS C 84 15.15 10.16 -16.32
N ALA C 85 14.82 8.88 -16.49
CA ALA C 85 15.47 8.06 -17.49
C ALA C 85 14.97 8.29 -18.92
N GLN C 86 13.76 8.81 -19.06
CA GLN C 86 13.18 9.02 -20.39
C GLN C 86 13.56 7.82 -21.25
N PRO C 87 13.24 6.62 -20.77
CA PRO C 87 13.56 5.38 -21.49
C PRO C 87 12.68 5.09 -22.69
N GLN C 88 13.28 4.54 -23.73
CA GLN C 88 12.53 4.14 -24.91
C GLN C 88 12.07 2.71 -24.61
N GLU C 89 12.76 2.08 -23.67
CA GLU C 89 12.46 0.71 -23.28
C GLU C 89 12.53 0.54 -21.77
N VAL C 90 11.53 -0.14 -21.23
CA VAL C 90 11.49 -0.40 -19.80
C VAL C 90 11.31 -1.88 -19.59
N TYR C 91 12.23 -2.47 -18.82
CA TYR C 91 12.18 -3.88 -18.52
C TYR C 91 11.88 -4.00 -17.04
N ASN C 92 10.67 -4.45 -16.73
CA ASN C 92 10.33 -4.59 -15.33
C ASN C 92 10.78 -5.95 -14.84
N LEU C 93 11.99 -5.99 -14.30
CA LEU C 93 12.54 -7.25 -13.81
C LEU C 93 12.51 -7.28 -12.28
N ALA C 94 12.24 -6.13 -11.67
CA ALA C 94 12.20 -6.04 -10.22
C ALA C 94 11.04 -6.86 -9.68
N ALA C 95 11.30 -7.58 -8.59
CA ALA C 95 10.26 -8.39 -7.98
C ALA C 95 10.76 -9.20 -6.81
N GLN C 96 9.81 -9.59 -5.97
CA GLN C 96 10.08 -10.49 -4.88
C GLN C 96 9.90 -11.71 -5.78
N SER C 97 10.99 -12.20 -6.35
CA SER C 97 10.93 -13.29 -7.32
C SER C 97 10.99 -14.70 -6.79
N PHE C 98 11.08 -14.87 -5.48
CA PHE C 98 11.18 -16.19 -4.90
C PHE C 98 9.83 -16.77 -4.46
N VAL C 99 9.44 -17.87 -5.07
CA VAL C 99 8.18 -18.53 -4.75
C VAL C 99 8.15 -18.92 -3.27
N GLY C 100 9.29 -19.38 -2.77
CA GLY C 100 9.39 -19.83 -1.39
C GLY C 100 9.07 -18.76 -0.36
N ALA C 101 9.15 -17.50 -0.74
CA ALA C 101 8.86 -16.41 0.17
C ALA C 101 7.46 -15.86 -0.02
N SER C 102 6.80 -16.23 -1.11
CA SER C 102 5.48 -15.69 -1.41
C SER C 102 4.34 -16.03 -0.46
N TRP C 103 4.42 -17.18 0.23
CA TRP C 103 3.37 -17.52 1.18
C TRP C 103 3.57 -16.79 2.51
N ASN C 104 4.83 -16.47 2.81
CA ASN C 104 5.14 -15.75 4.04
C ASN C 104 4.76 -14.29 3.90
N GLN C 105 5.04 -13.73 2.74
CA GLN C 105 4.70 -12.34 2.48
C GLN C 105 3.97 -12.25 1.14
N PRO C 106 2.71 -12.71 1.14
CA PRO C 106 1.87 -12.71 -0.07
C PRO C 106 1.50 -11.31 -0.52
N VAL C 107 1.38 -10.40 0.43
CA VAL C 107 1.03 -9.03 0.13
C VAL C 107 2.17 -8.29 -0.54
N THR C 108 3.35 -8.34 0.07
CA THR C 108 4.48 -7.66 -0.55
C THR C 108 4.72 -8.26 -1.92
N THR C 109 4.53 -9.59 -2.02
CA THR C 109 4.72 -10.24 -3.30
C THR C 109 3.71 -9.68 -4.28
N GLY C 110 2.46 -9.52 -3.83
CA GLY C 110 1.44 -8.97 -4.70
C GLY C 110 1.70 -7.52 -5.04
N VAL C 111 2.12 -6.75 -4.04
CA VAL C 111 2.39 -5.32 -4.23
C VAL C 111 3.52 -5.11 -5.23
N VAL C 112 4.66 -5.74 -4.97
CA VAL C 112 5.82 -5.61 -5.83
C VAL C 112 5.68 -6.29 -7.19
N ASP C 113 5.27 -7.56 -7.19
CA ASP C 113 5.16 -8.32 -8.42
C ASP C 113 3.89 -8.04 -9.21
N GLY C 114 2.85 -7.58 -8.53
CA GLY C 114 1.60 -7.29 -9.20
C GLY C 114 1.43 -5.80 -9.40
N LEU C 115 1.15 -5.08 -8.33
CA LEU C 115 0.95 -3.64 -8.40
C LEU C 115 2.17 -2.89 -8.93
N GLY C 116 3.36 -3.43 -8.67
CA GLY C 116 4.57 -2.78 -9.16
C GLY C 116 4.48 -2.63 -10.66
N VAL C 117 3.93 -3.63 -11.34
CA VAL C 117 3.78 -3.59 -12.78
C VAL C 117 2.85 -2.44 -13.14
N THR C 118 1.73 -2.36 -12.44
CA THR C 118 0.77 -1.30 -12.67
C THR C 118 1.46 0.05 -12.48
N HIS C 119 2.31 0.15 -11.47
CA HIS C 119 3.03 1.39 -11.20
C HIS C 119 3.86 1.83 -12.39
N LEU C 120 4.61 0.89 -12.96
CA LEU C 120 5.46 1.19 -14.11
C LEU C 120 4.61 1.49 -15.34
N LEU C 121 3.57 0.70 -15.55
CA LEU C 121 2.69 0.91 -16.68
C LEU C 121 2.06 2.29 -16.57
N GLU C 122 1.64 2.66 -15.37
CA GLU C 122 1.05 3.97 -15.15
C GLU C 122 2.07 5.08 -15.39
N ALA C 123 3.31 4.87 -14.96
CA ALA C 123 4.37 5.86 -15.16
C ALA C 123 4.54 6.06 -16.67
N ILE C 124 4.50 4.95 -17.41
CA ILE C 124 4.66 4.99 -18.85
C ILE C 124 3.45 5.64 -19.50
N ARG C 125 2.27 5.19 -19.08
CA ARG C 125 1.03 5.71 -19.63
C ARG C 125 0.92 7.21 -19.44
N GLN C 126 1.29 7.68 -18.25
CA GLN C 126 1.16 9.10 -17.96
C GLN C 126 2.31 10.02 -18.37
N PHE C 127 3.52 9.50 -18.49
CA PHE C 127 4.65 10.36 -18.86
C PHE C 127 5.18 10.15 -20.28
N SER C 128 5.29 8.90 -20.70
CA SER C 128 5.78 8.62 -22.05
C SER C 128 5.16 7.34 -22.57
N PRO C 129 3.93 7.43 -23.08
CA PRO C 129 3.19 6.29 -23.61
C PRO C 129 3.87 5.59 -24.78
N GLU C 130 4.97 6.16 -25.27
CA GLU C 130 5.67 5.55 -26.39
C GLU C 130 6.75 4.56 -25.94
N THR C 131 7.22 4.68 -24.70
CA THR C 131 8.27 3.76 -24.28
C THR C 131 7.71 2.35 -24.25
N ARG C 132 8.54 1.43 -24.70
CA ARG C 132 8.16 0.03 -24.75
C ARG C 132 8.42 -0.60 -23.41
N PHE C 133 7.48 -1.46 -23.01
CA PHE C 133 7.52 -2.10 -21.72
C PHE C 133 7.62 -3.61 -21.79
N TYR C 134 8.46 -4.16 -20.94
CA TYR C 134 8.63 -5.59 -20.85
C TYR C 134 8.27 -5.99 -19.44
N GLN C 135 7.35 -6.94 -19.30
CA GLN C 135 6.99 -7.43 -17.98
C GLN C 135 7.60 -8.80 -17.79
N ALA C 136 8.33 -8.98 -16.70
CA ALA C 136 8.97 -10.24 -16.41
C ALA C 136 7.96 -11.23 -15.87
N SER C 137 7.17 -11.82 -16.77
CA SER C 137 6.20 -12.81 -16.36
C SER C 137 6.94 -14.11 -16.17
N THR C 138 6.23 -15.12 -15.69
CA THR C 138 6.90 -16.37 -15.37
C THR C 138 6.09 -17.62 -15.62
N SER C 139 6.79 -18.72 -15.82
CA SER C 139 6.16 -20.01 -16.05
C SER C 139 5.39 -20.41 -14.80
N GLU C 140 5.69 -19.78 -13.67
CA GLU C 140 4.99 -20.09 -12.43
C GLU C 140 3.51 -19.86 -12.60
N MET C 141 3.15 -18.99 -13.54
CA MET C 141 1.75 -18.70 -13.80
C MET C 141 1.02 -19.94 -14.31
N PHE C 142 1.76 -20.84 -14.95
CA PHE C 142 1.16 -22.08 -15.44
C PHE C 142 0.95 -23.03 -14.27
N GLY C 143 1.71 -22.83 -13.20
CA GLY C 143 1.61 -23.63 -11.99
C GLY C 143 1.20 -25.08 -12.22
N LEU C 144 -0.06 -25.39 -11.92
CA LEU C 144 -0.57 -26.73 -12.12
C LEU C 144 -0.83 -26.73 -13.63
N ILE C 145 0.20 -27.12 -14.38
CA ILE C 145 0.12 -27.10 -15.84
C ILE C 145 -1.12 -27.70 -16.46
N GLN C 146 -1.72 -26.92 -17.35
CA GLN C 146 -2.94 -27.32 -18.05
C GLN C 146 -2.64 -27.93 -19.41
N ALA C 147 -1.36 -28.16 -19.65
CA ALA C 147 -0.91 -28.76 -20.90
C ALA C 147 0.50 -29.28 -20.64
N GLU C 148 0.83 -30.43 -21.22
CA GLU C 148 2.14 -31.05 -21.04
C GLU C 148 3.25 -30.05 -21.34
N ARG C 149 3.08 -29.31 -22.44
CA ARG C 149 4.05 -28.30 -22.82
C ARG C 149 3.28 -26.99 -22.82
N GLN C 150 3.72 -26.07 -21.99
CA GLN C 150 3.03 -24.80 -21.87
C GLN C 150 3.50 -23.75 -22.85
N ASP C 151 2.55 -23.16 -23.56
CA ASP C 151 2.86 -22.09 -24.49
C ASP C 151 1.94 -20.93 -24.12
N GLU C 152 1.93 -19.90 -24.95
CA GLU C 152 1.12 -18.71 -24.72
C GLU C 152 -0.37 -19.00 -24.54
N ASN C 153 -0.86 -20.08 -25.14
CA ASN C 153 -2.29 -20.40 -25.05
C ASN C 153 -2.67 -21.33 -23.91
N THR C 154 -1.67 -21.85 -23.20
CA THR C 154 -1.94 -22.74 -22.09
C THR C 154 -2.57 -21.93 -20.96
N PRO C 155 -3.75 -22.36 -20.48
CA PRO C 155 -4.42 -21.63 -19.39
C PRO C 155 -3.53 -21.58 -18.16
N PHE C 156 -3.53 -20.43 -17.49
CA PHE C 156 -2.72 -20.27 -16.30
C PHE C 156 -3.37 -20.93 -15.11
N TYR C 157 -2.55 -21.37 -14.17
CA TYR C 157 -3.05 -21.99 -12.96
C TYR C 157 -1.98 -21.78 -11.91
N PRO C 158 -1.89 -20.56 -11.38
CA PRO C 158 -0.88 -20.22 -10.37
C PRO C 158 -1.02 -21.10 -9.14
N ARG C 159 0.11 -21.36 -8.49
CA ARG C 159 0.14 -22.22 -7.32
C ARG C 159 0.80 -21.58 -6.12
N SER C 160 1.04 -20.28 -6.21
CA SER C 160 1.64 -19.55 -5.10
C SER C 160 1.25 -18.09 -5.21
N PRO C 161 1.35 -17.34 -4.11
CA PRO C 161 0.99 -15.91 -4.14
C PRO C 161 1.90 -15.20 -5.13
N TYR C 162 3.06 -15.80 -5.39
CA TYR C 162 4.00 -15.24 -6.36
C TYR C 162 3.40 -15.46 -7.75
N GLY C 163 2.96 -16.69 -8.00
CA GLY C 163 2.36 -17.00 -9.29
C GLY C 163 1.15 -16.12 -9.54
N VAL C 164 0.33 -15.95 -8.50
CA VAL C 164 -0.86 -15.13 -8.62
C VAL C 164 -0.51 -13.66 -8.84
N ALA C 165 0.47 -13.15 -8.08
CA ALA C 165 0.87 -11.76 -8.23
C ALA C 165 1.39 -11.54 -9.64
N LYS C 166 2.20 -12.49 -10.12
CA LYS C 166 2.76 -12.41 -11.45
C LYS C 166 1.68 -12.52 -12.49
N LEU C 167 0.64 -13.31 -12.22
CA LEU C 167 -0.45 -13.47 -13.17
C LEU C 167 -1.13 -12.11 -13.32
N TYR C 168 -1.20 -11.38 -12.21
CA TYR C 168 -1.78 -10.05 -12.25
C TYR C 168 -0.86 -9.18 -13.09
N GLY C 169 0.43 -9.27 -12.82
CA GLY C 169 1.42 -8.50 -13.55
C GLY C 169 1.34 -8.75 -15.05
N HIS C 170 1.14 -10.02 -15.40
CA HIS C 170 1.03 -10.41 -16.80
C HIS C 170 -0.21 -9.79 -17.43
N TRP C 171 -1.35 -10.04 -16.81
CA TRP C 171 -2.59 -9.52 -17.34
C TRP C 171 -2.74 -8.02 -17.30
N ILE C 172 -2.12 -7.35 -16.33
CA ILE C 172 -2.24 -5.90 -16.30
C ILE C 172 -1.41 -5.34 -17.46
N THR C 173 -0.35 -6.06 -17.82
CA THR C 173 0.51 -5.64 -18.93
C THR C 173 -0.30 -5.82 -20.21
N VAL C 174 -0.91 -6.98 -20.35
CA VAL C 174 -1.73 -7.25 -21.51
C VAL C 174 -2.85 -6.20 -21.58
N ASN C 175 -3.43 -5.89 -20.43
CA ASN C 175 -4.51 -4.94 -20.40
C ASN C 175 -4.13 -3.52 -20.78
N TYR C 176 -2.96 -3.07 -20.33
CA TYR C 176 -2.54 -1.71 -20.70
C TYR C 176 -2.23 -1.67 -22.18
N ARG C 177 -1.73 -2.78 -22.71
CA ARG C 177 -1.43 -2.85 -24.13
C ARG C 177 -2.73 -2.72 -24.90
N GLU C 178 -3.72 -3.51 -24.49
CA GLU C 178 -5.02 -3.53 -25.16
C GLU C 178 -5.89 -2.32 -24.86
N SER C 179 -5.74 -1.74 -23.67
CA SER C 179 -6.55 -0.60 -23.29
C SER C 179 -6.04 0.72 -23.83
N PHE C 180 -4.73 0.91 -23.80
CA PHE C 180 -4.14 2.17 -24.23
C PHE C 180 -3.22 2.06 -25.42
N GLY C 181 -3.09 0.86 -25.96
CA GLY C 181 -2.20 0.69 -27.10
C GLY C 181 -0.76 0.85 -26.68
N LEU C 182 -0.49 0.68 -25.38
CA LEU C 182 0.88 0.81 -24.92
C LEU C 182 1.68 -0.38 -25.45
N HIS C 183 2.93 -0.13 -25.82
CA HIS C 183 3.76 -1.21 -26.31
C HIS C 183 4.25 -1.97 -25.08
N ALA C 184 3.36 -2.79 -24.53
CA ALA C 184 3.66 -3.56 -23.32
C ALA C 184 3.61 -5.04 -23.65
N SER C 185 4.71 -5.73 -23.37
CA SER C 185 4.81 -7.14 -23.66
C SER C 185 5.11 -7.95 -22.42
N SER C 186 4.50 -9.12 -22.33
CA SER C 186 4.72 -9.99 -21.20
C SER C 186 5.60 -11.14 -21.64
N GLY C 187 6.76 -11.25 -21.01
CA GLY C 187 7.66 -12.34 -21.32
C GLY C 187 7.36 -13.42 -20.31
N ILE C 188 6.82 -14.55 -20.77
CA ILE C 188 6.51 -15.64 -19.87
C ILE C 188 7.73 -16.54 -19.89
N LEU C 189 8.71 -16.21 -19.05
CA LEU C 189 9.94 -16.97 -19.04
C LEU C 189 9.92 -18.11 -18.04
N PHE C 190 10.45 -19.25 -18.49
CA PHE C 190 10.53 -20.39 -17.62
C PHE C 190 11.81 -20.22 -16.84
N ASN C 191 12.00 -21.04 -15.82
CA ASN C 191 13.18 -20.92 -14.98
C ASN C 191 14.45 -20.73 -15.78
N HIS C 192 15.24 -19.73 -15.39
CA HIS C 192 16.53 -19.52 -16.01
C HIS C 192 17.47 -19.18 -14.89
N GLU C 193 18.61 -19.84 -14.91
CA GLU C 193 19.61 -19.67 -13.88
C GLU C 193 20.90 -19.18 -14.51
N SER C 194 21.93 -19.09 -13.69
CA SER C 194 23.23 -18.63 -14.13
C SER C 194 24.07 -18.53 -12.88
N PRO C 195 25.35 -18.14 -13.03
CA PRO C 195 26.21 -18.00 -11.86
C PRO C 195 25.70 -16.86 -10.97
N LEU C 196 24.77 -16.06 -11.50
CA LEU C 196 24.23 -14.94 -10.75
C LEU C 196 22.88 -15.24 -10.14
N ARG C 197 22.41 -16.47 -10.36
CA ARG C 197 21.13 -16.90 -9.84
C ARG C 197 21.09 -16.79 -8.31
N GLY C 198 20.03 -16.19 -7.79
CA GLY C 198 19.91 -16.05 -6.35
C GLY C 198 20.09 -17.37 -5.63
N ILE C 199 20.72 -17.31 -4.46
CA ILE C 199 21.00 -18.48 -3.64
C ILE C 199 19.73 -19.19 -3.17
N GLU C 200 18.61 -18.47 -3.16
CA GLU C 200 17.32 -19.01 -2.73
C GLU C 200 16.83 -20.10 -3.67
N PHE C 201 17.11 -19.93 -4.95
CA PHE C 201 16.64 -20.86 -5.96
C PHE C 201 17.41 -22.18 -5.93
N VAL C 202 16.69 -23.25 -6.24
CA VAL C 202 17.24 -24.59 -6.17
C VAL C 202 18.54 -24.86 -6.92
N THR C 203 18.68 -24.30 -8.11
CA THR C 203 19.91 -24.54 -8.87
C THR C 203 21.12 -23.92 -8.19
N ARG C 204 21.03 -22.63 -7.86
CA ARG C 204 22.14 -21.95 -7.21
C ARG C 204 22.37 -22.57 -5.84
N LYS C 205 21.28 -22.94 -5.18
CA LYS C 205 21.38 -23.55 -3.87
C LYS C 205 22.21 -24.83 -3.99
N VAL C 206 21.92 -25.61 -5.03
CA VAL C 206 22.62 -26.86 -5.26
C VAL C 206 24.08 -26.67 -5.65
N THR C 207 24.33 -25.83 -6.66
CA THR C 207 25.70 -25.61 -7.11
C THR C 207 26.54 -25.00 -6.00
N ASP C 208 25.93 -24.15 -5.18
CA ASP C 208 26.63 -23.53 -4.06
C ASP C 208 26.99 -24.62 -3.07
N ALA C 209 26.02 -25.48 -2.76
CA ALA C 209 26.23 -26.58 -1.83
C ALA C 209 27.29 -27.53 -2.39
N VAL C 210 27.18 -27.86 -3.67
CA VAL C 210 28.13 -28.74 -4.32
C VAL C 210 29.54 -28.19 -4.21
N ALA C 211 29.68 -26.88 -4.37
CA ALA C 211 30.98 -26.23 -4.28
C ALA C 211 31.54 -26.31 -2.87
N ARG C 212 30.70 -26.01 -1.88
CA ARG C 212 31.12 -26.06 -0.49
C ARG C 212 31.42 -27.49 -0.05
N ILE C 213 30.63 -28.43 -0.55
CA ILE C 213 30.84 -29.83 -0.22
C ILE C 213 32.15 -30.31 -0.84
N LYS C 214 32.32 -30.01 -2.13
CA LYS C 214 33.53 -30.40 -2.83
C LYS C 214 34.77 -29.81 -2.18
N LEU C 215 34.63 -28.60 -1.64
CA LEU C 215 35.74 -27.92 -0.99
C LEU C 215 35.79 -28.19 0.51
N GLY C 216 35.13 -29.27 0.92
CA GLY C 216 35.11 -29.66 2.32
C GLY C 216 34.64 -28.60 3.30
N LYS C 217 33.79 -27.69 2.86
CA LYS C 217 33.28 -26.66 3.74
C LYS C 217 31.85 -26.97 4.14
N GLN C 218 31.30 -28.03 3.55
CA GLN C 218 29.93 -28.44 3.84
C GLN C 218 29.84 -29.95 3.75
N GLN C 219 28.97 -30.54 4.57
CA GLN C 219 28.81 -31.99 4.59
C GLN C 219 27.57 -32.51 3.89
N GLU C 220 26.55 -31.67 3.77
CA GLU C 220 25.31 -32.11 3.14
C GLU C 220 24.57 -31.02 2.39
N LEU C 221 23.57 -31.45 1.62
CA LEU C 221 22.73 -30.56 0.85
C LEU C 221 21.30 -30.90 1.23
N ARG C 222 20.58 -29.91 1.73
CA ARG C 222 19.19 -30.12 2.12
C ARG C 222 18.24 -29.50 1.12
N LEU C 223 17.45 -30.35 0.46
CA LEU C 223 16.49 -29.88 -0.50
C LEU C 223 15.11 -30.35 -0.09
N GLY C 224 14.10 -29.81 -0.75
CA GLY C 224 12.74 -30.21 -0.44
C GLY C 224 12.30 -31.26 -1.44
N ASN C 225 11.37 -30.89 -2.30
CA ASN C 225 10.86 -31.80 -3.32
C ASN C 225 11.84 -31.89 -4.48
N VAL C 226 12.58 -33.00 -4.56
CA VAL C 226 13.54 -33.17 -5.65
C VAL C 226 12.92 -33.83 -6.87
N ASP C 227 11.62 -34.12 -6.78
CA ASP C 227 10.91 -34.73 -7.89
C ASP C 227 10.36 -33.67 -8.82
N ALA C 228 10.36 -32.42 -8.37
CA ALA C 228 9.86 -31.31 -9.17
C ALA C 228 10.63 -31.23 -10.48
N LYS C 229 9.90 -31.06 -11.58
CA LYS C 229 10.52 -30.96 -12.89
C LYS C 229 10.51 -29.52 -13.36
N ARG C 230 11.67 -29.03 -13.78
CA ARG C 230 11.77 -27.67 -14.24
C ARG C 230 12.44 -27.56 -15.59
N ASP C 231 11.96 -26.60 -16.37
CA ASP C 231 12.52 -26.31 -17.66
C ASP C 231 13.52 -25.21 -17.31
N TRP C 232 14.80 -25.56 -17.28
CA TRP C 232 15.85 -24.62 -16.92
C TRP C 232 16.68 -24.11 -18.08
N GLY C 233 16.77 -22.80 -18.18
CA GLY C 233 17.54 -22.18 -19.23
C GLY C 233 18.56 -21.25 -18.61
N PHE C 234 19.39 -20.64 -19.44
CA PHE C 234 20.42 -19.72 -18.98
C PHE C 234 19.92 -18.28 -19.09
N ALA C 235 20.01 -17.53 -17.99
CA ALA C 235 19.55 -16.15 -17.97
C ALA C 235 20.16 -15.34 -19.11
N GLY C 236 21.43 -15.60 -19.41
CA GLY C 236 22.09 -14.89 -20.49
C GLY C 236 21.35 -15.06 -21.81
N ASP C 237 20.86 -16.28 -22.05
CA ASP C 237 20.12 -16.57 -23.27
C ASP C 237 18.77 -15.87 -23.25
N TYR C 238 18.11 -15.94 -22.10
CA TYR C 238 16.78 -15.37 -21.94
C TYR C 238 16.64 -13.87 -22.03
N VAL C 239 17.62 -13.12 -21.52
CA VAL C 239 17.51 -11.67 -21.61
C VAL C 239 17.51 -11.23 -23.07
N GLU C 240 18.04 -12.06 -23.95
CA GLU C 240 18.06 -11.73 -25.37
C GLU C 240 16.62 -11.68 -25.84
N ALA C 241 15.82 -12.63 -25.37
CA ALA C 241 14.42 -12.71 -25.74
C ALA C 241 13.69 -11.45 -25.29
N MET C 242 14.03 -10.96 -24.11
CA MET C 242 13.39 -9.75 -23.58
C MET C 242 13.64 -8.60 -24.54
N TRP C 243 14.91 -8.42 -24.90
CA TRP C 243 15.29 -7.35 -25.80
C TRP C 243 14.58 -7.53 -27.15
N LEU C 244 14.59 -8.77 -27.66
CA LEU C 244 13.95 -9.06 -28.94
C LEU C 244 12.48 -8.68 -28.91
N MET C 245 11.83 -8.94 -27.78
CA MET C 245 10.43 -8.61 -27.65
C MET C 245 10.15 -7.12 -27.79
N LEU C 246 11.02 -6.29 -27.21
CA LEU C 246 10.81 -4.85 -27.31
C LEU C 246 11.25 -4.26 -28.64
N GLN C 247 11.78 -5.08 -29.54
CA GLN C 247 12.19 -4.58 -30.84
C GLN C 247 11.03 -4.78 -31.79
N GLN C 248 10.10 -5.65 -31.41
CA GLN C 248 8.93 -5.92 -32.24
C GLN C 248 8.12 -4.64 -32.37
N ASP C 249 7.57 -4.42 -33.56
CA ASP C 249 6.76 -3.23 -33.78
C ASP C 249 5.47 -3.34 -32.97
N LYS C 250 4.88 -4.54 -32.97
CA LYS C 250 3.65 -4.80 -32.25
C LYS C 250 3.95 -5.63 -31.00
N ALA C 251 3.65 -5.06 -29.84
CA ALA C 251 3.90 -5.76 -28.59
C ALA C 251 3.08 -7.04 -28.54
N ASP C 252 3.59 -8.04 -27.83
CA ASP C 252 2.90 -9.30 -27.70
C ASP C 252 3.56 -10.07 -26.56
N ASP C 253 3.03 -11.25 -26.26
CA ASP C 253 3.57 -12.05 -25.17
C ASP C 253 4.20 -13.32 -25.70
N TYR C 254 5.28 -13.73 -25.07
CA TYR C 254 5.99 -14.91 -25.52
C TYR C 254 6.48 -15.80 -24.41
N VAL C 255 6.41 -17.10 -24.64
CA VAL C 255 6.93 -18.05 -23.70
C VAL C 255 8.39 -18.20 -24.09
N VAL C 256 9.27 -18.17 -23.10
CA VAL C 256 10.69 -18.31 -23.35
C VAL C 256 11.13 -19.45 -22.46
N ALA C 257 11.57 -20.53 -23.07
CA ALA C 257 11.97 -21.72 -22.33
C ALA C 257 12.89 -22.57 -23.19
N THR C 258 13.37 -23.68 -22.62
CA THR C 258 14.24 -24.58 -23.36
C THR C 258 13.42 -25.70 -23.97
N GLY C 259 12.24 -25.96 -23.42
CA GLY C 259 11.42 -27.03 -23.93
C GLY C 259 11.93 -28.37 -23.43
N VAL C 260 12.82 -28.31 -22.44
CA VAL C 260 13.37 -29.52 -21.83
C VAL C 260 13.15 -29.38 -20.34
N THR C 261 12.53 -30.38 -19.73
CA THR C 261 12.28 -30.31 -18.29
C THR C 261 13.09 -31.39 -17.57
N THR C 262 13.57 -31.06 -16.39
CA THR C 262 14.39 -31.98 -15.62
C THR C 262 14.02 -31.95 -14.15
N THR C 263 14.13 -33.08 -13.48
CA THR C 263 13.82 -33.14 -12.06
C THR C 263 14.93 -32.43 -11.31
N VAL C 264 14.61 -31.95 -10.13
CA VAL C 264 15.58 -31.29 -9.29
C VAL C 264 16.67 -32.31 -8.95
N ARG C 265 16.24 -33.56 -8.75
CA ARG C 265 17.16 -34.64 -8.44
C ARG C 265 18.24 -34.76 -9.51
N ASP C 266 17.82 -34.90 -10.76
CA ASP C 266 18.77 -35.04 -11.85
C ASP C 266 19.67 -33.82 -11.99
N MET C 267 19.10 -32.63 -11.84
CA MET C 267 19.88 -31.41 -11.94
C MET C 267 20.89 -31.46 -10.82
N CYS C 268 20.44 -31.94 -9.66
CA CYS C 268 21.30 -32.07 -8.49
C CYS C 268 22.41 -33.08 -8.80
N GLN C 269 22.06 -34.16 -9.50
CA GLN C 269 23.05 -35.17 -9.84
C GLN C 269 24.08 -34.59 -10.80
N ILE C 270 23.62 -33.81 -11.77
CA ILE C 270 24.50 -33.19 -12.73
C ILE C 270 25.51 -32.29 -12.04
N ALA C 271 25.04 -31.51 -11.07
CA ALA C 271 25.91 -30.61 -10.33
C ALA C 271 27.01 -31.36 -9.59
N PHE C 272 26.61 -32.38 -8.83
CA PHE C 272 27.58 -33.16 -8.08
C PHE C 272 28.53 -33.93 -8.98
N GLU C 273 28.02 -34.50 -10.07
CA GLU C 273 28.87 -35.25 -10.98
C GLU C 273 29.95 -34.35 -11.59
N HIS C 274 29.63 -33.09 -11.79
CA HIS C 274 30.59 -32.17 -12.38
C HIS C 274 31.83 -32.01 -11.51
N VAL C 275 31.71 -32.35 -10.24
CA VAL C 275 32.86 -32.27 -9.33
C VAL C 275 33.21 -33.69 -8.86
N GLY C 276 32.79 -34.67 -9.65
CA GLY C 276 33.07 -36.06 -9.34
C GLY C 276 32.47 -36.59 -8.05
N LEU C 277 31.31 -36.07 -7.67
CA LEU C 277 30.67 -36.51 -6.45
C LEU C 277 29.33 -37.18 -6.68
N ASP C 278 28.95 -38.04 -5.74
CA ASP C 278 27.68 -38.74 -5.82
C ASP C 278 26.70 -37.99 -4.94
N TYR C 279 25.80 -37.24 -5.56
CA TYR C 279 24.81 -36.45 -4.83
C TYR C 279 24.14 -37.23 -3.72
N ARG C 280 24.00 -38.54 -3.93
CA ARG C 280 23.35 -39.40 -2.94
C ARG C 280 24.06 -39.46 -1.61
N ASP C 281 25.33 -39.07 -1.57
CA ASP C 281 26.08 -39.09 -0.33
C ASP C 281 25.86 -37.82 0.47
N PHE C 282 25.24 -36.82 -0.15
CA PHE C 282 25.03 -35.55 0.53
C PHE C 282 23.60 -35.03 0.53
N LEU C 283 22.81 -35.42 -0.47
CA LEU C 283 21.44 -34.94 -0.55
C LEU C 283 20.56 -35.47 0.57
N LYS C 284 19.95 -34.54 1.30
CA LYS C 284 19.06 -34.90 2.39
C LYS C 284 17.73 -34.21 2.11
N ILE C 285 16.65 -34.97 2.16
CA ILE C 285 15.33 -34.40 1.91
C ILE C 285 14.81 -33.78 3.19
N ASP C 286 14.62 -32.48 3.16
CA ASP C 286 14.12 -31.73 4.30
C ASP C 286 12.74 -31.18 4.02
N PRO C 287 11.72 -31.65 4.77
CA PRO C 287 10.34 -31.19 4.57
C PRO C 287 10.18 -29.69 4.72
N ALA C 288 11.11 -29.05 5.42
CA ALA C 288 11.06 -27.61 5.62
C ALA C 288 11.16 -26.86 4.30
N PHE C 289 11.59 -27.54 3.25
CA PHE C 289 11.72 -26.88 1.97
C PHE C 289 10.60 -27.22 1.00
N PHE C 290 9.61 -27.97 1.48
CA PHE C 290 8.48 -28.31 0.64
C PHE C 290 7.57 -27.10 0.54
N ARG C 291 6.88 -26.98 -0.59
CA ARG C 291 5.99 -25.86 -0.84
C ARG C 291 4.54 -26.16 -0.45
N PRO C 292 3.82 -25.15 0.05
CA PRO C 292 2.41 -25.35 0.45
C PRO C 292 1.63 -25.92 -0.73
N ALA C 293 1.90 -25.36 -1.90
CA ALA C 293 1.26 -25.79 -3.15
C ALA C 293 2.41 -25.86 -4.14
N GLU C 294 2.73 -27.07 -4.55
CA GLU C 294 3.84 -27.30 -5.46
C GLU C 294 3.50 -27.19 -6.93
N VAL C 295 4.49 -26.81 -7.72
CA VAL C 295 4.37 -26.74 -9.16
C VAL C 295 5.25 -27.93 -9.55
N ASP C 296 4.60 -29.08 -9.71
CA ASP C 296 5.28 -30.33 -10.02
C ASP C 296 6.16 -30.34 -11.26
N VAL C 297 5.63 -29.80 -12.35
CA VAL C 297 6.40 -29.79 -13.57
C VAL C 297 6.11 -28.60 -14.47
N LEU C 298 7.18 -28.06 -15.04
CA LEU C 298 7.09 -26.97 -15.96
C LEU C 298 7.89 -27.37 -17.19
N LEU C 299 7.25 -27.27 -18.35
CA LEU C 299 7.88 -27.61 -19.61
C LEU C 299 7.36 -26.61 -20.62
N GLY C 300 8.20 -25.65 -20.99
CA GLY C 300 7.78 -24.63 -21.91
C GLY C 300 7.88 -24.98 -23.37
N ASN C 301 7.05 -24.32 -24.17
CA ASN C 301 7.04 -24.49 -25.61
C ASN C 301 7.28 -23.09 -26.17
N PRO C 302 8.56 -22.77 -26.45
CA PRO C 302 8.92 -21.45 -26.99
C PRO C 302 8.85 -21.37 -28.51
N ALA C 303 7.92 -22.12 -29.11
CA ALA C 303 7.76 -22.12 -30.56
C ALA C 303 7.47 -20.72 -31.09
N LYS C 304 6.64 -19.98 -30.38
CA LYS C 304 6.30 -18.63 -30.82
C LYS C 304 7.52 -17.72 -30.78
N ALA C 305 8.28 -17.81 -29.69
CA ALA C 305 9.49 -17.00 -29.55
C ALA C 305 10.45 -17.34 -30.68
N GLN C 306 10.50 -18.62 -31.04
CA GLN C 306 11.37 -19.08 -32.10
C GLN C 306 10.95 -18.44 -33.43
N ARG C 307 9.67 -18.58 -33.75
CA ARG C 307 9.12 -18.05 -34.99
C ARG C 307 9.12 -16.53 -35.13
N VAL C 308 8.62 -15.85 -34.11
CA VAL C 308 8.50 -14.39 -34.17
C VAL C 308 9.75 -13.62 -33.76
N LEU C 309 10.37 -14.02 -32.65
CA LEU C 309 11.55 -13.33 -32.16
C LEU C 309 12.82 -13.92 -32.72
N GLY C 310 12.73 -15.12 -33.28
CA GLY C 310 13.90 -15.78 -33.83
C GLY C 310 14.77 -16.22 -32.67
N TRP C 311 14.15 -16.34 -31.50
CA TRP C 311 14.85 -16.74 -30.29
C TRP C 311 14.77 -18.23 -30.01
N LYS C 312 15.91 -18.79 -29.63
CA LYS C 312 16.00 -20.19 -29.29
C LYS C 312 17.01 -20.29 -28.16
N PRO C 313 16.78 -21.18 -27.20
CA PRO C 313 17.74 -21.29 -26.11
C PRO C 313 19.04 -21.83 -26.72
N ARG C 314 20.16 -21.50 -26.11
CA ARG C 314 21.45 -21.92 -26.63
C ARG C 314 22.22 -22.71 -25.59
N THR C 315 21.97 -22.41 -24.31
CA THR C 315 22.67 -23.09 -23.22
C THR C 315 21.79 -24.18 -22.62
N SER C 316 22.30 -25.41 -22.64
CA SER C 316 21.58 -26.55 -22.09
C SER C 316 21.78 -26.58 -20.58
N LEU C 317 20.96 -27.38 -19.89
CA LEU C 317 21.05 -27.49 -18.45
C LEU C 317 22.46 -27.91 -18.02
N ASP C 318 23.03 -28.89 -18.69
CA ASP C 318 24.36 -29.36 -18.33
C ASP C 318 25.37 -28.22 -18.37
N GLU C 319 25.38 -27.45 -19.46
CA GLU C 319 26.29 -26.32 -19.59
C GLU C 319 26.03 -25.35 -18.45
N LEU C 320 24.76 -25.02 -18.26
CA LEU C 320 24.36 -24.09 -17.21
C LEU C 320 24.85 -24.51 -15.83
N ILE C 321 24.55 -25.74 -15.45
CA ILE C 321 24.97 -26.24 -14.14
C ILE C 321 26.47 -26.25 -14.02
N ARG C 322 27.14 -26.60 -15.12
CA ARG C 322 28.59 -26.64 -15.14
C ARG C 322 29.15 -25.25 -14.82
N MET C 323 28.68 -24.24 -15.54
CA MET C 323 29.18 -22.89 -15.31
C MET C 323 28.80 -22.39 -13.92
N MET C 324 27.66 -22.84 -13.40
CA MET C 324 27.25 -22.42 -12.06
C MET C 324 28.12 -23.10 -11.01
N VAL C 325 28.38 -24.39 -11.19
CA VAL C 325 29.22 -25.11 -10.25
C VAL C 325 30.61 -24.49 -10.25
N GLU C 326 31.13 -24.22 -11.45
CA GLU C 326 32.45 -23.61 -11.58
C GLU C 326 32.51 -22.25 -10.88
N ALA C 327 31.48 -21.44 -11.09
CA ALA C 327 31.44 -20.12 -10.47
C ALA C 327 31.42 -20.25 -8.95
N ASP C 328 30.58 -21.15 -8.44
CA ASP C 328 30.49 -21.32 -7.00
C ASP C 328 31.77 -21.91 -6.41
N LEU C 329 32.45 -22.76 -7.15
CA LEU C 329 33.70 -23.32 -6.65
C LEU C 329 34.67 -22.17 -6.46
N ARG C 330 34.72 -21.28 -7.45
CA ARG C 330 35.60 -20.12 -7.40
C ARG C 330 35.24 -19.21 -6.22
N ARG C 331 33.94 -18.99 -6.01
CA ARG C 331 33.50 -18.15 -4.90
C ARG C 331 33.79 -18.78 -3.56
N VAL C 332 33.48 -20.07 -3.44
CA VAL C 332 33.69 -20.78 -2.19
C VAL C 332 35.16 -20.87 -1.81
N SER C 333 36.01 -21.18 -2.79
CA SER C 333 37.44 -21.29 -2.51
C SER C 333 38.02 -19.93 -2.18
N ARG C 334 37.31 -18.87 -2.58
CA ARG C 334 37.76 -17.50 -2.33
C ARG C 334 37.37 -17.02 -0.94
N GLU C 335 36.45 -17.72 -0.29
CA GLU C 335 36.01 -17.33 1.05
C GLU C 335 37.12 -17.61 2.06
N THR D 14 -26.29 -17.89 16.53
CA THR D 14 -25.29 -18.98 16.74
C THR D 14 -24.17 -18.90 15.72
N ARG D 15 -24.49 -19.15 14.45
CA ARG D 15 -23.49 -19.09 13.40
C ARG D 15 -23.22 -17.63 13.01
N SER D 16 -21.94 -17.28 12.95
CA SER D 16 -21.54 -15.92 12.62
C SER D 16 -20.98 -15.78 11.21
N ALA D 17 -21.38 -14.72 10.53
CA ALA D 17 -20.89 -14.47 9.19
C ALA D 17 -20.35 -13.06 9.12
N LEU D 18 -19.24 -12.89 8.40
CA LEU D 18 -18.65 -11.58 8.22
C LEU D 18 -18.70 -11.31 6.74
N VAL D 19 -19.45 -10.28 6.34
CA VAL D 19 -19.48 -9.97 4.94
C VAL D 19 -18.92 -8.57 4.75
N THR D 20 -17.90 -8.49 3.90
CA THR D 20 -17.30 -7.21 3.62
C THR D 20 -18.15 -6.65 2.49
N GLY D 21 -18.17 -5.34 2.34
CA GLY D 21 -18.98 -4.75 1.29
C GLY D 21 -20.45 -4.88 1.63
N ILE D 22 -20.74 -4.90 2.93
CA ILE D 22 -22.10 -5.04 3.43
C ILE D 22 -23.04 -3.93 2.97
N THR D 23 -22.49 -2.74 2.71
CA THR D 23 -23.32 -1.63 2.28
C THR D 23 -23.57 -1.66 0.77
N GLY D 24 -22.94 -2.60 0.08
CA GLY D 24 -23.12 -2.70 -1.36
C GLY D 24 -24.35 -3.50 -1.73
N GLN D 25 -24.58 -3.67 -3.03
CA GLN D 25 -25.74 -4.42 -3.49
C GLN D 25 -25.82 -5.84 -2.95
N ASP D 26 -24.82 -6.65 -3.24
CA ASP D 26 -24.78 -8.03 -2.80
C ASP D 26 -24.74 -8.16 -1.29
N GLY D 27 -23.96 -7.29 -0.64
CA GLY D 27 -23.86 -7.36 0.81
C GLY D 27 -25.23 -7.21 1.45
N ALA D 28 -26.04 -6.32 0.90
CA ALA D 28 -27.38 -6.09 1.43
C ALA D 28 -28.20 -7.36 1.27
N TYR D 29 -28.26 -7.88 0.05
CA TYR D 29 -29.05 -9.08 -0.20
C TYR D 29 -28.52 -10.28 0.56
N LEU D 30 -27.20 -10.43 0.60
CA LEU D 30 -26.62 -11.56 1.31
C LEU D 30 -26.92 -11.44 2.80
N ALA D 31 -26.72 -10.25 3.35
CA ALA D 31 -26.97 -10.01 4.77
C ALA D 31 -28.41 -10.38 5.10
N LYS D 32 -29.34 -9.96 4.25
CA LYS D 32 -30.74 -10.27 4.47
C LYS D 32 -30.91 -11.78 4.48
N LEU D 33 -30.29 -12.45 3.51
CA LEU D 33 -30.39 -13.91 3.43
C LEU D 33 -29.82 -14.57 4.68
N LEU D 34 -28.63 -14.15 5.08
CA LEU D 34 -27.99 -14.72 6.26
C LEU D 34 -28.82 -14.44 7.51
N LEU D 35 -29.35 -13.22 7.61
CA LEU D 35 -30.16 -12.85 8.76
C LEU D 35 -31.39 -13.74 8.84
N GLU D 36 -32.01 -14.01 7.70
CA GLU D 36 -33.21 -14.84 7.68
C GLU D 36 -32.87 -16.27 8.08
N LYS D 37 -31.60 -16.65 7.95
CA LYS D 37 -31.17 -17.99 8.32
C LYS D 37 -30.65 -18.02 9.75
N GLY D 38 -30.80 -16.91 10.46
CA GLY D 38 -30.37 -16.87 11.85
C GLY D 38 -28.90 -16.60 12.11
N TYR D 39 -28.19 -16.11 11.09
CA TYR D 39 -26.78 -15.80 11.28
C TYR D 39 -26.62 -14.52 12.04
N ARG D 40 -25.52 -14.40 12.78
CA ARG D 40 -25.20 -13.16 13.45
C ARG D 40 -24.39 -12.57 12.30
N VAL D 41 -24.88 -11.49 11.70
CA VAL D 41 -24.17 -10.91 10.58
C VAL D 41 -23.32 -9.71 10.92
N HIS D 42 -22.02 -9.84 10.69
CA HIS D 42 -21.08 -8.77 10.93
C HIS D 42 -20.79 -8.19 9.56
N GLY D 43 -20.84 -6.86 9.45
CA GLY D 43 -20.59 -6.23 8.17
C GLY D 43 -19.41 -5.29 8.25
N LEU D 44 -18.42 -5.51 7.39
CA LEU D 44 -17.27 -4.64 7.36
C LEU D 44 -17.67 -3.37 6.64
N VAL D 45 -17.52 -2.23 7.30
CA VAL D 45 -17.87 -0.96 6.68
C VAL D 45 -16.67 -0.04 6.67
N ALA D 46 -16.26 0.36 5.47
CA ALA D 46 -15.14 1.26 5.33
C ALA D 46 -15.63 2.60 5.86
N ARG D 47 -14.72 3.48 6.25
CA ARG D 47 -15.15 4.77 6.76
C ARG D 47 -15.52 5.68 5.59
N ARG D 48 -16.72 6.26 5.69
CA ARG D 48 -17.22 7.17 4.66
C ARG D 48 -17.67 8.44 5.39
N SER D 49 -17.56 9.58 4.71
CA SER D 49 -17.93 10.86 5.31
C SER D 49 -19.41 10.99 5.65
N SER D 50 -20.22 10.13 5.06
CA SER D 50 -21.65 10.15 5.33
C SER D 50 -22.16 8.74 5.43
N ASP D 51 -23.36 8.59 5.99
CA ASP D 51 -23.96 7.26 6.12
C ASP D 51 -24.19 6.72 4.73
N THR D 52 -23.84 5.47 4.50
CA THR D 52 -24.00 4.87 3.19
C THR D 52 -24.74 3.54 3.27
N ARG D 53 -25.57 3.39 4.30
CA ARG D 53 -26.30 2.16 4.51
C ARG D 53 -27.73 2.15 3.99
N TRP D 54 -28.01 2.96 2.98
CA TRP D 54 -29.36 3.01 2.43
C TRP D 54 -29.85 1.64 1.96
N ARG D 55 -28.96 0.83 1.40
CA ARG D 55 -29.36 -0.49 0.92
C ARG D 55 -29.83 -1.37 2.07
N LEU D 56 -29.15 -1.25 3.20
CA LEU D 56 -29.50 -2.03 4.37
C LEU D 56 -30.84 -1.57 4.92
N ARG D 57 -31.08 -0.26 4.91
CA ARG D 57 -32.36 0.25 5.40
C ARG D 57 -33.43 -0.16 4.43
N GLU D 58 -33.13 -0.08 3.14
CA GLU D 58 -34.08 -0.47 2.10
C GLU D 58 -34.60 -1.88 2.35
N LEU D 59 -33.70 -2.78 2.74
CA LEU D 59 -34.07 -4.16 3.02
C LEU D 59 -34.51 -4.34 4.47
N GLY D 60 -34.50 -3.25 5.23
CA GLY D 60 -34.92 -3.30 6.62
C GLY D 60 -34.04 -4.11 7.56
N ILE D 61 -32.75 -4.19 7.28
CA ILE D 61 -31.85 -4.95 8.15
C ILE D 61 -30.67 -4.13 8.65
N GLU D 62 -30.71 -2.82 8.42
CA GLU D 62 -29.60 -1.97 8.86
C GLU D 62 -29.31 -2.11 10.35
N GLY D 63 -30.34 -2.32 11.15
CA GLY D 63 -30.13 -2.45 12.58
C GLY D 63 -29.90 -3.88 13.06
N ASP D 64 -29.88 -4.84 12.14
CA ASP D 64 -29.68 -6.23 12.50
C ASP D 64 -28.25 -6.68 12.27
N ILE D 65 -27.41 -5.73 11.87
CA ILE D 65 -26.03 -6.04 11.56
C ILE D 65 -25.02 -5.49 12.57
N GLN D 66 -24.02 -6.31 12.87
CA GLN D 66 -22.95 -5.88 13.76
C GLN D 66 -21.89 -5.33 12.81
N TYR D 67 -21.72 -4.03 12.84
CA TYR D 67 -20.76 -3.37 11.97
C TYR D 67 -19.34 -3.41 12.46
N GLU D 68 -18.44 -3.73 11.54
CA GLU D 68 -17.03 -3.80 11.86
C GLU D 68 -16.38 -2.67 11.07
N ASP D 69 -15.73 -1.78 11.79
CA ASP D 69 -15.07 -0.63 11.22
C ASP D 69 -13.72 -1.06 10.64
N GLY D 70 -13.61 -1.06 9.32
CA GLY D 70 -12.36 -1.45 8.70
C GLY D 70 -12.34 -1.21 7.20
N ASP D 71 -11.19 -1.40 6.58
CA ASP D 71 -11.05 -1.18 5.15
C ASP D 71 -10.29 -2.34 4.53
N MET D 72 -10.73 -2.76 3.34
CA MET D 72 -10.09 -3.86 2.66
C MET D 72 -8.61 -3.60 2.41
N ALA D 73 -8.22 -2.32 2.34
CA ALA D 73 -6.83 -1.96 2.10
C ALA D 73 -6.03 -1.96 3.39
N ASP D 74 -6.72 -2.12 4.51
CA ASP D 74 -6.08 -2.12 5.83
C ASP D 74 -6.13 -3.54 6.37
N ALA D 75 -5.09 -4.31 6.07
CA ALA D 75 -4.99 -5.70 6.51
C ALA D 75 -5.23 -5.85 8.00
N CYS D 76 -4.72 -4.89 8.77
CA CYS D 76 -4.87 -4.92 10.21
C CYS D 76 -6.33 -4.79 10.61
N SER D 77 -7.04 -3.89 9.95
CA SER D 77 -8.45 -3.68 10.25
C SER D 77 -9.23 -4.91 9.83
N VAL D 78 -8.80 -5.54 8.75
CA VAL D 78 -9.46 -6.74 8.25
C VAL D 78 -9.25 -7.85 9.26
N GLN D 79 -8.01 -8.04 9.68
CA GLN D 79 -7.69 -9.07 10.66
C GLN D 79 -8.54 -8.80 11.90
N ARG D 80 -8.60 -7.54 12.30
CA ARG D 80 -9.37 -7.11 13.46
C ARG D 80 -10.85 -7.49 13.34
N ALA D 81 -11.43 -7.25 12.17
CA ALA D 81 -12.84 -7.58 11.95
C ALA D 81 -13.07 -9.08 12.08
N VAL D 82 -12.17 -9.86 11.50
CA VAL D 82 -12.29 -11.32 11.53
C VAL D 82 -12.21 -11.81 12.98
N ILE D 83 -11.20 -11.34 13.71
CA ILE D 83 -11.02 -11.71 15.10
C ILE D 83 -12.26 -11.31 15.90
N LYS D 84 -12.71 -10.09 15.69
CA LYS D 84 -13.88 -9.58 16.39
C LYS D 84 -15.13 -10.38 16.07
N ALA D 85 -15.40 -10.57 14.79
CA ALA D 85 -16.59 -11.30 14.36
C ALA D 85 -16.55 -12.81 14.60
N GLN D 86 -15.34 -13.39 14.68
CA GLN D 86 -15.20 -14.83 14.87
C GLN D 86 -16.19 -15.51 13.93
N PRO D 87 -16.14 -15.17 12.64
CA PRO D 87 -17.06 -15.76 11.66
C PRO D 87 -16.78 -17.20 11.28
N GLN D 88 -17.86 -17.92 10.97
CA GLN D 88 -17.73 -19.30 10.51
C GLN D 88 -17.70 -19.12 8.99
N GLU D 89 -18.26 -18.00 8.55
CA GLU D 89 -18.33 -17.69 7.13
C GLU D 89 -17.94 -16.25 6.86
N VAL D 90 -17.10 -16.08 5.86
CA VAL D 90 -16.65 -14.76 5.46
C VAL D 90 -16.97 -14.61 3.98
N TYR D 91 -17.71 -13.56 3.66
CA TYR D 91 -18.08 -13.27 2.28
C TYR D 91 -17.39 -11.99 1.89
N ASN D 92 -16.38 -12.10 1.02
CA ASN D 92 -15.67 -10.92 0.60
C ASN D 92 -16.37 -10.29 -0.60
N LEU D 93 -17.28 -9.38 -0.31
CA LEU D 93 -18.02 -8.70 -1.36
C LEU D 93 -17.50 -7.27 -1.53
N ALA D 94 -16.65 -6.83 -0.62
CA ALA D 94 -16.11 -5.49 -0.68
C ALA D 94 -15.17 -5.32 -1.86
N ALA D 95 -15.35 -4.23 -2.59
CA ALA D 95 -14.49 -3.98 -3.73
C ALA D 95 -14.81 -2.69 -4.44
N GLN D 96 -13.84 -2.24 -5.22
CA GLN D 96 -13.99 -1.10 -6.09
C GLN D 96 -14.53 -2.00 -7.19
N SER D 97 -15.86 -2.14 -7.26
CA SER D 97 -16.49 -3.06 -8.20
C SER D 97 -16.87 -2.52 -9.55
N PHE D 98 -16.56 -1.26 -9.81
CA PHE D 98 -16.91 -0.66 -11.09
C PHE D 98 -15.76 -0.68 -12.07
N VAL D 99 -15.98 -1.37 -13.18
CA VAL D 99 -14.99 -1.47 -14.23
C VAL D 99 -14.65 -0.09 -14.75
N GLY D 100 -15.67 0.73 -14.94
CA GLY D 100 -15.49 2.07 -15.46
C GLY D 100 -14.52 2.94 -14.68
N ALA D 101 -14.22 2.56 -13.45
CA ALA D 101 -13.30 3.34 -12.63
C ALA D 101 -11.93 2.69 -12.52
N SER D 102 -11.83 1.43 -12.94
CA SER D 102 -10.59 0.69 -12.82
C SER D 102 -9.40 1.22 -13.62
N TRP D 103 -9.65 1.95 -14.71
CA TRP D 103 -8.55 2.49 -15.50
C TRP D 103 -8.03 3.78 -14.87
N ASN D 104 -8.92 4.52 -14.23
CA ASN D 104 -8.57 5.76 -13.56
C ASN D 104 -7.80 5.46 -12.28
N GLN D 105 -8.22 4.42 -11.56
CA GLN D 105 -7.55 4.05 -10.32
C GLN D 105 -7.29 2.54 -10.32
N PRO D 106 -6.37 2.10 -11.18
CA PRO D 106 -6.01 0.69 -11.32
C PRO D 106 -5.34 0.14 -10.07
N VAL D 107 -4.68 1.01 -9.32
CA VAL D 107 -3.99 0.58 -8.11
C VAL D 107 -4.96 0.33 -6.98
N THR D 108 -5.81 1.30 -6.70
CA THR D 108 -6.78 1.11 -5.64
C THR D 108 -7.63 -0.11 -5.98
N THR D 109 -7.97 -0.24 -7.26
CA THR D 109 -8.75 -1.38 -7.71
C THR D 109 -7.97 -2.65 -7.40
N GLY D 110 -6.68 -2.64 -7.73
CA GLY D 110 -5.83 -3.78 -7.47
C GLY D 110 -5.70 -4.07 -5.99
N VAL D 111 -5.43 -3.02 -5.21
CA VAL D 111 -5.27 -3.15 -3.77
C VAL D 111 -6.54 -3.68 -3.11
N VAL D 112 -7.66 -3.05 -3.39
CA VAL D 112 -8.92 -3.44 -2.80
C VAL D 112 -9.49 -4.76 -3.34
N ASP D 113 -9.54 -4.89 -4.66
CA ASP D 113 -10.10 -6.09 -5.27
C ASP D 113 -9.18 -7.29 -5.33
N GLY D 114 -7.88 -7.04 -5.24
CA GLY D 114 -6.91 -8.12 -5.30
C GLY D 114 -6.27 -8.36 -3.94
N LEU D 115 -5.44 -7.43 -3.50
CA LEU D 115 -4.76 -7.58 -2.23
C LEU D 115 -5.77 -7.71 -1.09
N GLY D 116 -6.88 -7.01 -1.22
CA GLY D 116 -7.90 -7.08 -0.18
C GLY D 116 -8.27 -8.53 0.09
N VAL D 117 -8.37 -9.32 -0.97
CA VAL D 117 -8.73 -10.72 -0.83
C VAL D 117 -7.63 -11.40 -0.02
N THR D 118 -6.39 -11.08 -0.35
CA THR D 118 -5.25 -11.63 0.35
C THR D 118 -5.30 -11.23 1.82
N HIS D 119 -5.70 -9.99 2.09
CA HIS D 119 -5.78 -9.53 3.46
C HIS D 119 -6.74 -10.39 4.27
N LEU D 120 -7.90 -10.67 3.67
CA LEU D 120 -8.92 -11.47 4.34
C LEU D 120 -8.47 -12.91 4.48
N LEU D 121 -7.92 -13.46 3.40
CA LEU D 121 -7.45 -14.83 3.43
C LEU D 121 -6.39 -14.94 4.53
N GLU D 122 -5.53 -13.93 4.62
CA GLU D 122 -4.49 -13.93 5.64
C GLU D 122 -5.10 -13.87 7.03
N ALA D 123 -6.11 -13.02 7.21
CA ALA D 123 -6.78 -12.90 8.49
C ALA D 123 -7.34 -14.25 8.89
N ILE D 124 -7.96 -14.93 7.94
CA ILE D 124 -8.54 -16.24 8.16
C ILE D 124 -7.45 -17.28 8.44
N ARG D 125 -6.42 -17.27 7.59
CA ARG D 125 -5.33 -18.23 7.75
C ARG D 125 -4.63 -18.10 9.09
N GLN D 126 -4.39 -16.88 9.51
CA GLN D 126 -3.68 -16.64 10.76
C GLN D 126 -4.50 -16.69 12.04
N PHE D 127 -5.78 -16.35 11.96
CA PHE D 127 -6.62 -16.35 13.16
C PHE D 127 -7.63 -17.48 13.28
N SER D 128 -8.32 -17.82 12.20
CA SER D 128 -9.29 -18.90 12.26
C SER D 128 -9.38 -19.58 10.91
N PRO D 129 -8.44 -20.49 10.63
CA PRO D 129 -8.37 -21.24 9.37
C PRO D 129 -9.58 -22.11 9.09
N GLU D 130 -10.49 -22.21 10.05
CA GLU D 130 -11.68 -23.02 9.85
C GLU D 130 -12.82 -22.22 9.23
N THR D 131 -12.80 -20.90 9.33
CA THR D 131 -13.91 -20.15 8.74
C THR D 131 -13.89 -20.29 7.23
N ARG D 132 -15.09 -20.42 6.68
CA ARG D 132 -15.24 -20.57 5.25
C ARG D 132 -15.23 -19.22 4.60
N PHE D 133 -14.58 -19.15 3.46
CA PHE D 133 -14.42 -17.91 2.76
C PHE D 133 -15.01 -17.93 1.37
N TYR D 134 -15.66 -16.83 1.03
CA TYR D 134 -16.26 -16.69 -0.28
C TYR D 134 -15.62 -15.45 -0.90
N GLN D 135 -15.12 -15.61 -2.12
CA GLN D 135 -14.53 -14.49 -2.83
C GLN D 135 -15.48 -14.09 -3.94
N ALA D 136 -15.83 -12.82 -3.98
CA ALA D 136 -16.73 -12.32 -5.00
C ALA D 136 -15.99 -12.15 -6.32
N SER D 137 -15.81 -13.26 -7.04
CA SER D 137 -15.13 -13.18 -8.32
C SER D 137 -16.14 -12.73 -9.36
N THR D 138 -15.66 -12.47 -10.57
CA THR D 138 -16.53 -11.92 -11.60
C THR D 138 -16.30 -12.42 -13.01
N SER D 139 -17.38 -12.38 -13.79
CA SER D 139 -17.32 -12.78 -15.18
C SER D 139 -16.42 -11.85 -15.96
N GLU D 140 -16.09 -10.70 -15.37
CA GLU D 140 -15.19 -9.76 -16.03
C GLU D 140 -13.86 -10.47 -16.27
N MET D 141 -13.55 -11.42 -15.41
CA MET D 141 -12.30 -12.17 -15.54
C MET D 141 -12.26 -12.90 -16.88
N PHE D 142 -13.43 -13.20 -17.44
CA PHE D 142 -13.48 -13.87 -18.74
C PHE D 142 -13.24 -12.86 -19.84
N GLY D 143 -13.51 -11.59 -19.54
CA GLY D 143 -13.31 -10.49 -20.47
C GLY D 143 -13.51 -10.84 -21.93
N LEU D 144 -12.41 -10.94 -22.66
CA LEU D 144 -12.46 -11.31 -24.08
C LEU D 144 -12.73 -12.79 -23.99
N ILE D 145 -14.02 -13.14 -23.90
CA ILE D 145 -14.42 -14.53 -23.73
C ILE D 145 -13.69 -15.52 -24.65
N GLN D 146 -13.19 -16.57 -24.03
CA GLN D 146 -12.46 -17.61 -24.73
C GLN D 146 -13.36 -18.79 -25.07
N ALA D 147 -14.65 -18.61 -24.85
CA ALA D 147 -15.65 -19.63 -25.14
C ALA D 147 -16.97 -18.88 -25.25
N GLU D 148 -17.85 -19.35 -26.13
CA GLU D 148 -19.14 -18.69 -26.33
C GLU D 148 -19.91 -18.61 -25.01
N ARG D 149 -19.88 -19.69 -24.24
CA ARG D 149 -20.53 -19.74 -22.95
C ARG D 149 -19.42 -20.04 -21.95
N GLN D 150 -19.19 -19.11 -21.03
CA GLN D 150 -18.12 -19.29 -20.06
C GLN D 150 -18.51 -20.08 -18.82
N ASP D 151 -17.70 -21.08 -18.51
CA ASP D 151 -17.92 -21.86 -17.30
C ASP D 151 -16.62 -21.83 -16.54
N GLU D 152 -16.51 -22.61 -15.48
CA GLU D 152 -15.32 -22.65 -14.65
C GLU D 152 -14.03 -22.96 -15.40
N ASN D 153 -14.11 -23.70 -16.50
CA ASN D 153 -12.91 -24.07 -17.24
C ASN D 153 -12.59 -23.14 -18.40
N THR D 154 -13.40 -22.12 -18.59
CA THR D 154 -13.14 -21.18 -19.66
C THR D 154 -11.94 -20.33 -19.25
N PRO D 155 -10.90 -20.29 -20.09
CA PRO D 155 -9.70 -19.51 -19.77
C PRO D 155 -10.08 -18.04 -19.55
N PHE D 156 -9.49 -17.44 -18.52
CA PHE D 156 -9.76 -16.04 -18.21
C PHE D 156 -9.01 -15.13 -19.16
N TYR D 157 -9.57 -13.96 -19.41
CA TYR D 157 -8.94 -12.99 -20.29
C TYR D 157 -9.48 -11.65 -19.86
N PRO D 158 -8.97 -11.12 -18.74
CA PRO D 158 -9.40 -9.82 -18.21
C PRO D 158 -9.17 -8.69 -19.19
N ARG D 159 -10.08 -7.72 -19.17
CA ARG D 159 -10.03 -6.59 -20.09
C ARG D 159 -10.01 -5.25 -19.37
N SER D 160 -9.76 -5.29 -18.07
CA SER D 160 -9.70 -4.06 -17.29
C SER D 160 -8.91 -4.31 -16.02
N PRO D 161 -8.37 -3.26 -15.42
CA PRO D 161 -7.60 -3.42 -14.19
C PRO D 161 -8.51 -4.05 -13.12
N TYR D 162 -9.82 -3.89 -13.29
CA TYR D 162 -10.77 -4.48 -12.36
C TYR D 162 -10.77 -5.98 -12.60
N GLY D 163 -10.88 -6.36 -13.87
CA GLY D 163 -10.89 -7.77 -14.21
C GLY D 163 -9.59 -8.41 -13.79
N VAL D 164 -8.48 -7.72 -14.00
CA VAL D 164 -7.17 -8.23 -13.64
C VAL D 164 -7.03 -8.36 -12.12
N ALA D 165 -7.51 -7.36 -11.40
CA ALA D 165 -7.44 -7.36 -9.95
C ALA D 165 -8.28 -8.51 -9.41
N LYS D 166 -9.48 -8.67 -9.96
CA LYS D 166 -10.37 -9.75 -9.54
C LYS D 166 -9.77 -11.09 -9.89
N LEU D 167 -9.05 -11.16 -11.00
CA LEU D 167 -8.42 -12.42 -11.39
C LEU D 167 -7.43 -12.79 -10.30
N TYR D 168 -6.72 -11.80 -9.79
CA TYR D 168 -5.77 -12.04 -8.71
C TYR D 168 -6.57 -12.55 -7.51
N GLY D 169 -7.66 -11.86 -7.21
CA GLY D 169 -8.51 -12.25 -6.09
C GLY D 169 -9.02 -13.66 -6.23
N HIS D 170 -9.38 -14.04 -7.45
CA HIS D 170 -9.88 -15.37 -7.73
C HIS D 170 -8.77 -16.38 -7.47
N TRP D 171 -7.64 -16.17 -8.10
CA TRP D 171 -6.51 -17.08 -7.97
C TRP D 171 -5.88 -17.14 -6.59
N ILE D 172 -5.87 -16.03 -5.86
CA ILE D 172 -5.28 -16.07 -4.54
C ILE D 172 -6.21 -16.88 -3.63
N THR D 173 -7.50 -16.84 -3.91
CA THR D 173 -8.48 -17.59 -3.13
C THR D 173 -8.24 -19.06 -3.40
N VAL D 174 -8.17 -19.40 -4.68
CA VAL D 174 -7.89 -20.76 -5.10
C VAL D 174 -6.59 -21.20 -4.45
N ASN D 175 -5.59 -20.33 -4.51
CA ASN D 175 -4.29 -20.67 -3.95
C ASN D 175 -4.28 -20.93 -2.46
N TYR D 176 -5.03 -20.14 -1.69
CA TYR D 176 -5.08 -20.37 -0.25
C TYR D 176 -5.82 -21.67 0.04
N ARG D 177 -6.81 -21.96 -0.79
CA ARG D 177 -7.55 -23.21 -0.62
C ARG D 177 -6.57 -24.36 -0.82
N GLU D 178 -5.86 -24.31 -1.95
CA GLU D 178 -4.91 -25.36 -2.29
C GLU D 178 -3.62 -25.38 -1.47
N SER D 179 -3.20 -24.22 -1.01
CA SER D 179 -1.97 -24.12 -0.22
C SER D 179 -2.15 -24.46 1.24
N PHE D 180 -3.27 -24.03 1.82
CA PHE D 180 -3.48 -24.27 3.24
C PHE D 180 -4.73 -25.06 3.55
N GLY D 181 -5.39 -25.58 2.52
CA GLY D 181 -6.59 -26.34 2.75
C GLY D 181 -7.70 -25.46 3.30
N LEU D 182 -7.58 -24.14 3.10
CA LEU D 182 -8.61 -23.25 3.60
C LEU D 182 -9.88 -23.47 2.79
N HIS D 183 -11.01 -23.45 3.49
CA HIS D 183 -12.28 -23.61 2.81
C HIS D 183 -12.53 -22.26 2.17
N ALA D 184 -11.93 -22.05 1.01
CA ALA D 184 -12.04 -20.79 0.28
C ALA D 184 -12.58 -21.07 -1.11
N SER D 185 -13.68 -20.42 -1.44
CA SER D 185 -14.33 -20.61 -2.73
C SER D 185 -14.44 -19.30 -3.48
N SER D 186 -14.28 -19.39 -4.79
CA SER D 186 -14.40 -18.21 -5.63
C SER D 186 -15.68 -18.31 -6.43
N GLY D 187 -16.59 -17.38 -6.19
CA GLY D 187 -17.83 -17.39 -6.93
C GLY D 187 -17.60 -16.53 -8.16
N ILE D 188 -17.68 -17.12 -9.34
CA ILE D 188 -17.49 -16.34 -10.56
C ILE D 188 -18.87 -15.92 -11.02
N LEU D 189 -19.35 -14.84 -10.44
CA LEU D 189 -20.67 -14.37 -10.77
C LEU D 189 -20.70 -13.42 -11.95
N PHE D 190 -21.70 -13.61 -12.79
CA PHE D 190 -21.86 -12.76 -13.94
C PHE D 190 -22.69 -11.59 -13.45
N ASN D 191 -22.82 -10.57 -14.28
CA ASN D 191 -23.56 -9.39 -13.89
C ASN D 191 -24.90 -9.68 -13.23
N HIS D 192 -25.08 -9.11 -12.04
CA HIS D 192 -26.34 -9.25 -11.35
C HIS D 192 -26.71 -7.87 -10.86
N GLU D 193 -27.96 -7.52 -11.09
CA GLU D 193 -28.45 -6.21 -10.73
C GLU D 193 -29.61 -6.37 -9.76
N SER D 194 -30.25 -5.25 -9.46
CA SER D 194 -31.38 -5.22 -8.55
C SER D 194 -31.67 -3.74 -8.33
N PRO D 195 -32.70 -3.45 -7.54
CA PRO D 195 -33.05 -2.05 -7.26
C PRO D 195 -31.93 -1.40 -6.43
N LEU D 196 -31.02 -2.22 -5.91
CA LEU D 196 -29.92 -1.72 -5.10
C LEU D 196 -28.63 -1.62 -5.91
N ARG D 197 -28.71 -1.97 -7.18
CA ARG D 197 -27.55 -1.92 -8.07
C ARG D 197 -27.01 -0.49 -8.10
N GLY D 198 -25.69 -0.37 -8.02
CA GLY D 198 -25.09 0.96 -8.06
C GLY D 198 -25.47 1.75 -9.29
N ILE D 199 -25.63 3.05 -9.11
CA ILE D 199 -26.00 3.95 -10.19
C ILE D 199 -24.96 3.95 -11.32
N GLU D 200 -23.73 3.56 -10.99
CA GLU D 200 -22.64 3.52 -11.96
C GLU D 200 -22.87 2.48 -13.05
N PHE D 201 -23.51 1.38 -12.69
CA PHE D 201 -23.73 0.30 -13.63
C PHE D 201 -24.83 0.56 -14.63
N VAL D 202 -24.63 0.08 -15.84
CA VAL D 202 -25.55 0.32 -16.93
C VAL D 202 -27.03 0.06 -16.67
N THR D 203 -27.36 -1.04 -16.00
CA THR D 203 -28.77 -1.33 -15.74
C THR D 203 -29.41 -0.29 -14.84
N ARG D 204 -28.77 0.00 -13.71
CA ARG D 204 -29.29 0.99 -12.77
C ARG D 204 -29.28 2.38 -13.39
N LYS D 205 -28.24 2.67 -14.15
CA LYS D 205 -28.13 3.97 -14.80
C LYS D 205 -29.32 4.11 -15.75
N VAL D 206 -29.62 3.05 -16.48
CA VAL D 206 -30.73 3.06 -17.41
C VAL D 206 -32.06 3.19 -16.70
N THR D 207 -32.32 2.29 -15.74
CA THR D 207 -33.59 2.34 -15.03
C THR D 207 -33.78 3.66 -14.30
N ASP D 208 -32.70 4.22 -13.80
CA ASP D 208 -32.77 5.50 -13.11
C ASP D 208 -33.13 6.58 -14.12
N ALA D 209 -32.48 6.54 -15.28
CA ALA D 209 -32.74 7.51 -16.34
C ALA D 209 -34.18 7.37 -16.82
N VAL D 210 -34.62 6.14 -17.03
CA VAL D 210 -35.98 5.87 -17.48
C VAL D 210 -36.99 6.45 -16.52
N ALA D 211 -36.77 6.23 -15.22
CA ALA D 211 -37.69 6.76 -14.22
C ALA D 211 -37.70 8.28 -14.23
N ARG D 212 -36.53 8.89 -14.34
CA ARG D 212 -36.42 10.35 -14.35
C ARG D 212 -37.01 10.92 -15.64
N ILE D 213 -36.86 10.19 -16.74
CA ILE D 213 -37.39 10.62 -18.01
C ILE D 213 -38.91 10.49 -18.00
N LYS D 214 -39.40 9.32 -17.61
CA LYS D 214 -40.83 9.08 -17.54
C LYS D 214 -41.50 10.13 -16.66
N LEU D 215 -40.82 10.55 -15.61
CA LEU D 215 -41.36 11.53 -14.70
C LEU D 215 -41.00 12.96 -15.09
N GLY D 216 -40.64 13.14 -16.35
CA GLY D 216 -40.29 14.47 -16.84
C GLY D 216 -39.23 15.21 -16.07
N LYS D 217 -38.31 14.49 -15.44
CA LYS D 217 -37.25 15.12 -14.68
C LYS D 217 -35.91 14.99 -15.42
N GLN D 218 -35.96 14.37 -16.59
CA GLN D 218 -34.77 14.17 -17.40
C GLN D 218 -35.20 14.06 -18.85
N GLN D 219 -34.37 14.58 -19.75
CA GLN D 219 -34.70 14.55 -21.17
C GLN D 219 -34.01 13.46 -21.97
N GLU D 220 -32.83 13.03 -21.53
CA GLU D 220 -32.11 12.01 -22.27
C GLU D 220 -31.30 11.05 -21.41
N LEU D 221 -30.84 9.98 -22.04
CA LEU D 221 -30.04 8.97 -21.40
C LEU D 221 -28.76 8.84 -22.21
N ARG D 222 -27.62 9.07 -21.56
CA ARG D 222 -26.34 8.95 -22.24
C ARG D 222 -25.66 7.64 -21.89
N LEU D 223 -25.45 6.80 -22.89
CA LEU D 223 -24.78 5.54 -22.70
C LEU D 223 -23.62 5.48 -23.66
N GLY D 224 -22.73 4.51 -23.46
CA GLY D 224 -21.60 4.36 -24.33
C GLY D 224 -21.89 3.27 -25.33
N ASN D 225 -21.23 2.13 -25.15
CA ASN D 225 -21.42 1.00 -26.04
C ASN D 225 -22.68 0.21 -25.67
N VAL D 226 -23.74 0.42 -26.43
CA VAL D 226 -24.99 -0.28 -26.17
C VAL D 226 -25.03 -1.63 -26.86
N ASP D 227 -23.97 -1.96 -27.59
CA ASP D 227 -23.89 -3.24 -28.28
C ASP D 227 -23.34 -4.32 -27.39
N ALA D 228 -22.82 -3.93 -26.23
CA ALA D 228 -22.26 -4.89 -25.30
C ALA D 228 -23.36 -5.84 -24.82
N LYS D 229 -23.05 -7.12 -24.80
CA LYS D 229 -24.00 -8.13 -24.37
C LYS D 229 -23.65 -8.59 -22.97
N ARG D 230 -24.65 -8.60 -22.09
CA ARG D 230 -24.42 -9.03 -20.73
C ARG D 230 -25.40 -10.08 -20.25
N ASP D 231 -24.88 -10.99 -19.45
CA ASP D 231 -25.68 -12.03 -18.85
C ASP D 231 -26.07 -11.36 -17.54
N TRP D 232 -27.33 -10.93 -17.45
CA TRP D 232 -27.83 -10.24 -16.26
C TRP D 232 -28.75 -11.06 -15.39
N GLY D 233 -28.40 -11.15 -14.11
CA GLY D 233 -29.22 -11.88 -13.17
C GLY D 233 -29.61 -10.95 -12.05
N PHE D 234 -30.43 -11.45 -11.14
CA PHE D 234 -30.89 -10.66 -10.00
C PHE D 234 -29.99 -10.97 -8.81
N ALA D 235 -29.45 -9.93 -8.18
CA ALA D 235 -28.55 -10.09 -7.04
C ALA D 235 -29.16 -11.02 -5.98
N GLY D 236 -30.47 -10.86 -5.75
CA GLY D 236 -31.15 -11.68 -4.77
C GLY D 236 -30.99 -13.16 -5.04
N ASP D 237 -31.08 -13.55 -6.32
CA ASP D 237 -30.91 -14.95 -6.70
C ASP D 237 -29.48 -15.41 -6.45
N TYR D 238 -28.54 -14.55 -6.86
CA TYR D 238 -27.12 -14.84 -6.76
C TYR D 238 -26.52 -14.99 -5.38
N VAL D 239 -26.93 -14.16 -4.43
CA VAL D 239 -26.39 -14.29 -3.08
C VAL D 239 -26.72 -15.67 -2.52
N GLU D 240 -27.71 -16.34 -3.10
CA GLU D 240 -28.08 -17.67 -2.65
C GLU D 240 -26.96 -18.63 -3.01
N ALA D 241 -26.40 -18.45 -4.20
CA ALA D 241 -25.31 -19.31 -4.66
C ALA D 241 -24.10 -19.13 -3.76
N MET D 242 -23.88 -17.91 -3.31
CA MET D 242 -22.76 -17.61 -2.42
C MET D 242 -22.88 -18.42 -1.15
N TRP D 243 -24.06 -18.33 -0.54
CA TRP D 243 -24.31 -19.05 0.69
C TRP D 243 -24.20 -20.55 0.44
N LEU D 244 -24.78 -21.02 -0.66
CA LEU D 244 -24.74 -22.44 -0.99
C LEU D 244 -23.31 -22.93 -1.11
N MET D 245 -22.45 -22.10 -1.70
CA MET D 245 -21.07 -22.47 -1.87
C MET D 245 -20.37 -22.72 -0.55
N LEU D 246 -20.66 -21.88 0.44
CA LEU D 246 -20.01 -22.07 1.72
C LEU D 246 -20.62 -23.19 2.57
N GLN D 247 -21.67 -23.83 2.07
CA GLN D 247 -22.29 -24.94 2.80
C GLN D 247 -21.64 -26.23 2.35
N GLN D 248 -21.02 -26.20 1.19
CA GLN D 248 -20.36 -27.39 0.66
C GLN D 248 -19.24 -27.80 1.59
N ASP D 249 -19.06 -29.10 1.75
CA ASP D 249 -18.03 -29.61 2.62
C ASP D 249 -16.66 -29.25 2.04
N LYS D 250 -16.51 -29.38 0.73
CA LYS D 250 -15.25 -29.07 0.07
C LYS D 250 -15.40 -27.82 -0.77
N ALA D 251 -14.56 -26.83 -0.50
CA ALA D 251 -14.60 -25.58 -1.22
C ALA D 251 -14.31 -25.81 -2.69
N ASP D 252 -14.88 -24.96 -3.53
CA ASP D 252 -14.67 -25.05 -4.97
C ASP D 252 -15.16 -23.75 -5.60
N ASP D 253 -14.94 -23.61 -6.90
CA ASP D 253 -15.32 -22.39 -7.59
C ASP D 253 -16.49 -22.64 -8.53
N TYR D 254 -17.38 -21.66 -8.60
CA TYR D 254 -18.57 -21.80 -9.42
C TYR D 254 -18.96 -20.58 -10.21
N VAL D 255 -19.36 -20.81 -11.44
CA VAL D 255 -19.84 -19.73 -12.27
C VAL D 255 -21.32 -19.63 -11.90
N VAL D 256 -21.77 -18.40 -11.65
CA VAL D 256 -23.16 -18.17 -11.31
C VAL D 256 -23.64 -17.16 -12.32
N ALA D 257 -24.64 -17.54 -13.11
CA ALA D 257 -25.16 -16.67 -14.16
C ALA D 257 -26.52 -17.17 -14.62
N THR D 258 -27.11 -16.47 -15.58
CA THR D 258 -28.43 -16.86 -16.08
C THR D 258 -28.31 -17.72 -17.34
N GLY D 259 -27.22 -17.56 -18.07
CA GLY D 259 -27.06 -18.33 -19.29
C GLY D 259 -27.77 -17.65 -20.44
N VAL D 260 -28.17 -16.41 -20.19
CA VAL D 260 -28.85 -15.59 -21.18
C VAL D 260 -28.09 -14.27 -21.25
N THR D 261 -27.65 -13.91 -22.46
CA THR D 261 -26.95 -12.65 -22.62
C THR D 261 -27.81 -11.71 -23.45
N THR D 262 -27.80 -10.44 -23.09
CA THR D 262 -28.61 -9.45 -23.78
C THR D 262 -27.79 -8.18 -24.03
N THR D 263 -28.04 -7.52 -25.16
CA THR D 263 -27.33 -6.30 -25.47
C THR D 263 -27.81 -5.21 -24.53
N VAL D 264 -26.97 -4.22 -24.29
CA VAL D 264 -27.34 -3.11 -23.43
C VAL D 264 -28.53 -2.40 -24.07
N ARG D 265 -28.54 -2.34 -25.40
CA ARG D 265 -29.60 -1.68 -26.14
C ARG D 265 -30.96 -2.30 -25.82
N ASP D 266 -31.06 -3.61 -25.95
CA ASP D 266 -32.32 -4.29 -25.66
C ASP D 266 -32.72 -4.11 -24.21
N MET D 267 -31.75 -4.19 -23.32
CA MET D 267 -32.03 -4.02 -21.90
C MET D 267 -32.62 -2.63 -21.74
N CYS D 268 -32.01 -1.67 -22.41
CA CYS D 268 -32.45 -0.28 -22.36
C CYS D 268 -33.87 -0.22 -22.94
N GLN D 269 -34.10 -0.96 -24.02
CA GLN D 269 -35.42 -0.99 -24.65
C GLN D 269 -36.45 -1.54 -23.66
N ILE D 270 -36.07 -2.60 -22.97
CA ILE D 270 -36.94 -3.24 -21.99
C ILE D 270 -37.29 -2.24 -20.90
N ALA D 271 -36.27 -1.51 -20.43
CA ALA D 271 -36.47 -0.53 -19.37
C ALA D 271 -37.48 0.53 -19.78
N PHE D 272 -37.26 1.16 -20.92
CA PHE D 272 -38.16 2.20 -21.39
C PHE D 272 -39.54 1.65 -21.71
N GLU D 273 -39.59 0.51 -22.39
CA GLU D 273 -40.87 -0.09 -22.72
C GLU D 273 -41.71 -0.33 -21.48
N HIS D 274 -41.08 -0.57 -20.34
CA HIS D 274 -41.83 -0.82 -19.12
C HIS D 274 -42.56 0.43 -18.62
N VAL D 275 -42.19 1.59 -19.14
CA VAL D 275 -42.86 2.83 -18.76
C VAL D 275 -43.58 3.41 -19.97
N GLY D 276 -43.77 2.57 -20.98
CA GLY D 276 -44.44 2.99 -22.19
C GLY D 276 -43.68 4.00 -23.03
N LEU D 277 -42.36 3.90 -23.02
CA LEU D 277 -41.54 4.82 -23.79
C LEU D 277 -40.66 4.13 -24.82
N ASP D 278 -40.25 4.89 -25.83
CA ASP D 278 -39.38 4.37 -26.87
C ASP D 278 -37.98 4.90 -26.55
N TYR D 279 -37.11 4.00 -26.11
CA TYR D 279 -35.76 4.36 -25.74
C TYR D 279 -35.05 5.20 -26.80
N ARG D 280 -35.35 4.94 -28.06
CA ARG D 280 -34.74 5.67 -29.16
C ARG D 280 -35.00 7.17 -29.12
N ASP D 281 -36.00 7.58 -28.35
CA ASP D 281 -36.31 9.00 -28.25
C ASP D 281 -35.50 9.69 -27.16
N PHE D 282 -34.77 8.90 -26.36
CA PHE D 282 -33.97 9.49 -25.29
C PHE D 282 -32.53 9.01 -25.26
N LEU D 283 -32.27 7.83 -25.83
CA LEU D 283 -30.92 7.29 -25.83
C LEU D 283 -29.95 8.05 -26.71
N LYS D 284 -28.87 8.54 -26.10
CA LYS D 284 -27.84 9.26 -26.81
C LYS D 284 -26.54 8.49 -26.58
N ILE D 285 -25.82 8.21 -27.66
CA ILE D 285 -24.55 7.50 -27.53
C ILE D 285 -23.48 8.53 -27.25
N ASP D 286 -22.83 8.40 -26.10
CA ASP D 286 -21.79 9.32 -25.68
C ASP D 286 -20.47 8.58 -25.54
N PRO D 287 -19.49 8.91 -26.40
CA PRO D 287 -18.19 8.26 -26.37
C PRO D 287 -17.50 8.32 -25.01
N ALA D 288 -17.93 9.27 -24.17
CA ALA D 288 -17.35 9.42 -22.84
C ALA D 288 -17.61 8.21 -21.96
N PHE D 289 -18.55 7.35 -22.37
CA PHE D 289 -18.84 6.16 -21.58
C PHE D 289 -18.27 4.89 -22.17
N PHE D 290 -17.52 5.00 -23.25
CA PHE D 290 -16.91 3.83 -23.85
C PHE D 290 -15.71 3.42 -23.01
N ARG D 291 -15.42 2.12 -23.00
CA ARG D 291 -14.34 1.56 -22.22
C ARG D 291 -13.07 1.44 -23.07
N PRO D 292 -11.89 1.63 -22.45
CA PRO D 292 -10.61 1.54 -23.16
C PRO D 292 -10.47 0.14 -23.81
N ALA D 293 -10.84 -0.88 -23.04
CA ALA D 293 -10.80 -2.26 -23.51
C ALA D 293 -12.15 -2.81 -23.10
N GLU D 294 -13.02 -2.98 -24.09
CA GLU D 294 -14.37 -3.45 -23.84
C GLU D 294 -14.51 -4.95 -23.72
N VAL D 295 -15.53 -5.36 -22.98
CA VAL D 295 -15.88 -6.75 -22.80
C VAL D 295 -17.19 -6.81 -23.59
N ASP D 296 -17.06 -7.21 -24.86
CA ASP D 296 -18.19 -7.26 -25.79
C ASP D 296 -19.35 -8.14 -25.38
N VAL D 297 -19.05 -9.33 -24.90
CA VAL D 297 -20.11 -10.24 -24.52
C VAL D 297 -19.73 -11.18 -23.40
N LEU D 298 -20.68 -11.38 -22.50
CA LEU D 298 -20.51 -12.29 -21.38
C LEU D 298 -21.76 -13.15 -21.39
N LEU D 299 -21.54 -14.46 -21.33
CA LEU D 299 -22.64 -15.42 -21.34
C LEU D 299 -22.17 -16.58 -20.48
N GLY D 300 -22.66 -16.63 -19.25
CA GLY D 300 -22.25 -17.68 -18.35
C GLY D 300 -22.96 -19.00 -18.50
N ASN D 301 -22.26 -20.04 -18.08
CA ASN D 301 -22.80 -21.38 -18.10
C ASN D 301 -22.70 -21.87 -16.66
N PRO D 302 -23.79 -21.73 -15.89
CA PRO D 302 -23.82 -22.14 -14.49
C PRO D 302 -24.22 -23.59 -14.25
N ALA D 303 -23.87 -24.47 -15.19
CA ALA D 303 -24.18 -25.89 -15.07
C ALA D 303 -23.62 -26.51 -13.80
N LYS D 304 -22.38 -26.15 -13.45
CA LYS D 304 -21.78 -26.69 -12.25
C LYS D 304 -22.54 -26.24 -11.01
N ALA D 305 -22.94 -24.97 -10.99
CA ALA D 305 -23.68 -24.45 -9.85
C ALA D 305 -25.02 -25.18 -9.75
N GLN D 306 -25.59 -25.49 -10.90
CA GLN D 306 -26.87 -26.18 -10.94
C GLN D 306 -26.69 -27.59 -10.39
N ARG D 307 -25.71 -28.30 -10.95
CA ARG D 307 -25.44 -29.67 -10.54
C ARG D 307 -24.96 -29.86 -9.12
N VAL D 308 -24.03 -29.03 -8.67
CA VAL D 308 -23.48 -29.16 -7.34
C VAL D 308 -24.19 -28.37 -6.27
N LEU D 309 -24.42 -27.10 -6.53
CA LEU D 309 -25.08 -26.24 -5.55
C LEU D 309 -26.60 -26.36 -5.62
N GLY D 310 -27.11 -26.90 -6.73
CA GLY D 310 -28.54 -27.01 -6.90
C GLY D 310 -29.10 -25.62 -7.11
N TRP D 311 -28.23 -24.72 -7.55
CA TRP D 311 -28.62 -23.34 -7.79
C TRP D 311 -28.97 -23.04 -9.24
N LYS D 312 -30.06 -22.31 -9.42
CA LYS D 312 -30.50 -21.90 -10.75
C LYS D 312 -31.03 -20.49 -10.59
N PRO D 313 -30.85 -19.64 -11.62
CA PRO D 313 -31.37 -18.28 -11.48
C PRO D 313 -32.88 -18.42 -11.63
N ARG D 314 -33.64 -17.51 -11.02
CA ARG D 314 -35.09 -17.59 -11.15
C ARG D 314 -35.67 -16.27 -11.66
N THR D 315 -34.87 -15.21 -11.57
CA THR D 315 -35.32 -13.90 -12.02
C THR D 315 -34.75 -13.60 -13.40
N SER D 316 -35.63 -13.43 -14.37
CA SER D 316 -35.23 -13.14 -15.75
C SER D 316 -34.89 -11.66 -15.86
N LEU D 317 -34.19 -11.30 -16.93
CA LEU D 317 -33.81 -9.92 -17.15
C LEU D 317 -35.03 -9.01 -17.13
N ASP D 318 -36.08 -9.43 -17.83
CA ASP D 318 -37.31 -8.66 -17.92
C ASP D 318 -37.89 -8.33 -16.54
N GLU D 319 -37.99 -9.34 -15.68
CA GLU D 319 -38.51 -9.12 -14.34
C GLU D 319 -37.53 -8.23 -13.57
N LEU D 320 -36.25 -8.48 -13.77
CA LEU D 320 -35.22 -7.71 -13.10
C LEU D 320 -35.35 -6.22 -13.44
N ILE D 321 -35.35 -5.92 -14.72
CA ILE D 321 -35.49 -4.55 -15.18
C ILE D 321 -36.79 -3.92 -14.69
N ARG D 322 -37.85 -4.72 -14.69
CA ARG D 322 -39.15 -4.23 -14.24
C ARG D 322 -39.08 -3.78 -12.78
N MET D 323 -38.52 -4.62 -11.92
CA MET D 323 -38.43 -4.25 -10.51
C MET D 323 -37.50 -3.07 -10.32
N MET D 324 -36.47 -2.98 -11.14
CA MET D 324 -35.52 -1.88 -11.03
C MET D 324 -36.18 -0.57 -11.47
N VAL D 325 -36.90 -0.62 -12.58
CA VAL D 325 -37.59 0.57 -13.08
C VAL D 325 -38.62 1.00 -12.05
N GLU D 326 -39.38 0.04 -11.54
CA GLU D 326 -40.40 0.33 -10.54
C GLU D 326 -39.77 0.96 -9.30
N ALA D 327 -38.61 0.44 -8.91
CA ALA D 327 -37.90 0.97 -7.75
C ALA D 327 -37.45 2.40 -7.99
N ASP D 328 -36.89 2.65 -9.17
CA ASP D 328 -36.41 3.98 -9.48
C ASP D 328 -37.54 4.99 -9.65
N LEU D 329 -38.69 4.54 -10.15
CA LEU D 329 -39.83 5.43 -10.31
C LEU D 329 -40.23 5.92 -8.93
N ARG D 330 -40.30 4.99 -7.99
CA ARG D 330 -40.67 5.32 -6.62
C ARG D 330 -39.67 6.31 -6.04
N ARG D 331 -38.38 6.04 -6.23
CA ARG D 331 -37.34 6.91 -5.71
C ARG D 331 -37.38 8.30 -6.33
N VAL D 332 -37.42 8.36 -7.66
CA VAL D 332 -37.46 9.62 -8.36
C VAL D 332 -38.68 10.44 -7.99
N SER D 333 -39.85 9.79 -7.96
CA SER D 333 -41.08 10.49 -7.61
C SER D 333 -41.03 10.98 -6.17
N ARG D 334 -40.22 10.31 -5.34
CA ARG D 334 -40.10 10.69 -3.94
C ARG D 334 -39.13 11.86 -3.75
N GLU D 335 -38.30 12.12 -4.76
CA GLU D 335 -37.35 13.22 -4.66
C GLU D 335 -38.10 14.55 -4.65
PA NDP E . -15.17 14.56 5.42
O1A NDP E . -14.83 13.25 6.04
O2A NDP E . -16.54 15.08 5.58
O5B NDP E . -14.96 14.47 3.85
C5B NDP E . -13.69 14.22 3.26
C4B NDP E . -13.71 12.86 2.64
O4B NDP E . -12.68 12.63 1.65
C3B NDP E . -14.94 12.50 1.84
O3B NDP E . -15.08 13.35 0.71
C2B NDP E . -14.45 11.14 1.37
O2B NDP E . -15.34 10.49 0.50
C1B NDP E . -13.09 11.56 0.80
N9A NDP E . -12.12 10.48 0.91
C8A NDP E . -11.89 9.67 2.00
N7A NDP E . -11.03 8.71 1.77
C5A NDP E . -10.68 8.90 0.44
C6A NDP E . -9.79 8.20 -0.41
N6A NDP E . -9.08 7.14 -0.03
N1A NDP E . -9.67 8.66 -1.68
C2A NDP E . -10.38 9.72 -2.05
N3A NDP E . -11.23 10.45 -1.35
C4A NDP E . -11.34 9.97 -0.10
O3 NDP E . -14.14 15.69 5.97
PN NDP E . -14.24 17.30 6.25
O1N NDP E . -15.07 17.19 7.52
O2N NDP E . -14.91 17.67 4.95
O5D NDP E . -12.75 17.56 6.39
C5D NDP E . -11.95 17.88 5.26
C4D NDP E . -10.52 17.57 5.56
O4D NDP E . -9.93 18.41 6.59
C3D NDP E . -10.14 16.15 5.95
O3D NDP E . -8.81 15.88 5.52
C2D NDP E . -10.21 16.23 7.47
O2D NDP E . -9.40 15.26 8.09
C1D NDP E . -9.63 17.61 7.72
N1N NDP E . -10.05 18.35 8.93
C2N NDP E . -11.33 18.34 9.40
C3N NDP E . -11.68 18.95 10.52
C7N NDP E . -12.99 19.20 10.77
O7N NDP E . -13.41 19.62 11.85
N7N NDP E . -13.82 19.00 9.75
C4N NDP E . -10.74 19.57 11.26
C5N NDP E . -9.49 19.73 10.77
C6N NDP E . -9.12 19.12 9.60
P2B NDP E . -16.11 9.34 1.00
O1X NDP E . -16.86 8.69 -0.16
O2X NDP E . -15.12 8.40 1.71
O3X NDP E . -16.99 10.14 1.94
PB GDP F . -12.66 15.19 16.91
O1B GDP F . -12.57 13.91 17.72
O2B GDP F . -12.44 16.50 17.64
O3B GDP F . -12.16 15.13 15.48
O3A GDP F . -14.27 15.27 16.63
PA GDP F . -15.59 14.46 17.13
O1A GDP F . -16.79 15.29 16.84
O2A GDP F . -15.52 13.07 16.60
O5' GDP F . -15.49 14.33 18.71
C5' GDP F . -15.34 15.49 19.54
C4' GDP F . -15.16 15.08 20.97
O4' GDP F . -16.39 14.67 21.65
C3' GDP F . -14.13 14.04 21.38
O3' GDP F . -13.39 14.33 22.54
C2' GDP F . -15.00 12.79 21.39
O2' GDP F . -14.43 11.72 22.13
C1' GDP F . -16.23 13.35 22.11
N9 GDP F . -17.47 12.62 21.93
C8 GDP F . -18.32 12.22 22.93
N7 GDP F . -19.25 11.40 22.53
C5 GDP F . -19.00 11.23 21.17
C6 GDP F . -19.68 10.46 20.19
O6 GDP F . -20.65 9.73 20.35
N1 GDP F . -19.10 10.61 18.94
C2 GDP F . -18.01 11.38 18.65
N2 GDP F . -17.62 11.41 17.37
N3 GDP F . -17.37 12.10 19.56
C4 GDP F . -17.91 11.98 20.78
PA NDP G . 20.07 -0.22 8.19
O1A NDP G . 19.55 0.52 7.01
O2A NDP G . 21.52 -0.56 8.25
O5B NDP G . 19.33 -1.62 8.32
C5B NDP G . 17.94 -1.72 8.56
C4B NDP G . 17.29 -2.27 7.34
O4B NDP G . 15.99 -2.88 7.59
C3B NDP G . 18.00 -3.44 6.67
O3B NDP G . 18.06 -4.55 7.56
C2B NDP G . 16.94 -3.72 5.64
O2B NDP G . 17.23 -4.83 4.84
C1B NDP G . 15.72 -3.82 6.55
N9A NDP G . 14.51 -3.37 5.85
C8A NDP G . 14.39 -2.28 5.03
N7A NDP G . 13.23 -2.20 4.41
C5A NDP G . 12.54 -3.31 4.88
C6A NDP G . 11.25 -3.81 4.62
N6A NDP G . 10.39 -3.20 3.79
N1A NDP G . 10.87 -4.94 5.24
C2A NDP G . 11.74 -5.54 6.07
N3A NDP G . 12.97 -5.17 6.40
C4A NDP G . 13.32 -4.04 5.76
O3 NDP G . 19.71 0.61 9.55
PN NDP G . 20.44 0.86 10.97
O1N NDP G . 21.56 1.73 10.46
O2N NDP G . 20.73 -0.62 11.25
O5D NDP G . 19.29 1.51 11.68
C5D NDP G . 18.34 0.74 12.39
C4D NDP G . 17.08 1.51 12.51
O4D NDP G . 17.17 2.67 13.39
C3D NDP G . 16.38 2.02 11.26
O3D NDP G . 14.98 2.07 11.51
C2D NDP G . 16.96 3.43 11.15
O2D NDP G . 16.11 4.28 10.42
C1D NDP G . 16.98 3.84 12.61
N1N NDP G . 17.99 4.83 13.05
C2N NDP G . 19.26 4.83 12.58
C3N NDP G . 20.15 5.75 12.93
C7N NDP G . 21.47 5.51 12.71
O7N NDP G . 22.35 6.36 12.81
N7N NDP G . 21.78 4.26 12.41
C4N NDP G . 19.78 6.76 13.74
C5N NDP G . 18.56 6.73 14.34
C6N NDP G . 17.65 5.77 14.00
P2B NDP G . 17.71 -4.62 3.46
O1X NDP G . 17.81 -5.96 2.74
O2X NDP G . 16.76 -3.62 2.80
O3X NDP G . 19.03 -4.02 3.86
PB GDP H . 21.73 11.52 8.48
O1B GDP H . 21.52 12.38 7.25
O2B GDP H . 22.24 12.24 9.73
O3B GDP H . 20.74 10.40 8.71
O3A GDP H . 23.02 10.63 8.04
PA GDP H . 24.09 10.65 6.80
O1A GDP H . 25.34 9.97 7.23
O2A GDP H . 23.40 10.20 5.57
O5' GDP H . 24.40 12.18 6.57
C5' GDP H . 24.97 12.98 7.59
C4' GDP H . 25.24 14.35 7.06
O4' GDP H . 26.40 14.42 6.16
C3' GDP H . 24.15 15.11 6.34
O3' GDP H . 24.00 16.48 6.66
C2' GDP H . 24.43 14.73 4.90
O2' GDP H . 23.76 15.64 4.04
C1' GDP H . 25.96 14.88 4.90
N9 GDP H . 26.80 14.26 3.87
C8 GDP H . 27.78 14.92 3.16
N7 GDP H . 28.20 14.26 2.11
C5 GDP H . 27.47 13.08 2.12
C6 GDP H . 27.48 11.99 1.22
O6 GDP H . 28.12 11.86 0.16
N1 GDP H . 26.62 10.99 1.64
C2 GDP H . 25.83 11.02 2.75
N2 GDP H . 25.07 9.91 2.99
N3 GDP H . 25.76 12.06 3.58
C4 GDP H . 26.61 13.05 3.21
PA NDP I . 16.07 -11.52 -8.86
O1A NDP I . 15.29 -11.81 -7.64
O2A NDP I . 17.43 -12.10 -8.99
O5B NDP I . 16.32 -9.95 -8.96
C5B NDP I . 15.26 -9.03 -9.16
C4B NDP I . 15.11 -8.22 -7.92
O4B NDP I . 14.41 -6.96 -8.12
C3B NDP I . 16.38 -7.73 -7.27
O3B NDP I . 17.08 -6.85 -8.14
C2B NDP I . 15.74 -6.89 -6.20
O2B NDP I . 16.65 -6.17 -5.43
C1B NDP I . 14.77 -6.07 -7.07
N9A NDP I . 13.56 -5.72 -6.34
C8A NDP I . 12.85 -6.53 -5.48
N7A NDP I . 11.89 -5.90 -4.85
C5A NDP I . 11.97 -4.60 -5.30
C6A NDP I . 11.23 -3.45 -5.01
N6A NDP I . 10.21 -3.42 -4.16
N1A NDP I . 11.58 -2.31 -5.64
C2A NDP I . 12.60 -2.34 -6.51
N3A NDP I . 13.38 -3.35 -6.86
C4A NDP I . 13.01 -4.47 -6.22
O3 NDP I . 15.25 -11.98 -10.18
PN NDP I . 15.65 -12.60 -11.62
O1N NDP I . 16.04 -13.98 -11.14
O2N NDP I . 16.74 -11.59 -11.94
O5D NDP I . 14.30 -12.42 -12.29
C5D NDP I . 13.98 -11.23 -13.00
C4D NDP I . 12.51 -11.09 -13.07
O4D NDP I . 11.84 -12.07 -13.90
C3D NDP I . 11.70 -11.06 -11.78
O3D NDP I . 10.52 -10.28 -11.98
C2D NDP I . 11.36 -12.54 -11.62
O2D NDP I . 10.21 -12.73 -10.81
C1D NDP I . 11.05 -12.91 -13.07
N1N NDP I . 11.24 -14.30 -13.52
C2N NDP I . 12.27 -15.07 -13.11
C3N NDP I . 12.46 -16.32 -13.52
C7N NDP I . 13.66 -16.92 -13.35
O7N NDP I . 13.85 -18.13 -13.48
N7N NDP I . 14.67 -16.11 -13.04
C4N NDP I . 11.55 -16.88 -14.34
C5N NDP I . 10.52 -16.13 -14.84
C6N NDP I . 10.35 -14.84 -14.43
P2B NDP I . 16.93 -6.60 -4.05
O1X NDP I . 17.82 -5.55 -3.39
O2X NDP I . 15.59 -6.82 -3.36
O3X NDP I . 17.65 -7.88 -4.42
PB GDP J . 10.51 -22.05 -8.99
O1B GDP J . 9.91 -22.66 -7.75
O2B GDP J . 10.45 -22.88 -10.27
O3B GDP J . 10.35 -20.54 -9.16
O3A GDP J . 12.09 -22.09 -8.60
PA GDP J . 12.98 -22.75 -7.41
O1A GDP J . 14.39 -22.88 -7.89
O2A GDP J . 12.71 -22.02 -6.17
O5' GDP J . 12.37 -24.20 -7.20
C5' GDP J . 12.18 -25.07 -8.29
C4' GDP J . 11.65 -26.37 -7.80
O4' GDP J . 12.62 -27.02 -6.91
C3' GDP J . 10.35 -26.37 -6.98
O3' GDP J . 9.32 -27.30 -7.27
C2' GDP J . 10.87 -26.22 -5.56
O2' GDP J . 9.91 -26.58 -4.59
C1' GDP J . 12.02 -27.22 -5.63
N9 GDP J . 13.06 -27.23 -4.62
C8 GDP J . 13.50 -28.34 -3.91
N7 GDP J . 14.27 -28.03 -2.90
C5 GDP J . 14.37 -26.65 -2.95
C6 GDP J . 15.08 -25.74 -2.12
O6 GDP J . 15.80 -25.99 -1.12
N1 GDP J . 14.89 -24.43 -2.52
C2 GDP J . 14.11 -24.03 -3.59
N2 GDP J . 14.05 -22.71 -3.83
N3 GDP J . 13.46 -24.86 -4.36
C4 GDP J . 13.63 -26.14 -4.00
PA NDP K . -20.98 -2.72 -4.74
O1A NDP K . -20.03 -1.84 -5.47
O2A NDP K . -22.43 -2.41 -4.80
O5B NDP K . -20.66 -2.72 -3.19
C5B NDP K . -19.48 -3.30 -2.66
C4B NDP K . -18.64 -2.22 -2.05
O4B NDP K . -17.73 -2.68 -1.03
C3B NDP K . -19.41 -1.18 -1.28
O3B NDP K . -20.08 -1.78 -0.17
C2B NDP K . -18.23 -0.42 -0.77
O2B NDP K . -18.55 0.62 0.10
C1B NDP K . -17.40 -1.58 -0.18
N9A NDP K . -15.98 -1.30 -0.33
C8A NDP K . -15.34 -0.78 -1.42
N7A NDP K . -14.08 -0.53 -1.23
C5A NDP K . -13.86 -0.91 0.09
C6A NDP K . -12.71 -0.91 0.89
N6A NDP K . -11.52 -0.48 0.48
N1A NDP K . -12.84 -1.38 2.16
C2A NDP K . -14.04 -1.81 2.57
N3A NDP K . -15.18 -1.86 1.91
C4A NDP K . -15.02 -1.39 0.65
O3 NDP K . -20.81 -4.24 -5.28
PN NDP K . -21.81 -5.50 -5.53
O1N NDP K . -22.50 -4.94 -6.76
O2N NDP K . -22.53 -5.43 -4.20
O5D NDP K . -20.75 -6.55 -5.72
C5D NDP K . -20.30 -7.35 -4.65
C4D NDP K . -18.98 -7.94 -5.00
O4D NDP K . -19.05 -8.92 -6.07
C3D NDP K . -17.85 -7.00 -5.40
O3D NDP K . -16.59 -7.58 -5.03
C2D NDP K . -18.01 -6.96 -6.92
O2D NDP K . -16.80 -6.60 -7.56
C1D NDP K . -18.35 -8.42 -7.20
N1N NDP K . -19.13 -8.76 -8.39
C2N NDP K . -20.18 -8.02 -8.83
C3N NDP K . -20.88 -8.31 -9.93
C7N NDP K . -22.08 -7.76 -10.13
O7N NDP K . -22.70 -7.83 -11.19
N7N NDP K . -22.63 -7.16 -9.08
C4N NDP K . -20.49 -9.36 -10.69
C5N NDP K . -19.54 -10.23 -10.21
C6N NDP K . -18.85 -9.93 -9.07
P2B NDP K . -18.51 2.01 -0.39
O1X NDP K . -18.79 2.96 0.77
O2X NDP K . -17.16 2.20 -1.06
O3X NDP K . -19.65 1.87 -1.37
PB GDP L . -19.66 -4.67 -16.36
O1B GDP L . -18.87 -3.68 -17.20
O2B GDP L . -20.29 -5.84 -17.09
O3B GDP L . -19.12 -4.93 -14.95
O3A GDP L . -20.95 -3.74 -15.98
PA GDP L . -21.51 -2.28 -16.41
O1A GDP L . -22.96 -2.21 -16.09
O2A GDP L . -20.61 -1.25 -15.88
O5' GDP L . -21.34 -2.26 -17.98
C5' GDP L . -21.95 -3.25 -18.79
C4' GDP L . -21.73 -2.94 -20.23
O4' GDP L . -22.51 -1.81 -20.72
C3' GDP L . -20.32 -2.68 -20.75
O3' GDP L . -19.91 -3.28 -21.96
C2' GDP L . -20.25 -1.16 -20.61
O2' GDP L . -19.19 -0.64 -21.39
C1' GDP L . -21.62 -0.80 -21.17
N9 GDP L . -22.24 0.52 -20.92
C8 GDP L . -22.76 1.35 -21.88
N7 GDP L . -23.03 2.55 -21.43
C5 GDP L . -22.67 2.50 -20.09
C6 GDP L . -22.73 3.50 -19.09
O6 GDP L . -23.09 4.69 -19.20
N1 GDP L . -22.28 3.02 -17.87
C2 GDP L . -21.83 1.74 -17.63
N2 GDP L . -21.44 1.45 -16.36
N3 GDP L . -21.75 0.81 -18.55
C4 GDP L . -22.19 1.25 -19.75
#